data_3LN1
#
_entry.id   3LN1
#
_cell.length_a   180.942
_cell.length_b   135.377
_cell.length_c   124.079
_cell.angle_alpha   90.00
_cell.angle_beta   90.00
_cell.angle_gamma   90.00
#
_symmetry.space_group_name_H-M   'P 21 21 2'
#
loop_
_entity.id
_entity.type
_entity.pdbx_description
1 polymer 'Prostaglandin G/H synthase 2'
2 branched 2-acetamido-2-deoxy-beta-D-glucopyranose-(1-4)-2-acetamido-2-deoxy-beta-D-glucopyranose-(1-4)-2-acetamido-2-deoxy-beta-D-glucopyranose
3 non-polymer 2-acetamido-2-deoxy-beta-D-glucopyranose
4 non-polymer 'PROTOPORPHYRIN IX CONTAINING FE'
5 non-polymer 4-[5-(4-METHYLPHENYL)-3-(TRIFLUOROMETHYL)-1H-PYRAZOL-1-YL]BENZENESULFONAMIDE
6 non-polymer 'octyl beta-D-glucopyranoside'
7 water water
#
_entity_poly.entity_id   1
_entity_poly.type   'polypeptide(L)'
_entity_poly.pdbx_seq_one_letter_code
;ANPCCSNPCQNRGECMSTGFDQYKCDCTRTGFYGENCTTPEFLTRIKLLLKPTPNTVHYILTHFKGVWNIVNNIPFLRSL
IMKYVLTSRSYLIDSPPTYNVHYGYKSWEAFSNLSYYTRALPPVADDCPTPMGVKGNKELPDSKEVLEKVLLRREFIPDP
QGSNMMFAFFAQHFTHQFFKTDHKRGPGFTRGLGHGVDLNHIYGETLDRQHKLRLFKDGKLKYQVIGGEVYPPTVKDTQV
EMIYPPHIPENLQFAVGQEVFGLVPGLMMYATIWLREHNRVCDILKQEHPEWGDEQLFQTSRLILIGETIKIVIEDYVQH
LSGYHFKLKFDPELLFNQQFQYQNRIASEFNTLYHWHPLLPDTFNIEDQEYSFKQFLYNNSILLEHGLTQFVESFTRQIA
GRVAGGRNVPIAVQAVAKASIDQSREMKYQSLNEYRKRFSLKPYTSFEELTGEKEMAAELKALYSDIDVMELYPALLVEK
PRPDAIFGETMVELGAPFSLKGLMGNPICSPQYWKPSTFGGEVGFKIINTASIQSLICNNVKGCPFTSFNVQDPQPTKTA
TINASASHSRLDDINPTVLIKRRSTEL
;
_entity_poly.pdbx_strand_id   A,B,C,D
#
loop_
_chem_comp.id
_chem_comp.type
_chem_comp.name
_chem_comp.formula
BOG D-saccharide 'octyl beta-D-glucopyranoside' 'C14 H28 O6'
CEL non-polymer 4-[5-(4-METHYLPHENYL)-3-(TRIFLUOROMETHYL)-1H-PYRAZOL-1-YL]BENZENESULFONAMIDE 'C17 H14 F3 N3 O2 S'
HEM non-polymer 'PROTOPORPHYRIN IX CONTAINING FE' 'C34 H32 Fe N4 O4'
NAG D-saccharide, beta linking 2-acetamido-2-deoxy-beta-D-glucopyranose 'C8 H15 N O6'
#
# COMPACT_ATOMS: atom_id res chain seq x y z
N ALA A 1 21.84 -17.93 -9.42
CA ALA A 1 21.30 -17.38 -10.70
C ALA A 1 22.28 -16.35 -11.24
N ASN A 2 22.51 -15.33 -10.43
CA ASN A 2 23.46 -14.27 -10.75
C ASN A 2 24.85 -14.86 -10.92
N PRO A 3 25.47 -14.66 -12.09
CA PRO A 3 26.86 -15.08 -12.35
C PRO A 3 27.85 -14.50 -11.36
N CYS A 4 27.52 -13.31 -10.84
CA CYS A 4 28.39 -12.54 -9.91
C CYS A 4 28.33 -13.04 -8.47
N CYS A 5 27.58 -14.11 -8.26
CA CYS A 5 27.35 -14.67 -6.93
C CYS A 5 28.58 -15.28 -6.29
N SER A 6 29.50 -15.79 -7.10
CA SER A 6 30.65 -16.49 -6.55
C SER A 6 31.72 -15.51 -6.09
N ASN A 7 31.53 -14.22 -6.40
CA ASN A 7 32.47 -13.14 -6.05
C ASN A 7 33.74 -13.29 -6.85
N PRO A 8 33.58 -13.59 -8.14
CA PRO A 8 34.66 -14.01 -9.03
C PRO A 8 35.79 -13.01 -9.11
N CYS A 9 35.45 -11.72 -9.03
CA CYS A 9 36.43 -10.66 -9.28
C CYS A 9 37.26 -10.39 -8.06
N GLN A 10 38.57 -10.31 -8.26
CA GLN A 10 39.54 -10.12 -7.18
C GLN A 10 40.12 -8.71 -7.20
N ASN A 11 40.89 -8.42 -6.16
CA ASN A 11 41.60 -7.15 -6.01
C ASN A 11 40.78 -5.90 -6.27
N ARG A 12 39.49 -5.99 -5.93
CA ARG A 12 38.55 -4.87 -5.95
C ARG A 12 37.97 -4.60 -7.33
N GLY A 13 38.17 -5.51 -8.25
CA GLY A 13 37.44 -5.48 -9.51
C GLY A 13 35.95 -5.58 -9.26
N GLU A 14 35.18 -4.92 -10.11
CA GLU A 14 33.74 -4.97 -9.97
C GLU A 14 33.10 -5.96 -10.91
N CYS A 15 32.20 -6.76 -10.33
CA CYS A 15 31.55 -7.79 -11.09
C CYS A 15 30.26 -7.24 -11.67
N MET A 16 30.10 -7.45 -12.97
CA MET A 16 28.92 -7.04 -13.71
C MET A 16 28.47 -8.20 -14.58
N SER A 17 27.16 -8.46 -14.57
CA SER A 17 26.59 -9.53 -15.36
C SER A 17 26.42 -9.13 -16.80
N THR A 18 26.94 -9.93 -17.71
CA THR A 18 26.78 -9.65 -19.14
C THR A 18 25.97 -10.73 -19.84
N GLY A 19 24.70 -10.88 -19.51
CA GLY A 19 23.91 -12.04 -19.95
C GLY A 19 23.63 -12.93 -18.75
N PHE A 20 22.64 -13.82 -18.86
CA PHE A 20 22.14 -14.59 -17.72
C PHE A 20 23.22 -15.44 -17.07
N ASP A 21 24.23 -15.81 -17.85
CA ASP A 21 25.17 -16.83 -17.43
C ASP A 21 26.61 -16.37 -17.50
N GLN A 22 26.86 -15.18 -18.05
CA GLN A 22 28.23 -14.66 -18.09
C GLN A 22 28.39 -13.41 -17.25
N TYR A 23 29.64 -13.09 -16.97
CA TYR A 23 29.97 -11.94 -16.18
C TYR A 23 31.23 -11.31 -16.70
N LYS A 24 31.50 -10.10 -16.24
CA LYS A 24 32.70 -9.42 -16.60
C LYS A 24 33.20 -8.60 -15.41
N CYS A 25 34.51 -8.54 -15.27
CA CYS A 25 35.12 -7.75 -14.22
C CYS A 25 35.67 -6.46 -14.76
N ASP A 26 35.35 -5.36 -14.09
CA ASP A 26 35.96 -4.09 -14.42
C ASP A 26 37.15 -3.88 -13.51
N CYS A 27 38.34 -3.84 -14.09
CA CYS A 27 39.57 -3.82 -13.30
C CYS A 27 40.17 -2.43 -13.27
N THR A 28 39.49 -1.47 -13.89
CA THR A 28 39.95 -0.09 -13.88
C THR A 28 40.62 0.27 -12.56
N ARG A 29 41.88 0.67 -12.65
CA ARG A 29 42.60 1.25 -11.54
C ARG A 29 42.83 0.31 -10.36
N THR A 30 42.58 -0.98 -10.56
CA THR A 30 42.85 -1.95 -9.51
C THR A 30 44.32 -2.32 -9.43
N GLY A 31 45.04 -2.17 -10.54
CA GLY A 31 46.43 -2.61 -10.57
C GLY A 31 46.59 -4.00 -11.16
N PHE A 32 45.48 -4.63 -11.52
CA PHE A 32 45.49 -5.96 -12.11
C PHE A 32 44.65 -6.00 -13.36
N TYR A 33 44.88 -7.01 -14.20
CA TYR A 33 44.03 -7.27 -15.35
C TYR A 33 43.73 -8.76 -15.44
N GLY A 34 43.05 -9.17 -16.51
CA GLY A 34 42.62 -10.56 -16.68
C GLY A 34 41.14 -10.75 -16.44
N GLU A 35 40.60 -11.91 -16.76
CA GLU A 35 39.16 -12.13 -16.65
C GLU A 35 38.65 -11.80 -15.24
N ASN A 36 39.50 -11.97 -14.23
CA ASN A 36 39.12 -11.90 -12.82
C ASN A 36 39.97 -10.89 -12.03
N CYS A 37 40.67 -10.03 -12.74
CA CYS A 37 41.56 -9.05 -12.12
C CYS A 37 42.56 -9.70 -11.16
N THR A 38 43.21 -10.78 -11.61
CA THR A 38 44.18 -11.52 -10.79
C THR A 38 45.62 -11.45 -11.29
N THR A 39 45.80 -10.98 -12.52
CA THR A 39 47.13 -10.82 -13.07
C THR A 39 47.62 -9.41 -12.77
N PRO A 40 48.71 -9.28 -12.00
CA PRO A 40 49.26 -7.99 -11.61
C PRO A 40 50.00 -7.27 -12.73
N GLU A 41 49.93 -5.95 -12.73
CA GLU A 41 50.72 -5.15 -13.63
C GLU A 41 52.11 -5.04 -13.05
N PHE A 42 53.09 -4.84 -13.92
CA PHE A 42 54.48 -4.80 -13.49
C PHE A 42 54.65 -3.91 -12.25
N LEU A 43 54.21 -2.66 -12.33
CA LEU A 43 54.38 -1.76 -11.19
C LEU A 43 53.73 -2.34 -9.93
N THR A 44 52.68 -3.14 -10.11
CA THR A 44 51.94 -3.71 -8.99
C THR A 44 52.74 -4.79 -8.29
N ARG A 45 53.59 -5.50 -9.04
CA ARG A 45 54.38 -6.61 -8.47
C ARG A 45 55.47 -6.10 -7.56
N ILE A 46 56.08 -4.98 -7.94
CA ILE A 46 57.06 -4.33 -7.08
C ILE A 46 56.41 -4.08 -5.74
N LYS A 47 55.31 -3.34 -5.79
CA LYS A 47 54.56 -2.94 -4.59
C LYS A 47 54.21 -4.16 -3.75
N LEU A 48 53.77 -5.22 -4.41
CA LEU A 48 53.39 -6.43 -3.69
C LEU A 48 54.57 -7.16 -3.03
N LEU A 49 55.81 -6.81 -3.42
CA LEU A 49 57.01 -7.40 -2.81
C LEU A 49 57.65 -6.46 -1.78
N LEU A 50 57.46 -5.15 -1.96
CA LEU A 50 57.99 -4.15 -1.02
C LEU A 50 56.93 -3.76 0.03
N LYS A 51 55.91 -4.60 0.16
CA LYS A 51 54.82 -4.33 1.11
C LYS A 51 54.86 -5.31 2.27
N PRO A 52 55.17 -4.81 3.47
CA PRO A 52 55.18 -5.65 4.66
C PRO A 52 53.77 -6.03 5.04
N THR A 53 53.59 -7.20 5.66
CA THR A 53 52.29 -7.59 6.15
C THR A 53 51.89 -6.73 7.34
N PRO A 54 50.57 -6.62 7.59
CA PRO A 54 50.11 -5.80 8.71
C PRO A 54 50.68 -6.31 10.01
N ASN A 55 50.83 -7.63 10.11
CA ASN A 55 51.36 -8.26 11.32
C ASN A 55 52.84 -7.90 11.55
N THR A 56 53.58 -7.68 10.46
CA THR A 56 54.95 -7.16 10.55
C THR A 56 54.93 -5.72 11.07
N VAL A 57 54.15 -4.89 10.39
CA VAL A 57 54.07 -3.48 10.74
C VAL A 57 53.65 -3.32 12.21
N HIS A 58 52.64 -4.06 12.65
CA HIS A 58 52.20 -3.98 14.04
C HIS A 58 53.35 -4.30 14.98
N TYR A 59 54.12 -5.31 14.60
CA TYR A 59 55.26 -5.74 15.40
C TYR A 59 56.25 -4.58 15.57
N ILE A 60 56.47 -3.83 14.49
CA ILE A 60 57.42 -2.72 14.55
C ILE A 60 56.88 -1.55 15.38
N LEU A 61 55.56 -1.38 15.37
CA LEU A 61 54.92 -0.30 16.14
C LEU A 61 54.92 -0.61 17.64
N THR A 62 55.04 -1.89 17.98
CA THR A 62 54.89 -2.32 19.37
C THR A 62 56.18 -2.87 19.95
N HIS A 63 57.28 -2.68 19.23
CA HIS A 63 58.59 -2.97 19.77
C HIS A 63 59.56 -1.78 19.60
N PHE A 64 60.84 -2.02 19.85
CA PHE A 64 61.86 -0.99 19.76
C PHE A 64 61.47 0.26 20.55
N LYS A 65 60.99 0.02 21.77
CA LYS A 65 60.50 1.10 22.63
C LYS A 65 61.48 2.25 22.70
N GLY A 66 62.78 1.94 22.65
CA GLY A 66 63.83 2.95 22.73
C GLY A 66 63.84 3.89 21.53
N VAL A 67 63.73 3.31 20.33
CA VAL A 67 63.71 4.10 19.10
C VAL A 67 62.49 5.03 19.05
N TRP A 68 61.32 4.49 19.34
CA TRP A 68 60.09 5.27 19.30
C TRP A 68 60.19 6.42 20.29
N ASN A 69 60.88 6.16 21.39
CA ASN A 69 61.06 7.17 22.40
C ASN A 69 61.77 8.39 21.83
N ILE A 70 62.68 8.16 20.89
CA ILE A 70 63.43 9.23 20.21
C ILE A 70 62.57 9.89 19.16
N VAL A 71 61.88 9.06 18.36
CA VAL A 71 60.99 9.57 17.32
C VAL A 71 59.87 10.43 17.90
N ASN A 72 59.31 9.98 19.02
CA ASN A 72 58.24 10.73 19.65
C ASN A 72 58.65 12.11 20.07
N ASN A 73 59.95 12.37 20.12
CA ASN A 73 60.46 13.66 20.63
C ASN A 73 61.10 14.53 19.55
N ILE A 74 61.07 14.04 18.31
CA ILE A 74 61.48 14.82 17.15
C ILE A 74 60.24 15.19 16.34
N PRO A 75 59.64 16.35 16.66
CA PRO A 75 58.34 16.76 16.12
C PRO A 75 58.15 16.54 14.63
N PHE A 76 59.20 16.71 13.85
CA PHE A 76 59.09 16.54 12.41
C PHE A 76 59.02 15.06 11.98
N LEU A 77 59.60 14.17 12.79
CA LEU A 77 59.52 12.74 12.53
C LEU A 77 58.16 12.20 12.99
N ARG A 78 57.77 12.62 14.19
CA ARG A 78 56.47 12.25 14.68
C ARG A 78 55.41 12.65 13.65
N SER A 79 55.58 13.83 13.06
CA SER A 79 54.63 14.31 12.06
C SER A 79 54.67 13.45 10.78
N LEU A 80 55.87 13.09 10.35
CA LEU A 80 56.04 12.28 9.14
C LEU A 80 55.42 10.88 9.30
N ILE A 81 55.49 10.34 10.53
CA ILE A 81 54.99 8.99 10.82
C ILE A 81 53.45 8.95 10.89
N MET A 82 52.87 9.92 11.60
CA MET A 82 51.43 10.00 11.78
C MET A 82 50.79 10.22 10.43
N LYS A 83 51.46 11.00 9.61
CA LYS A 83 50.98 11.31 8.26
C LYS A 83 50.90 10.03 7.48
N TYR A 84 51.84 9.14 7.71
CA TYR A 84 51.84 7.87 7.00
C TYR A 84 50.72 6.99 7.53
N VAL A 85 50.49 7.01 8.85
CA VAL A 85 49.47 6.14 9.42
C VAL A 85 48.12 6.60 8.93
N LEU A 86 47.98 7.92 8.81
CA LEU A 86 46.74 8.52 8.30
C LEU A 86 46.49 8.08 6.85
N THR A 87 47.47 8.33 5.99
CA THR A 87 47.27 8.18 4.55
C THR A 87 47.33 6.73 4.04
N SER A 88 48.10 5.87 4.70
CA SER A 88 48.29 4.51 4.19
C SER A 88 46.96 3.79 4.10
N ARG A 89 46.09 4.13 5.02
CA ARG A 89 44.79 3.48 5.14
C ARG A 89 43.73 4.04 4.18
N SER A 90 43.85 5.32 3.84
CA SER A 90 42.81 6.04 3.10
C SER A 90 42.21 5.25 1.97
N TYR A 91 43.09 4.63 1.18
CA TYR A 91 42.70 3.96 -0.04
C TYR A 91 41.76 2.79 0.20
N LEU A 92 41.54 2.43 1.47
CA LEU A 92 40.72 1.24 1.78
C LEU A 92 39.23 1.58 1.90
N ILE A 93 38.89 2.85 1.87
CA ILE A 93 37.49 3.25 2.05
C ILE A 93 36.99 3.97 0.82
N ASP A 94 35.81 3.56 0.34
CA ASP A 94 35.18 4.24 -0.78
C ASP A 94 34.59 5.57 -0.30
N SER A 95 35.01 6.65 -0.91
CA SER A 95 34.52 7.95 -0.51
C SER A 95 34.64 8.85 -1.71
N PRO A 96 33.51 9.28 -2.27
CA PRO A 96 32.13 9.03 -1.84
C PRO A 96 31.81 7.55 -1.66
N PRO A 97 30.85 7.25 -0.77
CA PRO A 97 30.39 5.90 -0.50
C PRO A 97 29.70 5.27 -1.71
N THR A 98 29.60 3.96 -1.68
CA THR A 98 29.06 3.25 -2.82
C THR A 98 27.83 2.42 -2.45
N TYR A 99 28.03 1.25 -1.89
CA TYR A 99 26.94 0.31 -1.80
C TYR A 99 26.15 0.46 -0.51
N ASN A 100 25.02 -0.25 -0.42
CA ASN A 100 24.31 -0.44 0.87
C ASN A 100 23.47 -1.72 0.87
N VAL A 101 22.74 -1.97 1.96
CA VAL A 101 22.03 -3.24 2.11
C VAL A 101 21.15 -3.62 0.91
N HIS A 102 20.64 -2.63 0.17
CA HIS A 102 19.73 -2.88 -0.96
C HIS A 102 20.36 -2.75 -2.34
N TYR A 103 21.60 -2.28 -2.42
CA TYR A 103 22.23 -2.01 -3.70
C TYR A 103 23.62 -2.63 -3.80
N GLY A 104 23.75 -3.57 -4.73
CA GLY A 104 25.01 -4.30 -4.96
C GLY A 104 25.73 -3.73 -6.16
N TYR A 105 25.16 -2.66 -6.69
CA TYR A 105 25.76 -1.91 -7.78
C TYR A 105 25.51 -0.46 -7.42
N LYS A 106 26.40 0.43 -7.83
CA LYS A 106 26.22 1.85 -7.53
C LYS A 106 24.97 2.39 -8.16
N SER A 107 24.26 3.19 -7.37
CA SER A 107 23.05 3.85 -7.85
C SER A 107 23.00 5.20 -7.16
N TRP A 108 22.20 6.10 -7.70
CA TRP A 108 22.03 7.40 -7.09
C TRP A 108 21.28 7.28 -5.77
N GLU A 109 20.43 6.26 -5.70
CA GLU A 109 19.69 6.03 -4.48
C GLU A 109 20.73 5.68 -3.40
N ALA A 110 21.67 4.80 -3.73
CA ALA A 110 22.62 4.34 -2.74
C ALA A 110 23.46 5.50 -2.27
N PHE A 111 23.96 6.27 -3.24
CA PHE A 111 24.72 7.43 -2.88
C PHE A 111 23.91 8.46 -2.09
N SER A 112 22.68 8.76 -2.50
CA SER A 112 22.00 9.95 -1.94
C SER A 112 21.24 9.71 -0.65
N ASN A 113 20.83 8.48 -0.36
CA ASN A 113 19.94 8.23 0.77
C ASN A 113 20.72 8.11 2.05
N LEU A 114 20.59 9.14 2.87
CA LEU A 114 21.40 9.28 4.06
C LEU A 114 20.96 8.39 5.23
N SER A 115 19.83 7.71 5.07
CA SER A 115 19.27 6.84 6.11
C SER A 115 19.90 5.46 6.16
N TYR A 116 20.70 5.14 5.14
CA TYR A 116 21.33 3.84 5.03
C TYR A 116 22.73 3.88 5.69
N TYR A 117 23.10 2.80 6.37
CA TYR A 117 24.49 2.59 6.58
C TYR A 117 25.07 2.21 5.20
N THR A 118 26.27 2.67 4.90
CA THR A 118 26.90 2.27 3.65
C THR A 118 27.49 0.90 3.86
N ARG A 119 28.04 0.33 2.79
CA ARG A 119 28.61 -0.99 2.84
C ARG A 119 30.03 -1.06 2.21
N ALA A 120 30.97 -1.66 2.92
CA ALA A 120 32.33 -1.81 2.41
C ALA A 120 32.39 -2.89 1.31
N LEU A 121 31.53 -3.89 1.46
CA LEU A 121 31.32 -4.90 0.43
C LEU A 121 29.84 -5.01 0.15
N PRO A 122 29.49 -5.18 -1.13
CA PRO A 122 28.10 -5.29 -1.52
C PRO A 122 27.46 -6.54 -0.97
N PRO A 123 26.16 -6.48 -0.70
CA PRO A 123 25.45 -7.67 -0.27
C PRO A 123 25.55 -8.79 -1.30
N VAL A 124 25.37 -10.01 -0.83
CA VAL A 124 25.15 -11.16 -1.68
C VAL A 124 23.75 -11.04 -2.29
N ALA A 125 23.69 -11.11 -3.62
CA ALA A 125 22.43 -10.97 -4.35
C ALA A 125 21.35 -11.88 -3.78
N ASP A 126 20.12 -11.40 -3.84
CA ASP A 126 19.03 -12.14 -3.25
C ASP A 126 18.82 -13.50 -3.89
N ASP A 127 19.27 -13.67 -5.13
CA ASP A 127 18.98 -14.93 -5.82
C ASP A 127 20.23 -15.78 -6.01
N CYS A 128 21.20 -15.60 -5.13
CA CYS A 128 22.32 -16.51 -5.10
C CYS A 128 21.87 -17.80 -4.39
N PRO A 129 22.45 -18.95 -4.79
CA PRO A 129 22.00 -20.23 -4.25
C PRO A 129 22.34 -20.44 -2.77
N THR A 130 23.35 -19.75 -2.26
CA THR A 130 23.71 -19.87 -0.85
C THR A 130 23.87 -18.52 -0.18
N PRO A 131 23.86 -18.51 1.14
CA PRO A 131 23.93 -17.26 1.87
C PRO A 131 25.22 -16.53 1.63
N MET A 132 26.32 -17.27 1.46
CA MET A 132 27.63 -16.67 1.25
C MET A 132 27.94 -16.48 -0.23
N GLY A 133 26.98 -16.84 -1.08
CA GLY A 133 27.15 -16.77 -2.54
C GLY A 133 26.87 -18.10 -3.23
N VAL A 134 27.92 -18.88 -3.50
CA VAL A 134 27.78 -20.23 -4.04
C VAL A 134 28.33 -21.31 -3.10
N LYS A 135 29.15 -20.90 -2.12
CA LYS A 135 29.80 -21.85 -1.21
C LYS A 135 28.93 -22.11 -0.01
N GLY A 136 29.15 -23.25 0.65
CA GLY A 136 28.42 -23.61 1.86
C GLY A 136 27.10 -24.30 1.63
N ASN A 137 26.29 -24.42 2.69
CA ASN A 137 25.01 -25.11 2.61
C ASN A 137 23.89 -24.09 2.45
N LYS A 138 22.70 -24.56 2.11
CA LYS A 138 21.56 -23.69 1.81
C LYS A 138 21.29 -22.72 2.94
N GLU A 139 21.74 -23.08 4.13
CA GLU A 139 21.62 -22.21 5.29
C GLU A 139 22.87 -22.27 6.17
N LEU A 140 23.14 -21.15 6.81
CA LEU A 140 24.23 -21.07 7.74
C LEU A 140 23.87 -21.85 8.99
N PRO A 141 24.87 -22.21 9.79
CA PRO A 141 24.67 -22.88 11.06
C PRO A 141 23.78 -22.12 12.02
N ASP A 142 23.00 -22.89 12.79
CA ASP A 142 22.21 -22.36 13.86
C ASP A 142 22.98 -21.26 14.57
N SER A 143 22.43 -20.06 14.57
CA SER A 143 23.16 -18.93 15.18
C SER A 143 23.34 -19.17 16.70
N LYS A 144 22.34 -19.77 17.32
CA LYS A 144 22.38 -20.12 18.73
C LYS A 144 23.52 -21.09 19.00
N GLU A 145 23.74 -22.00 18.08
CA GLU A 145 24.78 -23.00 18.26
C GLU A 145 26.15 -22.36 18.29
N VAL A 146 26.34 -21.37 17.44
CA VAL A 146 27.62 -20.68 17.30
C VAL A 146 27.81 -19.83 18.55
N LEU A 147 26.71 -19.18 18.94
CA LEU A 147 26.68 -18.36 20.13
C LEU A 147 27.21 -19.16 21.30
N GLU A 148 26.53 -20.27 21.55
CA GLU A 148 26.80 -21.06 22.74
C GLU A 148 28.14 -21.74 22.67
N LYS A 149 28.54 -22.17 21.49
CA LYS A 149 29.73 -23.01 21.40
C LYS A 149 31.03 -22.21 21.49
N VAL A 150 31.10 -21.06 20.83
CA VAL A 150 32.36 -20.33 20.80
C VAL A 150 32.25 -18.89 21.23
N LEU A 151 31.07 -18.40 21.55
CA LEU A 151 30.94 -16.99 21.96
C LEU A 151 30.68 -16.72 23.46
N LEU A 152 29.88 -17.56 24.10
CA LEU A 152 29.51 -17.33 25.50
C LEU A 152 30.65 -17.55 26.49
N ARG A 153 30.71 -16.64 27.46
CA ARG A 153 31.75 -16.63 28.48
C ARG A 153 31.54 -17.73 29.48
N ARG A 154 32.56 -18.57 29.68
CA ARG A 154 32.57 -19.48 30.83
C ARG A 154 33.23 -18.72 31.97
N GLU A 155 34.51 -18.49 31.83
CA GLU A 155 35.21 -17.70 32.80
C GLU A 155 35.54 -16.34 32.20
N PHE A 156 35.53 -15.31 33.05
CA PHE A 156 35.85 -13.97 32.60
C PHE A 156 37.30 -13.92 32.12
N ILE A 157 37.52 -13.51 30.89
CA ILE A 157 38.86 -13.42 30.37
C ILE A 157 39.25 -11.94 30.30
N PRO A 158 40.19 -11.53 31.14
CA PRO A 158 40.48 -10.11 31.18
C PRO A 158 41.31 -9.67 30.00
N ASP A 159 41.15 -8.42 29.59
CA ASP A 159 41.95 -7.86 28.52
C ASP A 159 43.39 -7.72 28.97
N PRO A 160 44.32 -8.30 28.22
CA PRO A 160 45.72 -8.25 28.56
C PRO A 160 46.32 -6.86 28.40
N GLN A 161 45.64 -5.97 27.69
CA GLN A 161 46.09 -4.56 27.54
C GLN A 161 45.61 -3.71 28.74
N GLY A 162 44.87 -4.31 29.65
CA GLY A 162 44.47 -3.61 30.87
C GLY A 162 43.44 -2.52 30.64
N SER A 163 42.74 -2.60 29.52
CA SER A 163 41.59 -1.77 29.28
C SER A 163 40.71 -1.83 30.49
N ASN A 164 40.08 -0.72 30.84
CA ASN A 164 39.18 -0.68 31.99
C ASN A 164 37.78 -0.22 31.63
N MET A 165 36.93 -0.07 32.63
CA MET A 165 35.54 0.34 32.39
C MET A 165 35.43 1.79 31.91
N MET A 166 36.37 2.65 32.30
CA MET A 166 36.38 4.01 31.77
C MET A 166 36.53 3.93 30.27
N PHE A 167 37.30 2.95 29.82
CA PHE A 167 37.46 2.73 28.39
C PHE A 167 36.20 2.16 27.79
N ALA A 168 35.69 1.08 28.39
CA ALA A 168 34.53 0.37 27.82
C ALA A 168 33.39 1.37 27.58
N PHE A 169 33.07 2.16 28.61
CA PHE A 169 31.93 3.06 28.55
C PHE A 169 32.19 4.27 27.67
N PHE A 170 33.44 4.60 27.49
CA PHE A 170 33.79 5.66 26.58
C PHE A 170 33.52 5.21 25.14
N ALA A 171 33.80 3.93 24.83
CA ALA A 171 33.62 3.43 23.48
C ALA A 171 32.12 3.34 23.20
N GLN A 172 31.35 2.89 24.20
CA GLN A 172 29.90 2.80 24.03
C GLN A 172 29.29 4.19 23.82
N HIS A 173 29.69 5.11 24.68
CA HIS A 173 29.20 6.47 24.65
C HIS A 173 29.54 7.14 23.35
N PHE A 174 30.83 7.14 23.01
CA PHE A 174 31.33 7.77 21.80
C PHE A 174 30.72 7.15 20.55
N THR A 175 30.75 5.82 20.45
CA THR A 175 30.33 5.17 19.23
C THR A 175 28.87 5.36 19.06
N HIS A 176 28.13 5.52 20.16
CA HIS A 176 26.65 5.54 20.05
C HIS A 176 26.06 6.87 19.56
N GLN A 177 26.94 7.76 19.12
CA GLN A 177 26.51 8.95 18.43
C GLN A 177 26.37 8.65 16.96
N PHE A 178 27.18 7.73 16.44
CA PHE A 178 27.07 7.40 15.01
C PHE A 178 26.55 6.00 14.67
N PHE A 179 26.41 5.14 15.68
CA PHE A 179 25.70 3.87 15.53
C PHE A 179 24.34 4.04 16.21
N LYS A 180 23.30 4.22 15.42
CA LYS A 180 21.96 4.42 15.94
C LYS A 180 21.01 3.78 14.98
N THR A 181 20.97 2.47 15.02
CA THR A 181 20.21 1.74 14.04
C THR A 181 18.73 2.05 14.15
N ASP A 182 18.10 2.33 13.03
CA ASP A 182 16.67 2.60 12.98
C ASP A 182 15.94 1.28 12.79
N HIS A 183 15.61 0.64 13.91
CA HIS A 183 15.03 -0.70 13.88
C HIS A 183 13.64 -0.76 13.24
N LYS A 184 12.96 0.38 13.10
CA LYS A 184 11.63 0.37 12.43
C LYS A 184 11.84 0.03 10.95
N ARG A 185 12.92 0.56 10.37
CA ARG A 185 13.24 0.32 8.97
C ARG A 185 13.97 -1.00 8.78
N GLY A 186 14.92 -1.27 9.65
CA GLY A 186 15.77 -2.45 9.51
C GLY A 186 17.22 -2.17 9.90
N PRO A 187 17.98 -3.24 10.14
CA PRO A 187 19.35 -3.25 10.67
C PRO A 187 20.36 -2.48 9.81
N GLY A 188 20.05 -2.33 8.53
CA GLY A 188 20.95 -1.64 7.61
C GLY A 188 20.65 -0.16 7.48
N PHE A 189 19.81 0.36 8.38
CA PHE A 189 19.45 1.78 8.39
C PHE A 189 19.83 2.48 9.68
N THR A 190 20.08 3.78 9.57
CA THR A 190 20.60 4.57 10.69
C THR A 190 19.78 5.85 10.99
N ARG A 191 19.79 6.26 12.25
CA ARG A 191 19.17 7.51 12.65
C ARG A 191 20.21 8.60 12.81
N GLY A 192 21.48 8.24 12.61
CA GLY A 192 22.61 9.19 12.75
C GLY A 192 22.96 9.83 11.42
N LEU A 193 22.11 10.77 11.00
CA LEU A 193 22.22 11.33 9.67
C LEU A 193 23.49 12.17 9.54
N GLY A 194 24.15 12.45 10.67
CA GLY A 194 25.45 13.14 10.65
C GLY A 194 26.55 12.24 10.11
N HIS A 195 26.30 10.95 10.17
CA HIS A 195 27.31 9.98 9.71
C HIS A 195 28.71 10.33 10.19
N GLY A 196 28.83 10.68 11.47
CA GLY A 196 30.12 10.85 12.09
C GLY A 196 30.13 11.46 13.46
N VAL A 197 31.24 12.08 13.80
CA VAL A 197 31.43 12.67 15.11
C VAL A 197 30.81 14.05 15.13
N ASP A 198 29.51 14.15 15.39
CA ASP A 198 28.87 15.45 15.42
C ASP A 198 28.35 15.78 16.79
N LEU A 199 28.55 14.83 17.73
CA LEU A 199 28.13 14.95 19.13
C LEU A 199 26.62 15.15 19.27
N ASN A 200 25.88 14.66 18.28
CA ASN A 200 24.44 14.62 18.44
C ASN A 200 24.02 13.88 19.70
N HIS A 201 24.91 13.10 20.29
CA HIS A 201 24.54 12.36 21.50
C HIS A 201 24.57 13.24 22.73
N ILE A 202 25.01 14.48 22.52
CA ILE A 202 24.98 15.44 23.59
C ILE A 202 23.94 16.49 23.26
N TYR A 203 23.88 16.86 22.00
CA TYR A 203 23.12 18.03 21.57
C TYR A 203 21.82 17.72 20.85
N GLY A 204 21.64 16.46 20.47
CA GLY A 204 20.45 15.98 19.73
C GLY A 204 20.63 15.96 18.22
N GLU A 205 19.97 15.01 17.56
CA GLU A 205 19.93 14.94 16.09
C GLU A 205 19.30 16.16 15.48
N THR A 206 18.19 16.61 16.05
CA THR A 206 17.38 17.60 15.38
C THR A 206 17.45 18.92 16.15
N LEU A 207 17.17 20.01 15.45
CA LEU A 207 17.17 21.34 16.04
C LEU A 207 16.12 21.37 17.17
N ASP A 208 15.03 20.68 16.96
CA ASP A 208 13.91 20.67 17.89
C ASP A 208 14.35 20.14 19.25
N ARG A 209 15.08 19.05 19.24
CA ARG A 209 15.56 18.43 20.46
C ARG A 209 16.67 19.27 21.08
N GLN A 210 17.59 19.73 20.24
CA GLN A 210 18.68 20.57 20.69
C GLN A 210 18.11 21.70 21.52
N HIS A 211 17.04 22.29 21.02
CA HIS A 211 16.49 23.49 21.60
C HIS A 211 15.85 23.21 22.95
N LYS A 212 15.26 22.03 23.10
CA LYS A 212 14.71 21.68 24.39
C LYS A 212 15.83 21.45 25.38
N LEU A 213 17.01 21.09 24.88
CA LEU A 213 18.15 20.74 25.76
C LEU A 213 18.92 21.96 26.19
N ARG A 214 18.65 23.10 25.57
CA ARG A 214 19.45 24.31 25.78
C ARG A 214 18.81 25.33 26.75
N LEU A 215 19.67 26.13 27.38
CA LEU A 215 19.26 27.06 28.41
C LEU A 215 18.95 28.41 27.76
N PHE A 216 19.62 28.69 26.66
CA PHE A 216 19.47 29.93 25.90
C PHE A 216 20.00 31.14 26.61
N LYS A 217 20.86 30.91 27.60
CA LYS A 217 21.75 31.97 28.07
C LYS A 217 23.18 31.47 28.11
N ASP A 218 24.09 32.30 27.60
CA ASP A 218 25.52 31.99 27.69
C ASP A 218 25.85 30.70 26.95
N GLY A 219 24.94 30.23 26.09
CA GLY A 219 25.21 29.15 25.14
C GLY A 219 25.21 27.79 25.82
N LYS A 220 24.64 27.77 27.02
CA LYS A 220 24.71 26.60 27.89
C LYS A 220 23.58 25.60 27.62
N LEU A 221 23.82 24.39 28.09
CA LEU A 221 22.81 23.33 28.11
C LEU A 221 22.12 23.35 29.46
N LYS A 222 20.81 23.19 29.46
CA LYS A 222 20.11 23.04 30.72
C LYS A 222 20.81 22.02 31.60
N TYR A 223 20.64 22.15 32.90
CA TYR A 223 21.17 21.18 33.85
C TYR A 223 20.43 21.34 35.17
N GLN A 224 20.60 20.38 36.08
CA GLN A 224 20.06 20.51 37.45
C GLN A 224 21.18 20.28 38.48
N VAL A 225 20.97 20.76 39.70
CA VAL A 225 21.93 20.55 40.79
C VAL A 225 21.29 19.61 41.80
N ILE A 226 22.00 18.54 42.12
CA ILE A 226 21.53 17.55 43.09
C ILE A 226 22.65 17.29 44.08
N GLY A 227 22.37 17.54 45.34
CA GLY A 227 23.39 17.46 46.37
C GLY A 227 24.65 18.21 45.98
N GLY A 228 24.47 19.41 45.42
CA GLY A 228 25.60 20.28 45.07
C GLY A 228 26.35 19.86 43.81
N GLU A 229 25.87 18.81 43.15
CA GLU A 229 26.53 18.30 41.97
C GLU A 229 25.69 18.59 40.74
N VAL A 230 26.36 18.87 39.61
CA VAL A 230 25.67 19.18 38.35
C VAL A 230 25.34 17.94 37.52
N TYR A 231 24.09 17.86 37.09
CA TYR A 231 23.60 16.72 36.33
C TYR A 231 22.67 17.19 35.24
N PRO A 232 22.46 16.34 34.21
CA PRO A 232 21.52 16.61 33.15
C PRO A 232 20.13 16.91 33.70
N PRO A 233 19.35 17.70 32.97
CA PRO A 233 18.02 18.06 33.36
C PRO A 233 17.12 16.85 33.30
N THR A 234 15.84 17.01 33.62
CA THR A 234 14.92 15.89 33.61
C THR A 234 14.02 15.95 32.39
N VAL A 235 13.42 14.80 32.07
CA VAL A 235 12.41 14.75 31.02
C VAL A 235 11.22 15.67 31.32
N LYS A 236 10.82 15.74 32.58
CA LYS A 236 9.71 16.62 32.97
C LYS A 236 10.01 18.09 32.69
N ASP A 237 11.22 18.54 33.01
CA ASP A 237 11.63 19.93 32.78
C ASP A 237 11.81 20.24 31.27
N THR A 238 12.22 19.25 30.48
CA THR A 238 12.67 19.55 29.09
C THR A 238 11.69 19.11 28.02
N GLN A 239 11.01 18.00 28.28
CA GLN A 239 10.14 17.36 27.30
C GLN A 239 10.88 16.56 26.27
N VAL A 240 12.20 16.44 26.40
CA VAL A 240 12.91 15.67 25.40
C VAL A 240 12.58 14.22 25.65
N GLU A 241 12.32 13.48 24.57
CA GLU A 241 11.98 12.07 24.69
C GLU A 241 13.21 11.26 25.04
N MET A 242 13.06 10.40 26.04
CA MET A 242 14.10 9.48 26.45
C MET A 242 13.51 8.08 26.53
N ILE A 243 14.35 7.04 26.50
CA ILE A 243 13.87 5.68 26.67
C ILE A 243 14.12 5.20 28.11
N TYR A 244 13.04 5.18 28.88
CA TYR A 244 13.09 4.67 30.24
C TYR A 244 11.96 3.69 30.45
N PRO A 245 12.24 2.61 31.16
CA PRO A 245 11.15 1.75 31.55
C PRO A 245 10.18 2.53 32.44
N PRO A 246 8.89 2.17 32.42
CA PRO A 246 7.80 2.93 33.04
C PRO A 246 7.94 3.12 34.54
N HIS A 247 8.67 2.22 35.19
CA HIS A 247 8.82 2.29 36.65
C HIS A 247 9.87 3.31 37.13
N ILE A 248 10.54 3.98 36.19
CA ILE A 248 11.52 4.99 36.54
C ILE A 248 10.81 6.30 36.90
N PRO A 249 11.09 6.81 38.12
CA PRO A 249 10.49 8.05 38.64
C PRO A 249 10.94 9.30 37.90
N GLU A 250 9.98 10.20 37.66
CA GLU A 250 10.21 11.39 36.81
C GLU A 250 11.51 12.15 37.11
N ASN A 251 11.97 12.09 38.36
CA ASN A 251 13.14 12.85 38.79
C ASN A 251 14.43 12.09 38.48
N LEU A 252 14.29 10.88 37.93
CA LEU A 252 15.49 10.10 37.61
C LEU A 252 15.61 9.94 36.11
N GLN A 253 14.59 10.45 35.42
CA GLN A 253 14.59 10.44 33.96
C GLN A 253 15.40 11.60 33.46
N PHE A 254 16.70 11.39 33.32
CA PHE A 254 17.60 12.40 32.79
C PHE A 254 17.47 12.54 31.29
N ALA A 255 17.50 13.78 30.83
CA ALA A 255 17.39 14.07 29.44
C ALA A 255 18.77 14.42 28.91
N VAL A 256 19.17 13.73 27.85
CA VAL A 256 20.45 14.02 27.19
C VAL A 256 20.29 13.88 25.68
N GLY A 257 21.37 14.17 24.96
CA GLY A 257 21.32 14.17 23.48
C GLY A 257 20.77 12.89 22.88
N GLN A 258 21.18 11.77 23.48
CA GLN A 258 20.92 10.42 22.95
C GLN A 258 19.89 9.73 23.82
N GLU A 259 18.78 9.37 23.19
CA GLU A 259 17.60 8.92 23.90
C GLU A 259 17.84 7.65 24.72
N VAL A 260 18.93 6.94 24.43
CA VAL A 260 19.12 5.62 25.01
C VAL A 260 20.09 5.63 26.18
N PHE A 261 20.69 6.79 26.43
CA PHE A 261 21.79 6.87 27.38
C PHE A 261 21.37 6.69 28.82
N GLY A 262 20.06 6.76 29.09
CA GLY A 262 19.55 6.68 30.45
C GLY A 262 19.58 5.22 30.89
N LEU A 263 19.88 4.38 29.94
CA LEU A 263 19.73 2.94 30.12
C LEU A 263 20.94 2.30 30.82
N VAL A 264 22.07 2.98 30.79
CA VAL A 264 23.28 2.49 31.46
C VAL A 264 23.96 3.63 32.19
N PRO A 265 24.19 3.48 33.50
CA PRO A 265 24.82 4.50 34.31
C PRO A 265 26.22 4.89 33.83
N GLY A 266 26.88 3.99 33.11
CA GLY A 266 28.17 4.30 32.50
C GLY A 266 28.02 5.37 31.43
N LEU A 267 26.93 5.30 30.69
CA LEU A 267 26.62 6.25 29.65
C LEU A 267 26.28 7.58 30.27
N MET A 268 25.43 7.53 31.28
CA MET A 268 24.98 8.76 31.94
C MET A 268 26.17 9.46 32.61
N MET A 269 27.13 8.68 33.05
CA MET A 269 28.35 9.23 33.61
C MET A 269 29.02 10.15 32.59
N TYR A 270 29.32 9.62 31.40
CA TYR A 270 29.95 10.41 30.35
C TYR A 270 29.04 11.50 29.84
N ALA A 271 27.76 11.21 29.75
CA ALA A 271 26.80 12.22 29.32
C ALA A 271 26.87 13.45 30.26
N THR A 272 27.06 13.18 31.55
CA THR A 272 27.17 14.24 32.55
C THR A 272 28.52 14.96 32.47
N ILE A 273 29.57 14.19 32.28
CA ILE A 273 30.90 14.80 32.12
C ILE A 273 30.94 15.76 30.91
N TRP A 274 30.35 15.37 29.79
CA TRP A 274 30.44 16.19 28.58
C TRP A 274 29.49 17.38 28.68
N LEU A 275 28.33 17.17 29.30
CA LEU A 275 27.46 18.33 29.60
C LEU A 275 28.22 19.36 30.42
N ARG A 276 28.88 18.94 31.47
CA ARG A 276 29.65 19.90 32.27
C ARG A 276 30.70 20.59 31.39
N GLU A 277 31.39 19.80 30.59
CA GLU A 277 32.46 20.31 29.75
C GLU A 277 31.92 21.40 28.81
N HIS A 278 30.76 21.16 28.22
CA HIS A 278 30.22 22.13 27.31
C HIS A 278 29.96 23.46 28.03
N ASN A 279 29.32 23.41 29.19
CA ASN A 279 29.02 24.64 29.92
C ASN A 279 30.29 25.30 30.44
N ARG A 280 31.28 24.48 30.75
CA ARG A 280 32.59 24.96 31.13
C ARG A 280 33.22 25.80 29.98
N VAL A 281 33.24 25.24 28.77
CA VAL A 281 33.80 25.94 27.64
C VAL A 281 33.02 27.23 27.37
N CYS A 282 31.73 27.23 27.69
CA CYS A 282 30.91 28.44 27.56
C CYS A 282 31.42 29.55 28.43
N ASP A 283 31.74 29.24 29.68
CA ASP A 283 32.21 30.27 30.61
C ASP A 283 33.50 30.83 30.06
N ILE A 284 34.32 29.95 29.50
CA ILE A 284 35.61 30.38 29.00
C ILE A 284 35.39 31.31 27.83
N LEU A 285 34.51 30.91 26.93
CA LEU A 285 34.24 31.72 25.73
C LEU A 285 33.59 33.07 26.08
N LYS A 286 32.71 33.11 27.07
CA LYS A 286 32.08 34.38 27.47
C LYS A 286 33.13 35.34 28.02
N GLN A 287 34.03 34.79 28.82
CA GLN A 287 35.14 35.53 29.37
C GLN A 287 35.92 36.18 28.25
N GLU A 288 36.17 35.43 27.17
CA GLU A 288 36.91 35.95 26.04
C GLU A 288 36.04 36.84 25.16
N HIS A 289 34.72 36.64 25.20
CA HIS A 289 33.82 37.30 24.27
C HIS A 289 32.57 37.84 24.96
N PRO A 290 32.75 38.89 25.76
CA PRO A 290 31.56 39.44 26.42
C PRO A 290 30.57 40.00 25.39
N GLU A 291 31.04 40.17 24.14
CA GLU A 291 30.18 40.70 23.06
C GLU A 291 29.26 39.66 22.48
N TRP A 292 29.51 38.40 22.80
CA TRP A 292 28.88 37.32 22.10
C TRP A 292 27.52 37.01 22.68
N GLY A 293 26.62 36.57 21.82
CA GLY A 293 25.29 36.17 22.24
C GLY A 293 25.22 34.68 22.52
N ASP A 294 24.05 34.25 23.00
CA ASP A 294 23.84 32.86 23.35
C ASP A 294 24.12 31.91 22.19
N GLU A 295 23.64 32.22 20.98
CA GLU A 295 23.81 31.29 19.84
C GLU A 295 25.27 31.02 19.58
N GLN A 296 26.03 32.10 19.44
CA GLN A 296 27.41 31.96 19.01
C GLN A 296 28.22 31.24 20.08
N LEU A 297 27.90 31.52 21.35
CA LEU A 297 28.60 30.84 22.45
C LEU A 297 28.31 29.36 22.38
N PHE A 298 27.06 29.02 22.09
CA PHE A 298 26.66 27.62 22.04
C PHE A 298 27.31 26.89 20.89
N GLN A 299 27.26 27.49 19.71
CA GLN A 299 27.74 26.82 18.50
C GLN A 299 29.26 26.68 18.57
N THR A 300 29.93 27.71 19.09
CA THR A 300 31.38 27.67 19.14
C THR A 300 31.78 26.58 20.12
N SER A 301 31.10 26.52 21.25
CA SER A 301 31.44 25.53 22.25
C SER A 301 31.31 24.15 21.63
N ARG A 302 30.23 23.94 20.87
CA ARG A 302 30.04 22.68 20.20
C ARG A 302 31.19 22.34 19.22
N LEU A 303 31.62 23.33 18.47
CA LEU A 303 32.74 23.10 17.58
C LEU A 303 33.98 22.64 18.37
N ILE A 304 34.19 23.25 19.53
CA ILE A 304 35.33 22.93 20.40
C ILE A 304 35.21 21.50 20.97
N LEU A 305 34.04 21.11 21.45
CA LEU A 305 33.88 19.78 22.02
C LEU A 305 34.03 18.70 20.93
N ILE A 306 33.63 19.03 19.72
CA ILE A 306 33.90 18.10 18.62
C ILE A 306 35.42 17.91 18.53
N GLY A 307 36.15 19.01 18.52
CA GLY A 307 37.60 18.95 18.46
C GLY A 307 38.20 18.16 19.63
N GLU A 308 37.74 18.46 20.83
CA GLU A 308 38.26 17.77 21.99
C GLU A 308 38.02 16.28 21.80
N THR A 309 36.83 15.94 21.32
CA THR A 309 36.44 14.53 21.19
C THR A 309 37.39 13.83 20.21
N ILE A 310 37.66 14.49 19.09
CA ILE A 310 38.55 13.87 18.06
C ILE A 310 39.95 13.71 18.62
N LYS A 311 40.39 14.72 19.37
CA LYS A 311 41.69 14.71 20.04
C LYS A 311 41.86 13.53 21.01
N ILE A 312 40.90 13.40 21.91
CA ILE A 312 40.94 12.39 22.94
C ILE A 312 40.90 11.00 22.32
N VAL A 313 40.06 10.85 21.30
CA VAL A 313 39.88 9.56 20.67
C VAL A 313 41.18 9.10 19.99
N ILE A 314 41.88 10.03 19.35
CA ILE A 314 43.09 9.64 18.65
C ILE A 314 44.22 9.48 19.63
N GLU A 315 44.37 10.43 20.56
CA GLU A 315 45.59 10.47 21.34
C GLU A 315 45.57 9.67 22.63
N ASP A 316 44.37 9.37 23.11
CA ASP A 316 44.23 8.58 24.33
C ASP A 316 43.60 7.24 24.01
N TYR A 317 42.45 7.28 23.34
CA TYR A 317 41.61 6.09 23.13
C TYR A 317 42.27 5.13 22.14
N VAL A 318 42.39 5.54 20.88
CA VAL A 318 43.07 4.69 19.89
C VAL A 318 44.53 4.40 20.31
N GLN A 319 45.18 5.39 20.90
CA GLN A 319 46.51 5.22 21.44
C GLN A 319 46.55 3.97 22.31
N HIS A 320 45.69 3.91 23.30
CA HIS A 320 45.70 2.82 24.26
C HIS A 320 45.36 1.49 23.62
N LEU A 321 44.45 1.53 22.65
CA LEU A 321 43.97 0.34 21.96
C LEU A 321 45.13 -0.27 21.15
N SER A 322 45.84 0.63 20.48
CA SER A 322 46.87 0.24 19.52
C SER A 322 48.01 -0.49 20.18
N GLY A 323 48.34 -0.07 21.40
CA GLY A 323 49.52 -0.58 22.09
C GLY A 323 50.79 -0.05 21.46
N TYR A 324 50.65 0.90 20.55
CA TYR A 324 51.81 1.41 19.84
C TYR A 324 52.70 2.18 20.81
N HIS A 325 54.01 2.14 20.53
CA HIS A 325 54.96 2.92 21.30
C HIS A 325 55.04 4.30 20.66
N PHE A 326 54.74 4.35 19.37
CA PHE A 326 54.65 5.63 18.67
C PHE A 326 53.45 6.40 19.22
N LYS A 327 53.66 7.68 19.52
CA LYS A 327 52.66 8.53 20.13
C LYS A 327 51.83 9.14 19.02
N LEU A 328 50.59 8.69 18.91
CA LEU A 328 49.69 9.14 17.86
C LEU A 328 49.41 10.62 17.99
N LYS A 329 49.13 11.30 16.87
CA LYS A 329 48.89 12.74 16.94
C LYS A 329 47.64 13.18 16.19
N PHE A 330 46.86 14.05 16.82
CA PHE A 330 45.74 14.70 16.14
C PHE A 330 46.21 16.02 15.55
N ASP A 331 46.43 16.04 14.25
CA ASP A 331 46.92 17.21 13.56
C ASP A 331 46.38 17.24 12.14
N PRO A 332 45.26 17.93 11.94
CA PRO A 332 44.68 18.06 10.62
C PRO A 332 45.69 18.49 9.54
N GLU A 333 46.69 19.29 9.92
CA GLU A 333 47.63 19.87 8.95
C GLU A 333 48.37 18.82 8.17
N LEU A 334 48.46 17.63 8.75
CA LEU A 334 49.18 16.55 8.11
C LEU A 334 48.49 16.08 6.81
N LEU A 335 47.24 16.48 6.61
CA LEU A 335 46.49 16.02 5.43
C LEU A 335 46.34 17.13 4.43
N PHE A 336 46.87 18.29 4.76
CA PHE A 336 46.66 19.49 3.95
C PHE A 336 47.32 19.48 2.59
N ASN A 337 48.49 18.86 2.47
CA ASN A 337 49.13 18.72 1.15
C ASN A 337 48.94 17.32 0.62
N GLN A 338 47.80 16.75 0.97
CA GLN A 338 47.54 15.36 0.68
C GLN A 338 46.15 15.24 0.04
N GLN A 339 45.91 14.14 -0.67
CA GLN A 339 44.60 13.89 -1.26
C GLN A 339 43.69 13.22 -0.26
N PHE A 340 42.54 13.81 0.02
CA PHE A 340 41.70 13.30 1.09
C PHE A 340 40.34 13.93 1.04
N GLN A 341 39.31 13.13 1.30
CA GLN A 341 37.92 13.59 1.17
C GLN A 341 37.36 13.93 2.54
N TYR A 342 37.11 15.20 2.78
CA TYR A 342 36.51 15.61 4.04
C TYR A 342 35.02 15.33 4.03
N GLN A 343 34.70 14.05 4.19
CA GLN A 343 33.32 13.56 4.18
C GLN A 343 33.36 12.11 4.65
N ASN A 344 32.25 11.64 5.20
CA ASN A 344 32.21 10.29 5.73
C ASN A 344 30.82 9.72 5.66
N ARG A 345 30.77 8.39 5.60
CA ARG A 345 29.52 7.69 5.66
C ARG A 345 29.73 6.44 6.50
N ILE A 346 28.90 6.24 7.50
CA ILE A 346 29.10 5.13 8.41
C ILE A 346 28.77 3.80 7.72
N ALA A 347 29.70 2.87 7.81
CA ALA A 347 29.58 1.57 7.19
C ALA A 347 28.96 0.61 8.17
N SER A 348 28.02 -0.19 7.66
CA SER A 348 27.36 -1.23 8.43
C SER A 348 28.40 -2.12 9.09
N GLU A 349 29.42 -2.47 8.34
CA GLU A 349 30.44 -3.38 8.84
C GLU A 349 31.24 -2.78 10.01
N PHE A 350 31.44 -1.47 9.98
CA PHE A 350 32.09 -0.78 11.08
C PHE A 350 31.23 -0.99 12.33
N ASN A 351 29.93 -0.71 12.19
CA ASN A 351 28.96 -0.96 13.25
C ASN A 351 29.05 -2.38 13.77
N THR A 352 28.97 -3.35 12.89
CA THR A 352 29.07 -4.73 13.30
C THR A 352 30.35 -5.04 14.05
N LEU A 353 31.50 -4.63 13.52
CA LEU A 353 32.77 -5.01 14.12
C LEU A 353 32.96 -4.35 15.48
N TYR A 354 32.12 -3.38 15.80
CA TYR A 354 32.32 -2.54 16.98
C TYR A 354 31.42 -3.02 18.12
N HIS A 355 30.73 -4.13 17.90
CA HIS A 355 29.92 -4.72 18.98
C HIS A 355 30.82 -5.41 20.01
N TRP A 356 31.48 -4.60 20.84
CA TRP A 356 32.51 -5.07 21.74
C TRP A 356 31.98 -5.52 23.09
N HIS A 357 30.90 -6.28 23.07
CA HIS A 357 30.23 -6.67 24.31
C HIS A 357 31.09 -7.55 25.25
N PRO A 358 32.07 -8.28 24.69
CA PRO A 358 33.00 -9.00 25.56
C PRO A 358 33.72 -8.10 26.57
N LEU A 359 33.79 -6.80 26.28
CA LEU A 359 34.42 -5.82 27.19
C LEU A 359 33.79 -5.89 28.58
N LEU A 360 32.49 -6.12 28.59
CA LEU A 360 31.69 -6.02 29.79
C LEU A 360 32.05 -7.10 30.77
N PRO A 361 32.12 -6.73 32.06
CA PRO A 361 32.43 -7.64 33.13
C PRO A 361 31.21 -8.40 33.65
N ASP A 362 31.45 -9.32 34.57
CA ASP A 362 30.37 -10.12 35.14
C ASP A 362 29.55 -9.25 36.08
N THR A 363 30.23 -8.36 36.81
CA THR A 363 29.56 -7.38 37.67
C THR A 363 30.20 -6.00 37.54
N PHE A 364 29.44 -4.96 37.85
CA PHE A 364 29.96 -3.60 37.80
C PHE A 364 30.30 -3.17 39.21
N ASN A 365 31.58 -2.92 39.44
CA ASN A 365 32.06 -2.68 40.80
C ASN A 365 32.34 -1.23 41.08
N ILE A 366 31.50 -0.66 41.91
CA ILE A 366 31.60 0.74 42.32
C ILE A 366 31.72 0.83 43.84
N GLU A 367 32.81 1.43 44.30
CA GLU A 367 33.13 1.49 45.74
C GLU A 367 33.13 0.10 46.36
N ASP A 368 32.18 -0.12 47.27
CA ASP A 368 32.05 -1.39 47.97
C ASP A 368 31.22 -2.40 47.16
N GLN A 369 30.29 -1.88 46.35
CA GLN A 369 29.26 -2.71 45.71
C GLN A 369 29.73 -3.50 44.49
N GLU A 370 29.01 -4.58 44.25
CA GLU A 370 29.15 -5.34 43.03
C GLU A 370 27.79 -5.52 42.40
N TYR A 371 27.48 -4.71 41.40
CA TYR A 371 26.16 -4.72 40.80
C TYR A 371 26.08 -5.70 39.63
N SER A 372 24.99 -6.47 39.64
CA SER A 372 24.67 -7.39 38.57
C SER A 372 24.12 -6.59 37.41
N PHE A 373 24.09 -7.19 36.24
CA PHE A 373 23.50 -6.52 35.11
C PHE A 373 22.13 -6.04 35.46
N LYS A 374 21.35 -6.92 36.06
CA LYS A 374 19.98 -6.61 36.38
C LYS A 374 19.94 -5.31 37.20
N GLN A 375 20.85 -5.18 38.16
CA GLN A 375 20.79 -4.05 39.10
C GLN A 375 21.35 -2.79 38.47
N PHE A 376 22.24 -2.96 37.50
CA PHE A 376 22.95 -1.82 36.94
C PHE A 376 22.10 -1.09 35.90
N LEU A 377 21.40 -1.83 35.06
CA LEU A 377 20.67 -1.25 33.93
C LEU A 377 19.48 -0.38 34.36
N TYR A 378 19.33 0.73 33.68
CA TYR A 378 18.30 1.72 33.96
C TYR A 378 18.28 2.17 35.41
N ASN A 379 19.39 2.04 36.12
CA ASN A 379 19.43 2.44 37.52
C ASN A 379 20.36 3.64 37.72
N ASN A 380 19.80 4.83 37.60
CA ASN A 380 20.61 6.06 37.77
C ASN A 380 20.81 6.50 39.25
N SER A 381 20.06 5.89 40.17
CA SER A 381 20.32 6.09 41.59
C SER A 381 21.76 5.79 41.86
N ILE A 382 22.23 4.70 41.26
CA ILE A 382 23.58 4.21 41.50
C ILE A 382 24.54 5.35 41.26
N LEU A 383 24.27 6.12 40.21
CA LEU A 383 25.08 7.25 39.89
C LEU A 383 24.94 8.29 41.00
N LEU A 384 23.72 8.71 41.31
CA LEU A 384 23.49 9.74 42.33
C LEU A 384 23.96 9.27 43.67
N GLU A 385 23.95 7.97 43.86
CA GLU A 385 24.40 7.40 45.11
C GLU A 385 25.90 7.67 45.33
N HIS A 386 26.71 7.24 44.37
CA HIS A 386 28.14 7.28 44.56
C HIS A 386 28.75 8.57 44.04
N GLY A 387 28.11 9.17 43.04
CA GLY A 387 28.62 10.38 42.42
C GLY A 387 29.67 10.11 41.33
N LEU A 388 29.95 11.12 40.53
CA LEU A 388 30.85 11.00 39.40
C LEU A 388 32.25 10.58 39.83
N THR A 389 32.75 11.20 40.89
CA THR A 389 34.12 10.99 41.35
C THR A 389 34.36 9.52 41.65
N GLN A 390 33.47 8.98 42.48
CA GLN A 390 33.57 7.60 42.87
C GLN A 390 33.38 6.68 41.66
N PHE A 391 32.53 7.09 40.71
CA PHE A 391 32.37 6.32 39.46
C PHE A 391 33.66 6.28 38.69
N VAL A 392 34.32 7.43 38.55
CA VAL A 392 35.56 7.51 37.81
C VAL A 392 36.68 6.71 38.48
N GLU A 393 36.81 6.86 39.79
CA GLU A 393 37.82 6.11 40.53
C GLU A 393 37.63 4.62 40.35
N SER A 394 36.37 4.18 40.49
CA SER A 394 36.01 2.77 40.43
C SER A 394 36.19 2.17 39.05
N PHE A 395 35.77 2.91 38.05
CA PHE A 395 35.81 2.40 36.70
C PHE A 395 37.22 2.44 36.16
N THR A 396 38.07 3.28 36.75
CA THR A 396 39.48 3.35 36.37
C THR A 396 40.19 2.08 36.87
N ARG A 397 39.69 1.52 37.98
CA ARG A 397 40.27 0.33 38.58
C ARG A 397 39.72 -0.99 38.02
N GLN A 398 38.51 -1.02 37.50
CA GLN A 398 37.94 -2.31 37.11
C GLN A 398 38.32 -2.71 35.70
N ILE A 399 38.93 -3.87 35.58
CA ILE A 399 39.41 -4.35 34.27
C ILE A 399 38.27 -4.81 33.38
N ALA A 400 38.44 -4.51 32.09
CA ALA A 400 37.46 -4.84 31.05
C ALA A 400 37.85 -6.16 30.42
N GLY A 401 36.92 -6.76 29.67
CA GLY A 401 37.16 -8.06 29.07
C GLY A 401 37.87 -8.01 27.72
N ARG A 402 38.53 -9.11 27.38
CA ARG A 402 39.15 -9.28 26.06
C ARG A 402 38.10 -9.52 25.02
N VAL A 403 38.22 -8.89 23.86
CA VAL A 403 37.20 -9.00 22.81
C VAL A 403 37.46 -10.20 21.88
N ALA A 404 38.65 -10.32 21.30
CA ALA A 404 39.00 -11.51 20.52
C ALA A 404 39.41 -12.66 21.43
N GLY A 405 39.77 -13.81 20.85
CA GLY A 405 40.24 -14.93 21.65
C GLY A 405 39.13 -15.88 22.01
N GLY A 406 37.90 -15.47 21.75
CA GLY A 406 36.73 -16.32 21.95
C GLY A 406 36.20 -16.42 23.38
N ARG A 407 34.94 -16.87 23.46
CA ARG A 407 34.28 -17.26 24.70
C ARG A 407 34.33 -16.21 25.80
N ASN A 408 33.86 -15.01 25.48
CA ASN A 408 33.91 -13.92 26.44
C ASN A 408 32.72 -12.98 26.36
N VAL A 409 31.66 -13.39 25.68
CA VAL A 409 30.44 -12.60 25.67
C VAL A 409 29.65 -12.91 26.93
N PRO A 410 29.38 -11.90 27.75
CA PRO A 410 28.62 -12.12 28.99
C PRO A 410 27.27 -12.70 28.70
N ILE A 411 26.87 -13.70 29.47
CA ILE A 411 25.58 -14.36 29.25
C ILE A 411 24.42 -13.37 29.34
N ALA A 412 24.57 -12.39 30.24
CA ALA A 412 23.52 -11.40 30.50
C ALA A 412 23.12 -10.71 29.22
N VAL A 413 23.99 -10.81 28.21
CA VAL A 413 23.81 -10.05 27.00
C VAL A 413 23.86 -10.96 25.74
N GLN A 414 23.60 -12.25 25.92
CA GLN A 414 23.65 -13.18 24.80
C GLN A 414 22.69 -12.81 23.66
N ALA A 415 21.51 -12.29 23.99
CA ALA A 415 20.52 -11.96 22.95
C ALA A 415 21.14 -10.99 21.94
N VAL A 416 21.96 -10.08 22.44
CA VAL A 416 22.59 -9.05 21.61
C VAL A 416 23.62 -9.67 20.69
N ALA A 417 24.30 -10.71 21.18
CA ALA A 417 25.30 -11.39 20.37
C ALA A 417 24.63 -12.21 19.27
N LYS A 418 23.50 -12.82 19.60
CA LYS A 418 22.79 -13.63 18.65
C LYS A 418 22.28 -12.74 17.52
N ALA A 419 21.74 -11.60 17.90
CA ALA A 419 21.22 -10.63 16.95
C ALA A 419 22.33 -10.19 16.04
N SER A 420 23.52 -9.99 16.60
CA SER A 420 24.63 -9.54 15.79
C SER A 420 24.84 -10.56 14.70
N ILE A 421 24.69 -11.83 15.04
CA ILE A 421 24.88 -12.89 14.05
C ILE A 421 23.73 -12.86 13.07
N ASP A 422 22.51 -12.84 13.60
CA ASP A 422 21.33 -12.99 12.77
C ASP A 422 21.20 -11.80 11.84
N GLN A 423 21.48 -10.61 12.36
CA GLN A 423 21.25 -9.41 11.56
C GLN A 423 22.31 -9.24 10.49
N SER A 424 23.49 -9.79 10.73
CA SER A 424 24.51 -9.84 9.70
C SER A 424 24.01 -10.60 8.47
N ARG A 425 23.38 -11.74 8.73
CA ARG A 425 22.90 -12.64 7.71
C ARG A 425 21.74 -11.99 6.99
N GLU A 426 20.84 -11.43 7.79
CA GLU A 426 19.70 -10.67 7.29
C GLU A 426 20.18 -9.57 6.33
N MET A 427 21.35 -8.99 6.59
CA MET A 427 21.87 -7.92 5.74
C MET A 427 22.72 -8.48 4.59
N LYS A 428 22.79 -9.81 4.51
CA LYS A 428 23.50 -10.51 3.45
C LYS A 428 25.00 -10.16 3.39
N TYR A 429 25.64 -10.14 4.55
CA TYR A 429 27.08 -9.94 4.59
C TYR A 429 27.75 -11.04 3.78
N GLN A 430 28.81 -10.68 3.09
CA GLN A 430 29.71 -11.71 2.53
C GLN A 430 30.49 -12.36 3.67
N SER A 431 31.31 -13.37 3.32
CA SER A 431 32.02 -14.16 4.31
C SER A 431 33.19 -13.39 4.92
N LEU A 432 33.70 -13.96 6.02
CA LEU A 432 34.91 -13.46 6.65
C LEU A 432 36.03 -13.23 5.60
N ASN A 433 36.31 -14.26 4.81
CA ASN A 433 37.46 -14.20 3.88
C ASN A 433 37.29 -13.17 2.78
N GLU A 434 36.06 -12.95 2.34
CA GLU A 434 35.80 -11.90 1.36
C GLU A 434 36.19 -10.57 1.94
N TYR A 435 35.87 -10.38 3.22
CA TYR A 435 36.15 -9.11 3.90
C TYR A 435 37.63 -9.02 4.15
N ARG A 436 38.26 -10.15 4.42
CA ARG A 436 39.71 -10.11 4.60
C ARG A 436 40.34 -9.70 3.31
N LYS A 437 39.91 -10.31 2.22
CA LYS A 437 40.47 -9.99 0.94
C LYS A 437 40.28 -8.52 0.63
N ARG A 438 39.13 -7.98 1.00
CA ARG A 438 38.78 -6.61 0.70
C ARG A 438 39.67 -5.63 1.42
N PHE A 439 40.17 -6.01 2.57
CA PHE A 439 41.09 -5.14 3.26
C PHE A 439 42.53 -5.64 3.17
N SER A 440 42.88 -6.22 2.02
CA SER A 440 44.26 -6.52 1.69
C SER A 440 44.87 -7.50 2.66
N LEU A 441 44.03 -8.39 3.18
CA LEU A 441 44.47 -9.42 4.10
C LEU A 441 44.40 -10.80 3.43
N LYS A 442 45.27 -11.69 3.87
CA LYS A 442 45.35 -13.01 3.27
C LYS A 442 44.26 -13.88 3.87
N PRO A 443 43.45 -14.53 3.02
CA PRO A 443 42.38 -15.39 3.51
C PRO A 443 42.88 -16.45 4.45
N TYR A 444 42.07 -16.81 5.42
CA TYR A 444 42.42 -17.87 6.36
C TYR A 444 42.17 -19.19 5.66
N THR A 445 43.11 -20.12 5.83
CA THR A 445 43.13 -21.36 5.07
C THR A 445 42.53 -22.49 5.89
N SER A 446 42.39 -22.24 7.19
CA SER A 446 41.73 -23.18 8.10
C SER A 446 41.15 -22.47 9.32
N PHE A 447 40.22 -23.13 10.00
CA PHE A 447 39.68 -22.57 11.23
C PHE A 447 40.73 -22.43 12.31
N GLU A 448 41.69 -23.35 12.32
CA GLU A 448 42.74 -23.33 13.35
C GLU A 448 43.68 -22.15 13.14
N GLU A 449 43.75 -21.67 11.90
CA GLU A 449 44.60 -20.52 11.61
C GLU A 449 43.89 -19.28 12.09
N LEU A 450 42.56 -19.36 12.11
CA LEU A 450 41.74 -18.25 12.56
C LEU A 450 41.83 -18.08 14.07
N THR A 451 41.66 -19.16 14.81
CA THR A 451 41.57 -19.10 16.28
C THR A 451 42.94 -19.22 16.94
N GLY A 452 43.86 -19.88 16.24
CA GLY A 452 45.18 -20.13 16.79
C GLY A 452 45.15 -21.20 17.88
N GLU A 453 44.04 -21.91 18.00
CA GLU A 453 43.93 -23.02 18.94
C GLU A 453 43.19 -24.18 18.26
N LYS A 454 42.80 -25.21 19.01
CA LYS A 454 42.22 -26.41 18.38
C LYS A 454 40.75 -26.58 18.72
N GLU A 455 40.39 -26.31 19.97
CA GLU A 455 39.04 -26.67 20.43
C GLU A 455 37.91 -25.90 19.72
N MET A 456 38.01 -24.56 19.76
CA MET A 456 37.00 -23.71 19.15
C MET A 456 37.01 -23.89 17.64
N ALA A 457 38.21 -24.07 17.08
CA ALA A 457 38.37 -24.39 15.65
C ALA A 457 37.55 -25.62 15.28
N ALA A 458 37.68 -26.69 16.07
CA ALA A 458 37.00 -27.95 15.77
C ALA A 458 35.50 -27.79 15.79
N GLU A 459 35.01 -27.01 16.73
CA GLU A 459 33.58 -26.74 16.86
C GLU A 459 33.12 -25.95 15.65
N LEU A 460 33.90 -24.95 15.27
CA LEU A 460 33.55 -24.09 14.14
C LEU A 460 33.58 -24.93 12.85
N LYS A 461 34.59 -25.78 12.72
CA LYS A 461 34.68 -26.64 11.56
C LYS A 461 33.44 -27.53 11.45
N ALA A 462 33.06 -28.14 12.56
CA ALA A 462 31.89 -29.04 12.55
C ALA A 462 30.61 -28.31 12.17
N LEU A 463 30.60 -26.99 12.36
CA LEU A 463 29.41 -26.18 12.12
C LEU A 463 29.36 -25.63 10.68
N TYR A 464 30.49 -25.12 10.22
CA TYR A 464 30.55 -24.42 8.94
C TYR A 464 31.16 -25.27 7.82
N SER A 465 31.97 -26.27 8.20
CA SER A 465 32.63 -27.18 7.24
C SER A 465 33.78 -26.54 6.47
N ASP A 466 33.50 -25.39 5.85
CA ASP A 466 34.48 -24.68 5.01
C ASP A 466 34.84 -23.31 5.58
N ILE A 467 36.13 -23.08 5.79
CA ILE A 467 36.61 -21.81 6.31
C ILE A 467 36.11 -20.64 5.46
N ASP A 468 35.94 -20.87 4.17
CA ASP A 468 35.60 -19.81 3.20
C ASP A 468 34.13 -19.40 3.36
N VAL A 469 33.43 -20.06 4.28
CA VAL A 469 32.02 -19.77 4.55
C VAL A 469 31.85 -19.17 5.96
N MET A 470 32.96 -19.10 6.68
CA MET A 470 32.93 -18.52 8.02
C MET A 470 32.47 -17.06 8.01
N GLU A 471 31.70 -16.65 9.02
CA GLU A 471 31.10 -15.33 9.06
C GLU A 471 31.95 -14.31 9.77
N LEU A 472 31.84 -13.08 9.33
CA LEU A 472 32.71 -12.01 9.82
C LEU A 472 32.54 -11.81 11.33
N TYR A 473 31.32 -11.61 11.80
CA TYR A 473 31.14 -11.17 13.18
C TYR A 473 31.68 -12.15 14.21
N PRO A 474 31.29 -13.42 14.10
CA PRO A 474 31.76 -14.40 15.06
C PRO A 474 33.26 -14.54 14.93
N ALA A 475 33.78 -14.44 13.71
CA ALA A 475 35.20 -14.63 13.48
C ALA A 475 35.95 -13.54 14.24
N LEU A 476 35.37 -12.36 14.28
CA LEU A 476 35.98 -11.23 14.97
C LEU A 476 36.20 -11.57 16.43
N LEU A 477 35.18 -12.10 17.08
CA LEU A 477 35.23 -12.36 18.53
C LEU A 477 36.03 -13.62 18.89
N VAL A 478 36.36 -14.41 17.88
CA VAL A 478 36.92 -15.74 18.07
C VAL A 478 38.37 -15.79 17.63
N GLU A 479 38.79 -14.78 16.87
CA GLU A 479 40.10 -14.73 16.20
C GLU A 479 41.29 -14.80 17.15
N LYS A 480 42.40 -15.32 16.65
CA LYS A 480 43.61 -15.31 17.41
C LYS A 480 44.01 -13.86 17.61
N PRO A 481 44.17 -13.46 18.86
CA PRO A 481 44.55 -12.10 19.13
C PRO A 481 45.99 -11.87 18.74
N ARG A 482 46.32 -10.67 18.30
CA ARG A 482 47.69 -10.23 18.31
C ARG A 482 48.26 -10.52 19.71
N PRO A 483 49.61 -10.63 19.82
CA PRO A 483 50.28 -10.93 21.09
C PRO A 483 49.88 -10.00 22.22
N ASP A 484 49.23 -10.57 23.24
CA ASP A 484 48.81 -9.82 24.42
C ASP A 484 47.93 -8.63 24.05
N ALA A 485 47.29 -8.71 22.89
CA ALA A 485 46.44 -7.63 22.44
C ALA A 485 44.96 -7.98 22.64
N ILE A 486 44.14 -6.96 22.57
CA ILE A 486 42.71 -7.07 22.82
C ILE A 486 41.97 -7.65 21.59
N PHE A 487 42.50 -7.36 20.40
CA PHE A 487 41.89 -7.77 19.14
C PHE A 487 42.80 -8.68 18.32
N GLY A 488 42.18 -9.34 17.36
CA GLY A 488 42.90 -10.03 16.29
C GLY A 488 43.07 -9.13 15.08
N GLU A 489 43.79 -9.65 14.09
CA GLU A 489 44.18 -8.89 12.89
C GLU A 489 43.01 -8.33 12.11
N THR A 490 41.97 -9.12 11.95
CA THR A 490 40.84 -8.70 11.14
C THR A 490 40.13 -7.47 11.73
N MET A 491 39.86 -7.51 13.02
CA MET A 491 39.26 -6.38 13.72
C MET A 491 40.07 -5.10 13.48
N VAL A 492 41.39 -5.17 13.66
CA VAL A 492 42.25 -3.99 13.53
C VAL A 492 42.24 -3.44 12.11
N GLU A 493 42.47 -4.32 11.13
CA GLU A 493 42.66 -3.89 9.75
C GLU A 493 41.37 -3.37 9.12
N LEU A 494 40.22 -3.94 9.51
CA LEU A 494 38.93 -3.38 9.11
C LEU A 494 38.61 -2.12 9.93
N GLY A 495 38.94 -2.13 11.21
CA GLY A 495 38.47 -1.10 12.10
C GLY A 495 39.19 0.22 11.94
N ALA A 496 40.50 0.14 11.76
CA ALA A 496 41.36 1.32 11.73
C ALA A 496 40.96 2.30 10.62
N PRO A 497 40.73 1.81 9.41
CA PRO A 497 40.40 2.66 8.28
C PRO A 497 39.07 3.41 8.45
N PHE A 498 38.02 2.70 8.89
CA PHE A 498 36.71 3.31 9.16
C PHE A 498 36.86 4.35 10.26
N SER A 499 37.66 4.01 11.25
CA SER A 499 37.81 4.86 12.43
C SER A 499 38.47 6.17 12.07
N LEU A 500 39.60 6.11 11.37
CA LEU A 500 40.36 7.31 11.01
C LEU A 500 39.63 8.19 10.02
N LYS A 501 38.86 7.56 9.15
CA LYS A 501 38.08 8.30 8.16
C LYS A 501 36.99 9.14 8.84
N GLY A 502 36.38 8.58 9.87
CA GLY A 502 35.30 9.27 10.58
C GLY A 502 35.87 10.38 11.45
N LEU A 503 37.08 10.16 11.97
CA LEU A 503 37.75 11.14 12.81
C LEU A 503 38.26 12.27 11.92
N MET A 504 39.03 11.95 10.88
CA MET A 504 39.67 12.98 10.08
C MET A 504 38.75 13.57 9.01
N GLY A 505 37.71 12.84 8.63
CA GLY A 505 36.77 13.30 7.61
C GLY A 505 35.89 14.45 8.06
N ASN A 506 35.75 14.59 9.39
CA ASN A 506 34.97 15.67 9.95
C ASN A 506 35.39 17.03 9.40
N PRO A 507 34.42 17.87 9.07
CA PRO A 507 34.76 19.17 8.46
C PRO A 507 35.69 20.08 9.28
N ILE A 508 35.65 20.03 10.60
CA ILE A 508 36.51 20.94 11.34
C ILE A 508 37.97 20.66 11.02
N CYS A 509 38.25 19.57 10.33
CA CYS A 509 39.63 19.20 9.99
C CYS A 509 40.02 19.76 8.64
N SER A 510 39.05 20.35 7.97
CA SER A 510 39.29 20.88 6.65
C SER A 510 39.98 22.22 6.80
N PRO A 511 40.82 22.56 5.84
CA PRO A 511 41.65 23.76 5.93
C PRO A 511 40.84 25.00 6.31
N GLN A 512 39.72 25.23 5.66
CA GLN A 512 38.93 26.44 5.93
C GLN A 512 38.34 26.44 7.34
N TYR A 513 38.32 25.28 8.00
CA TYR A 513 37.82 25.20 9.38
C TYR A 513 38.92 25.20 10.43
N TRP A 514 40.06 24.60 10.11
CA TRP A 514 41.08 24.30 11.13
C TRP A 514 41.96 25.50 11.47
N LYS A 515 41.36 26.46 12.15
CA LYS A 515 42.03 27.69 12.43
C LYS A 515 41.35 28.36 13.60
N PRO A 516 42.11 29.13 14.37
CA PRO A 516 41.69 29.70 15.66
C PRO A 516 40.30 30.30 15.68
N SER A 517 39.97 31.11 14.69
CA SER A 517 38.73 31.89 14.77
C SER A 517 37.54 30.97 14.68
N THR A 518 37.71 29.80 14.08
CA THR A 518 36.60 28.87 14.00
C THR A 518 36.14 28.58 15.42
N PHE A 519 37.11 28.54 16.33
CA PHE A 519 36.86 28.15 17.70
C PHE A 519 36.92 29.31 18.70
N GLY A 520 36.74 30.53 18.20
CA GLY A 520 36.61 31.70 19.06
C GLY A 520 37.92 32.25 19.53
N GLY A 521 38.99 31.91 18.83
CA GLY A 521 40.30 32.46 19.17
C GLY A 521 41.31 31.43 19.66
N GLU A 522 42.52 31.88 19.96
CA GLU A 522 43.60 30.96 20.32
C GLU A 522 43.30 30.22 21.63
N VAL A 523 42.48 30.83 22.48
CA VAL A 523 42.13 30.21 23.74
C VAL A 523 41.18 29.01 23.54
N GLY A 524 40.24 29.16 22.61
CA GLY A 524 39.34 28.06 22.21
C GLY A 524 40.08 26.95 21.48
N PHE A 525 41.00 27.34 20.60
CA PHE A 525 41.81 26.40 19.83
C PHE A 525 42.65 25.54 20.78
N LYS A 526 43.21 26.20 21.80
CA LYS A 526 44.09 25.54 22.74
C LYS A 526 43.35 24.47 23.56
N ILE A 527 42.05 24.66 23.76
CA ILE A 527 41.24 23.68 24.50
C ILE A 527 41.23 22.36 23.72
N ILE A 528 41.12 22.47 22.40
CA ILE A 528 41.15 21.30 21.55
C ILE A 528 42.54 20.69 21.56
N ASN A 529 43.55 21.50 21.32
CA ASN A 529 44.91 20.97 21.16
C ASN A 529 45.58 20.48 22.45
N THR A 530 45.00 20.78 23.60
CA THR A 530 45.52 20.24 24.88
C THR A 530 44.57 19.24 25.52
N ALA A 531 43.41 19.00 24.92
CA ALA A 531 42.43 18.11 25.54
C ALA A 531 43.02 16.71 25.73
N SER A 532 42.61 16.05 26.81
CA SER A 532 42.98 14.65 27.05
C SER A 532 41.91 14.01 27.93
N ILE A 533 41.83 12.70 27.96
CA ILE A 533 40.85 12.08 28.84
C ILE A 533 41.09 12.55 30.28
N GLN A 534 42.35 12.76 30.65
CA GLN A 534 42.61 13.23 31.98
C GLN A 534 42.13 14.67 32.19
N SER A 535 42.42 15.59 31.27
CA SER A 535 42.01 16.99 31.48
C SER A 535 40.48 17.08 31.52
N LEU A 536 39.80 16.21 30.78
CA LEU A 536 38.34 16.23 30.72
C LEU A 536 37.73 15.91 32.11
N ILE A 537 38.22 14.82 32.71
CA ILE A 537 37.76 14.40 34.03
C ILE A 537 38.16 15.42 35.10
N CYS A 538 39.33 16.02 34.93
CA CYS A 538 39.92 16.85 35.97
C CYS A 538 39.26 18.22 36.10
N ASN A 539 38.94 18.84 34.98
CA ASN A 539 38.25 20.12 34.98
C ASN A 539 36.78 19.99 35.35
N ASN A 540 36.27 18.76 35.41
CA ASN A 540 34.82 18.47 35.45
C ASN A 540 34.33 17.51 36.53
N VAL A 541 35.24 16.81 37.19
CA VAL A 541 34.82 15.89 38.23
C VAL A 541 35.50 16.31 39.52
N LYS A 542 34.72 16.51 40.56
CA LYS A 542 35.26 17.01 41.81
C LYS A 542 36.43 16.16 42.28
N GLY A 543 37.48 16.86 42.69
CA GLY A 543 38.68 16.22 43.22
C GLY A 543 39.72 15.94 42.15
N CYS A 544 39.39 16.20 40.90
CA CYS A 544 40.33 15.91 39.81
C CYS A 544 41.02 14.55 40.02
N PRO A 545 40.20 13.51 40.26
CA PRO A 545 40.63 12.13 40.41
C PRO A 545 41.50 11.67 39.25
N PHE A 546 42.40 10.74 39.51
CA PHE A 546 43.22 10.24 38.43
C PHE A 546 42.39 9.27 37.63
N THR A 547 42.32 9.50 36.32
CA THR A 547 41.71 8.54 35.40
C THR A 547 42.60 8.20 34.24
N SER A 548 42.22 7.11 33.61
CA SER A 548 43.03 6.53 32.55
C SER A 548 42.20 5.43 31.90
N PHE A 549 42.63 5.01 30.73
CA PHE A 549 41.89 3.99 30.00
C PHE A 549 42.35 2.60 30.39
N ASN A 550 43.32 2.53 31.29
CA ASN A 550 43.85 1.24 31.66
C ASN A 550 44.06 1.13 33.13
N VAL A 551 44.06 -0.10 33.56
CA VAL A 551 44.25 -0.44 34.94
C VAL A 551 45.69 -0.15 35.37
N GLN A 552 45.82 0.44 36.56
CA GLN A 552 47.11 0.72 37.18
C GLN A 552 47.61 -0.50 37.98
N ALA B 1 27.39 48.21 15.96
CA ALA B 1 28.13 47.81 17.19
C ALA B 1 29.26 46.81 16.86
N ASN B 2 28.90 45.74 16.17
CA ASN B 2 29.86 44.71 15.75
C ASN B 2 31.06 45.39 15.13
N PRO B 3 32.23 45.19 15.73
CA PRO B 3 33.48 45.72 15.26
C PRO B 3 33.96 45.10 13.95
N CYS B 4 33.20 44.16 13.41
CA CYS B 4 33.56 43.48 12.15
C CYS B 4 32.65 43.96 11.01
N CYS B 5 31.74 44.85 11.37
CA CYS B 5 30.78 45.43 10.45
C CYS B 5 31.41 46.13 9.29
N SER B 6 32.71 46.34 9.32
CA SER B 6 33.37 47.13 8.27
C SER B 6 34.02 46.21 7.23
N ASN B 7 34.01 44.91 7.54
CA ASN B 7 34.67 43.89 6.74
C ASN B 7 36.17 44.17 6.70
N PRO B 8 36.73 44.48 7.88
CA PRO B 8 38.09 44.98 8.04
C PRO B 8 39.11 44.10 7.41
N CYS B 9 38.87 42.79 7.52
CA CYS B 9 39.85 41.78 7.13
C CYS B 9 39.80 41.49 5.65
N GLN B 10 40.98 41.55 5.01
CA GLN B 10 41.11 41.34 3.58
C GLN B 10 41.79 40.01 3.23
N ASN B 11 41.88 39.73 1.93
CA ASN B 11 42.48 38.50 1.40
C ASN B 11 42.03 37.22 2.10
N ARG B 12 40.79 37.22 2.56
CA ARG B 12 40.11 36.01 3.10
C ARG B 12 40.34 35.80 4.58
N GLY B 13 41.09 36.71 5.17
CA GLY B 13 41.18 36.71 6.61
C GLY B 13 39.81 36.74 7.25
N GLU B 14 39.66 36.04 8.36
CA GLU B 14 38.40 36.01 9.04
C GLU B 14 38.37 36.97 10.20
N CYS B 15 37.28 37.73 10.25
CA CYS B 15 37.11 38.74 11.28
C CYS B 15 36.41 38.11 12.46
N MET B 16 36.99 38.33 13.63
CA MET B 16 36.42 37.87 14.88
C MET B 16 36.47 39.03 15.86
N SER B 17 35.40 39.20 16.63
CA SER B 17 35.30 40.25 17.63
C SER B 17 36.01 39.85 18.90
N THR B 18 36.91 40.70 19.39
CA THR B 18 37.60 40.44 20.65
C THR B 18 37.26 41.51 21.67
N GLY B 19 36.03 41.55 22.15
CA GLY B 19 35.55 42.67 22.97
C GLY B 19 34.57 43.52 22.16
N PHE B 20 33.79 44.35 22.84
CA PHE B 20 32.70 45.09 22.18
C PHE B 20 33.15 46.02 21.07
N ASP B 21 34.41 46.44 21.14
CA ASP B 21 34.91 47.50 20.26
C ASP B 21 36.16 47.11 19.48
N GLN B 22 36.74 45.95 19.77
CA GLN B 22 37.91 45.55 19.02
C GLN B 22 37.64 44.29 18.22
N TYR B 23 38.54 44.01 17.30
CA TYR B 23 38.43 42.86 16.44
C TYR B 23 39.79 42.29 16.15
N LYS B 24 39.80 41.09 15.59
CA LYS B 24 41.04 40.49 15.18
C LYS B 24 40.83 39.65 13.92
N CYS B 25 41.84 39.67 13.06
CA CYS B 25 41.81 38.92 11.82
C CYS B 25 42.65 37.68 11.89
N ASP B 26 42.04 36.55 11.58
CA ASP B 26 42.79 35.32 11.47
C ASP B 26 43.27 35.18 10.03
N CYS B 27 44.58 35.23 9.83
CA CYS B 27 45.15 35.26 8.48
C CYS B 27 45.70 33.89 8.10
N THR B 28 45.50 32.91 8.96
CA THR B 28 45.98 31.56 8.68
C THR B 28 45.86 31.24 7.19
N ARG B 29 46.98 30.90 6.57
CA ARG B 29 46.99 30.34 5.23
C ARG B 29 46.47 31.27 4.14
N THR B 30 46.27 32.54 4.49
CA THR B 30 45.83 33.49 3.48
C THR B 30 46.98 33.92 2.57
N GLY B 31 48.20 33.87 3.09
CA GLY B 31 49.36 34.39 2.35
C GLY B 31 49.74 35.80 2.77
N PHE B 32 48.98 36.37 3.70
CA PHE B 32 49.24 37.71 4.20
C PHE B 32 49.25 37.71 5.72
N TYR B 33 49.85 38.75 6.30
CA TYR B 33 49.78 38.98 7.75
C TYR B 33 49.50 40.44 8.02
N GLY B 34 49.55 40.84 9.30
CA GLY B 34 49.21 42.21 9.69
C GLY B 34 47.83 42.30 10.32
N GLU B 35 47.52 43.42 10.95
CA GLU B 35 46.26 43.56 11.66
C GLU B 35 45.07 43.19 10.78
N ASN B 36 45.19 43.41 9.46
CA ASN B 36 44.07 43.27 8.51
C ASN B 36 44.38 42.30 7.37
N CYS B 37 45.43 41.51 7.51
CA CYS B 37 45.86 40.55 6.48
C CYS B 37 46.10 41.23 5.13
N THR B 38 46.82 42.35 5.16
CA THR B 38 47.10 43.13 3.95
C THR B 38 48.59 43.14 3.56
N THR B 39 49.45 42.73 4.47
CA THR B 39 50.88 42.65 4.18
C THR B 39 51.24 41.28 3.62
N PRO B 40 51.71 41.23 2.38
CA PRO B 40 51.96 39.95 1.72
C PRO B 40 53.23 39.29 2.19
N GLU B 41 53.23 37.96 2.21
CA GLU B 41 54.45 37.22 2.49
C GLU B 41 55.27 37.19 1.22
N PHE B 42 56.58 37.05 1.38
CA PHE B 42 57.49 37.09 0.26
C PHE B 42 56.97 36.20 -0.87
N LEU B 43 56.72 34.92 -0.58
CA LEU B 43 56.29 34.01 -1.64
C LEU B 43 55.02 34.55 -2.32
N THR B 44 54.22 35.29 -1.55
CA THR B 44 52.94 35.80 -2.03
C THR B 44 53.15 36.90 -3.05
N ARG B 45 54.23 37.67 -2.89
CA ARG B 45 54.51 38.80 -3.79
C ARG B 45 54.91 38.34 -5.18
N ILE B 46 55.68 37.26 -5.24
CA ILE B 46 56.03 36.65 -6.53
C ILE B 46 54.73 36.34 -7.26
N LYS B 47 53.90 35.53 -6.61
CA LYS B 47 52.65 35.06 -7.19
C LYS B 47 51.83 36.26 -7.68
N LEU B 48 51.77 37.30 -6.86
CA LEU B 48 50.96 38.48 -7.19
C LEU B 48 51.53 39.27 -8.38
N LEU B 49 52.78 38.99 -8.76
CA LEU B 49 53.41 39.63 -9.93
C LEU B 49 53.41 38.70 -11.16
N LEU B 50 53.42 37.40 -10.93
CA LEU B 50 53.37 36.41 -12.02
C LEU B 50 51.94 35.95 -12.30
N LYS B 51 50.97 36.73 -11.82
CA LYS B 51 49.55 36.38 -12.00
C LYS B 51 48.87 37.36 -12.96
N PRO B 52 48.51 36.85 -14.14
CA PRO B 52 47.80 37.66 -15.10
C PRO B 52 46.39 37.96 -14.60
N THR B 53 45.83 39.09 -15.00
CA THR B 53 44.44 39.41 -14.65
C THR B 53 43.47 38.51 -15.42
N PRO B 54 42.27 38.29 -14.87
CA PRO B 54 41.30 37.45 -15.56
C PRO B 54 41.00 37.98 -16.96
N ASN B 55 40.99 39.31 -17.11
CA ASN B 55 40.72 39.95 -18.41
C ASN B 55 41.82 39.65 -19.43
N THR B 56 43.07 39.49 -18.97
CA THR B 56 44.17 39.07 -19.84
C THR B 56 43.93 37.62 -20.27
N VAL B 57 43.72 36.75 -19.29
CA VAL B 57 43.53 35.32 -19.55
C VAL B 57 42.37 35.10 -20.53
N HIS B 58 41.26 35.79 -20.31
CA HIS B 58 40.11 35.67 -21.20
C HIS B 58 40.52 36.06 -22.61
N TYR B 59 41.34 37.10 -22.71
CA TYR B 59 41.78 37.57 -24.00
C TYR B 59 42.55 36.45 -24.73
N ILE B 60 43.38 35.73 -23.99
CA ILE B 60 44.20 34.68 -24.58
C ILE B 60 43.33 33.50 -24.96
N LEU B 61 42.27 33.26 -24.20
CA LEU B 61 41.35 32.14 -24.50
C LEU B 61 40.48 32.43 -25.72
N THR B 62 40.31 33.70 -26.05
CA THR B 62 39.39 34.07 -27.13
C THR B 62 40.10 34.66 -28.33
N HIS B 63 41.44 34.58 -28.35
CA HIS B 63 42.21 34.93 -29.55
C HIS B 63 43.17 33.79 -29.98
N PHE B 64 44.06 34.10 -30.92
CA PHE B 64 45.01 33.12 -31.43
C PHE B 64 44.31 31.84 -31.85
N LYS B 65 43.21 32.02 -32.57
CA LYS B 65 42.38 30.91 -33.04
C LYS B 65 43.21 29.81 -33.69
N GLY B 66 44.31 30.20 -34.35
CA GLY B 66 45.19 29.26 -35.05
C GLY B 66 45.93 28.35 -34.10
N VAL B 67 46.47 28.93 -33.02
CA VAL B 67 47.20 28.18 -32.00
C VAL B 67 46.31 27.21 -31.24
N TRP B 68 45.11 27.66 -30.85
CA TRP B 68 44.17 26.81 -30.14
C TRP B 68 43.73 25.65 -31.03
N ASN B 69 43.70 25.92 -32.32
CA ASN B 69 43.34 24.88 -33.28
C ASN B 69 44.31 23.71 -33.19
N ILE B 70 45.58 24.02 -32.96
CA ILE B 70 46.64 23.03 -32.85
C ILE B 70 46.57 22.34 -31.48
N VAL B 71 46.38 23.14 -30.44
CA VAL B 71 46.26 22.59 -29.09
C VAL B 71 45.07 21.65 -28.98
N ASN B 72 43.97 22.03 -29.58
CA ASN B 72 42.76 21.22 -29.50
C ASN B 72 42.96 19.85 -30.10
N ASN B 73 44.02 19.68 -30.89
CA ASN B 73 44.21 18.41 -31.60
C ASN B 73 45.38 17.61 -31.08
N ILE B 74 46.04 18.13 -30.05
CA ILE B 74 47.06 17.37 -29.32
C ILE B 74 46.48 16.95 -27.97
N PRO B 75 45.88 15.75 -27.92
CA PRO B 75 45.16 15.27 -26.76
C PRO B 75 45.87 15.54 -25.43
N PHE B 76 47.17 15.41 -25.38
CA PHE B 76 47.87 15.59 -24.11
C PHE B 76 47.98 17.06 -23.69
N LEU B 77 47.93 17.96 -24.66
CA LEU B 77 47.95 19.40 -24.38
C LEU B 77 46.57 19.85 -23.98
N ARG B 78 45.58 19.38 -24.74
CA ARG B 78 44.21 19.67 -24.42
C ARG B 78 43.92 19.27 -22.98
N SER B 79 44.46 18.11 -22.58
CA SER B 79 44.25 17.60 -21.23
C SER B 79 44.97 18.48 -20.20
N LEU B 80 46.17 18.91 -20.53
CA LEU B 80 46.95 19.74 -19.61
C LEU B 80 46.24 21.08 -19.37
N ILE B 81 45.60 21.60 -20.41
CA ILE B 81 44.95 22.92 -20.33
C ILE B 81 43.63 22.87 -19.54
N MET B 82 42.84 21.84 -19.81
CA MET B 82 41.56 21.69 -19.17
C MET B 82 41.82 21.48 -17.69
N LYS B 83 42.87 20.72 -17.40
CA LYS B 83 43.23 20.41 -16.02
C LYS B 83 43.54 21.70 -15.30
N TYR B 84 44.15 22.65 -16.01
CA TYR B 84 44.48 23.93 -15.42
C TYR B 84 43.20 24.77 -15.20
N VAL B 85 42.25 24.70 -16.14
CA VAL B 85 41.02 25.50 -16.03
C VAL B 85 40.18 24.94 -14.87
N LEU B 86 40.22 23.62 -14.71
CA LEU B 86 39.55 22.96 -13.60
C LEU B 86 40.13 23.41 -12.26
N THR B 87 41.45 23.24 -12.08
CA THR B 87 42.10 23.40 -10.77
C THR B 87 42.36 24.85 -10.34
N SER B 88 42.58 25.75 -11.30
CA SER B 88 42.93 27.14 -10.98
C SER B 88 41.84 27.77 -10.14
N ARG B 89 40.61 27.36 -10.42
CA ARG B 89 39.43 27.93 -9.78
C ARG B 89 39.12 27.31 -8.42
N SER B 90 39.50 26.04 -8.24
CA SER B 90 39.12 25.29 -7.04
C SER B 90 39.24 26.12 -5.77
N TYR B 91 40.39 26.77 -5.60
CA TYR B 91 40.70 27.41 -4.35
C TYR B 91 39.73 28.56 -3.99
N LEU B 92 38.78 28.87 -4.88
CA LEU B 92 37.88 30.02 -4.66
C LEU B 92 36.63 29.60 -3.92
N ILE B 93 36.40 28.31 -3.75
CA ILE B 93 35.18 27.83 -3.13
C ILE B 93 35.51 27.10 -1.85
N ASP B 94 34.81 27.43 -0.78
CA ASP B 94 34.98 26.72 0.47
C ASP B 94 34.30 25.37 0.36
N SER B 95 35.03 24.30 0.61
CA SER B 95 34.44 22.99 0.55
C SER B 95 35.23 22.05 1.44
N PRO B 96 34.62 21.55 2.50
CA PRO B 96 33.26 21.78 2.97
C PRO B 96 32.84 23.24 3.06
N PRO B 97 31.54 23.50 2.83
CA PRO B 97 30.92 24.81 2.93
C PRO B 97 30.96 25.36 4.33
N THR B 98 30.81 26.68 4.40
CA THR B 98 30.98 27.41 5.62
C THR B 98 29.70 28.13 6.01
N TYR B 99 29.51 29.34 5.49
CA TYR B 99 28.51 30.24 6.06
C TYR B 99 27.14 30.06 5.39
N ASN B 100 26.12 30.69 5.97
CA ASN B 100 24.80 30.76 5.35
C ASN B 100 23.98 32.00 5.82
N VAL B 101 22.74 32.13 5.39
CA VAL B 101 22.01 33.36 5.66
C VAL B 101 21.96 33.73 7.15
N HIS B 102 22.02 32.73 8.03
CA HIS B 102 21.90 32.99 9.47
C HIS B 102 23.22 32.93 10.25
N TYR B 103 24.30 32.49 9.62
CA TYR B 103 25.58 32.28 10.29
C TYR B 103 26.76 32.95 9.60
N GLY B 104 27.32 33.91 10.33
CA GLY B 104 28.42 34.75 9.84
C GLY B 104 29.70 34.27 10.45
N TYR B 105 29.59 33.16 11.16
CA TYR B 105 30.75 32.47 11.69
C TYR B 105 30.45 30.98 11.48
N LYS B 106 31.48 30.16 11.31
CA LYS B 106 31.22 28.73 11.15
C LYS B 106 30.51 28.14 12.35
N SER B 107 29.54 27.28 12.08
CA SER B 107 28.87 26.56 13.14
C SER B 107 28.52 25.20 12.61
N TRP B 108 28.22 24.26 13.51
CA TRP B 108 27.82 22.95 13.08
C TRP B 108 26.45 22.99 12.41
N GLU B 109 25.65 23.95 12.82
CA GLU B 109 24.33 24.12 12.25
C GLU B 109 24.51 24.52 10.79
N ALA B 110 25.46 25.41 10.52
CA ALA B 110 25.65 25.93 9.16
C ALA B 110 26.17 24.81 8.34
N PHE B 111 27.11 24.07 8.85
CA PHE B 111 27.63 22.99 8.06
C PHE B 111 26.56 21.92 7.84
N SER B 112 25.79 21.58 8.88
CA SER B 112 25.01 20.33 8.79
C SER B 112 23.61 20.50 8.20
N ASN B 113 23.09 21.71 8.20
CA ASN B 113 21.70 21.89 7.75
C ASN B 113 21.60 22.04 6.25
N LEU B 114 21.14 20.96 5.62
CA LEU B 114 21.16 20.86 4.16
C LEU B 114 20.12 21.75 3.46
N SER B 115 19.22 22.35 4.25
CA SER B 115 18.08 23.17 3.72
C SER B 115 18.50 24.58 3.35
N TYR B 116 19.70 24.95 3.77
CA TYR B 116 20.24 26.28 3.52
C TYR B 116 21.03 26.28 2.23
N TYR B 117 20.89 27.34 1.45
CA TYR B 117 21.91 27.63 0.46
C TYR B 117 23.12 28.05 1.27
N THR B 118 24.31 27.68 0.81
CA THR B 118 25.52 28.16 1.50
C THR B 118 25.82 29.55 1.00
N ARG B 119 26.86 30.17 1.57
CA ARG B 119 27.21 31.56 1.27
C ARG B 119 28.70 31.76 1.05
N ALA B 120 29.06 32.35 -0.08
CA ALA B 120 30.46 32.60 -0.42
C ALA B 120 31.06 33.67 0.51
N LEU B 121 30.20 34.59 0.92
CA LEU B 121 30.57 35.63 1.86
C LEU B 121 29.50 35.69 2.92
N PRO B 122 29.92 35.83 4.17
CA PRO B 122 28.96 35.85 5.26
C PRO B 122 28.01 37.03 5.13
N PRO B 123 26.83 36.90 5.70
CA PRO B 123 25.96 38.05 5.79
C PRO B 123 26.53 39.20 6.64
N VAL B 124 26.05 40.41 6.34
CA VAL B 124 26.30 41.56 7.17
C VAL B 124 25.52 41.38 8.46
N ALA B 125 26.22 41.46 9.58
CA ALA B 125 25.59 41.28 10.88
C ALA B 125 24.33 42.13 11.04
N ASP B 126 23.36 41.58 11.75
CA ASP B 126 22.08 42.26 11.93
C ASP B 126 22.20 43.60 12.61
N ASP B 127 23.25 43.83 13.37
CA ASP B 127 23.33 45.08 14.13
C ASP B 127 24.39 46.02 13.58
N CYS B 128 24.73 45.85 12.31
CA CYS B 128 25.60 46.82 11.64
C CYS B 128 24.78 48.04 11.33
N PRO B 129 25.41 49.23 11.35
CA PRO B 129 24.66 50.47 11.21
C PRO B 129 24.10 50.69 9.80
N THR B 130 24.69 50.06 8.80
CA THR B 130 24.18 50.18 7.43
C THR B 130 24.00 48.82 6.80
N PRO B 131 23.29 48.79 5.69
CA PRO B 131 22.98 47.51 5.04
C PRO B 131 24.23 46.86 4.51
N MET B 132 25.17 47.68 4.03
CA MET B 132 26.41 47.14 3.45
C MET B 132 27.52 47.01 4.49
N GLY B 133 27.18 47.34 5.74
CA GLY B 133 28.14 47.31 6.85
C GLY B 133 28.22 48.65 7.58
N VAL B 134 29.20 49.47 7.20
CA VAL B 134 29.33 50.82 7.76
C VAL B 134 29.19 51.91 6.70
N LYS B 135 29.32 51.52 5.44
CA LYS B 135 29.26 52.48 4.35
C LYS B 135 27.83 52.68 3.86
N GLY B 136 27.59 53.79 3.17
CA GLY B 136 26.29 54.13 2.61
C GLY B 136 25.28 54.77 3.56
N ASN B 137 24.03 54.81 3.13
CA ASN B 137 22.97 55.41 3.93
C ASN B 137 22.19 54.35 4.69
N LYS B 138 21.40 54.76 5.68
CA LYS B 138 20.67 53.83 6.55
C LYS B 138 19.86 52.81 5.74
N GLU B 139 19.54 53.18 4.51
CA GLU B 139 18.85 52.28 3.62
C GLU B 139 19.38 52.41 2.22
N LEU B 140 19.31 51.29 1.51
CA LEU B 140 19.68 51.25 0.11
C LEU B 140 18.63 52.00 -0.71
N PRO B 141 18.98 52.35 -1.95
CA PRO B 141 18.05 53.01 -2.85
C PRO B 141 16.79 52.21 -3.15
N ASP B 142 15.70 52.91 -3.34
CA ASP B 142 14.46 52.32 -3.82
C ASP B 142 14.76 51.23 -4.86
N SER B 143 14.40 50.00 -4.56
CA SER B 143 14.72 48.92 -5.48
C SER B 143 14.01 49.18 -6.82
N LYS B 144 12.79 49.68 -6.75
CA LYS B 144 12.01 50.00 -7.95
C LYS B 144 12.70 51.01 -8.82
N GLU B 145 13.39 51.95 -8.17
CA GLU B 145 14.08 53.01 -8.87
C GLU B 145 15.23 52.44 -9.67
N VAL B 146 15.94 51.50 -9.07
CA VAL B 146 17.10 50.88 -9.70
C VAL B 146 16.61 50.03 -10.85
N LEU B 147 15.52 49.31 -10.59
CA LEU B 147 14.86 48.46 -11.57
C LEU B 147 14.60 49.27 -12.81
N GLU B 148 13.82 50.32 -12.64
CA GLU B 148 13.33 51.12 -13.76
C GLU B 148 14.46 51.86 -14.47
N LYS B 149 15.43 52.34 -13.72
CA LYS B 149 16.40 53.26 -14.27
C LYS B 149 17.48 52.56 -15.07
N VAL B 150 17.94 51.41 -14.59
CA VAL B 150 19.04 50.74 -15.28
C VAL B 150 18.80 49.28 -15.62
N LEU B 151 17.67 48.72 -15.20
CA LEU B 151 17.42 47.30 -15.51
C LEU B 151 16.38 47.01 -16.63
N LEU B 152 15.28 47.76 -16.67
CA LEU B 152 14.19 47.48 -17.62
C LEU B 152 14.56 47.75 -19.07
N ARG B 153 14.13 46.83 -19.91
CA ARG B 153 14.42 46.88 -21.33
C ARG B 153 13.62 47.99 -22.00
N ARG B 154 14.30 48.86 -22.73
CA ARG B 154 13.62 49.72 -23.67
C ARG B 154 13.56 48.96 -24.99
N GLU B 155 14.70 48.85 -25.64
CA GLU B 155 14.75 48.08 -26.85
C GLU B 155 15.42 46.76 -26.57
N PHE B 156 15.00 45.71 -27.26
CA PHE B 156 15.60 44.39 -27.08
C PHE B 156 17.06 44.45 -27.55
N ILE B 157 17.97 44.10 -26.66
CA ILE B 157 19.40 44.07 -26.97
C ILE B 157 19.77 42.62 -27.15
N PRO B 158 20.12 42.23 -28.38
CA PRO B 158 20.44 40.84 -28.58
C PRO B 158 21.82 40.50 -28.03
N ASP B 159 21.99 39.23 -27.66
CA ASP B 159 23.28 38.73 -27.23
C ASP B 159 24.20 38.63 -28.42
N PRO B 160 25.35 39.30 -28.36
CA PRO B 160 26.31 39.31 -29.44
C PRO B 160 26.96 37.95 -29.69
N GLN B 161 26.90 37.04 -28.71
CA GLN B 161 27.43 35.67 -28.88
C GLN B 161 26.40 34.76 -29.61
N GLY B 162 25.25 35.29 -29.93
CA GLY B 162 24.28 34.55 -30.73
C GLY B 162 23.61 33.42 -29.97
N SER B 163 23.68 33.47 -28.65
CA SER B 163 22.90 32.58 -27.82
C SER B 163 21.48 32.59 -28.31
N ASN B 164 20.83 31.43 -28.26
CA ASN B 164 19.45 31.30 -28.72
C ASN B 164 18.52 30.78 -27.65
N MET B 165 17.27 30.54 -28.01
CA MET B 165 16.28 30.08 -27.04
C MET B 165 16.50 28.62 -26.62
N MET B 166 17.19 27.85 -27.45
CA MET B 166 17.53 26.49 -27.06
C MET B 166 18.48 26.59 -25.89
N PHE B 167 19.31 27.63 -25.91
CA PHE B 167 20.25 27.86 -24.82
C PHE B 167 19.51 28.41 -23.59
N ALA B 168 18.68 29.44 -23.80
CA ALA B 168 18.01 30.09 -22.67
C ALA B 168 17.23 29.07 -21.85
N PHE B 169 16.48 28.20 -22.54
CA PHE B 169 15.63 27.23 -21.87
C PHE B 169 16.41 26.07 -21.30
N PHE B 170 17.59 25.84 -21.86
CA PHE B 170 18.43 24.79 -21.34
C PHE B 170 18.98 25.24 -20.00
N ALA B 171 19.30 26.52 -19.87
CA ALA B 171 19.87 27.07 -18.63
C ALA B 171 18.82 27.03 -17.53
N GLN B 172 17.61 27.43 -17.88
CA GLN B 172 16.47 27.47 -16.95
C GLN B 172 16.15 26.05 -16.48
N HIS B 173 16.07 25.14 -17.44
CA HIS B 173 15.77 23.74 -17.17
C HIS B 173 16.82 23.13 -16.28
N PHE B 174 18.07 23.19 -16.72
CA PHE B 174 19.20 22.60 -16.01
C PHE B 174 19.42 23.25 -14.63
N THR B 175 19.46 24.57 -14.59
CA THR B 175 19.72 25.21 -13.30
C THR B 175 18.59 24.94 -12.32
N HIS B 176 17.38 24.72 -12.81
CA HIS B 176 16.22 24.60 -11.90
C HIS B 176 16.10 23.25 -11.19
N GLN B 177 17.14 22.44 -11.33
CA GLN B 177 17.23 21.23 -10.54
C GLN B 177 17.89 21.53 -9.22
N PHE B 178 18.78 22.51 -9.22
CA PHE B 178 19.50 22.85 -8.00
C PHE B 178 19.18 24.23 -7.42
N PHE B 179 18.45 25.05 -8.18
CA PHE B 179 17.86 26.26 -7.66
C PHE B 179 16.37 26.04 -7.47
N LYS B 180 16.01 25.77 -6.22
CA LYS B 180 14.62 25.50 -5.86
C LYS B 180 14.32 26.13 -4.51
N THR B 181 14.21 27.44 -4.50
CA THR B 181 14.09 28.14 -3.26
C THR B 181 12.83 27.71 -2.52
N ASP B 182 12.98 27.41 -1.23
CA ASP B 182 11.84 27.08 -0.39
C ASP B 182 11.27 28.36 0.21
N HIS B 183 10.35 28.97 -0.52
CA HIS B 183 9.82 30.28 -0.15
C HIS B 183 9.02 30.27 1.18
N LYS B 184 8.57 29.11 1.66
CA LYS B 184 7.87 29.06 2.95
C LYS B 184 8.84 29.42 4.06
N ARG B 185 10.08 28.94 3.94
CA ARG B 185 11.12 29.24 4.91
C ARG B 185 11.78 30.59 4.67
N GLY B 186 12.04 30.91 3.40
CA GLY B 186 12.77 32.12 3.04
C GLY B 186 13.73 31.94 1.87
N PRO B 187 14.19 33.06 1.31
CA PRO B 187 15.00 33.13 0.09
C PRO B 187 16.36 32.43 0.19
N GLY B 188 16.84 32.25 1.41
CA GLY B 188 18.15 31.65 1.66
C GLY B 188 18.04 30.16 1.94
N PHE B 189 16.87 29.58 1.67
CA PHE B 189 16.66 28.13 1.83
C PHE B 189 16.31 27.40 0.54
N THR B 190 16.60 26.12 0.51
CA THR B 190 16.47 25.37 -0.73
C THR B 190 15.69 24.07 -0.54
N ARG B 191 15.03 23.62 -1.59
CA ARG B 191 14.36 22.31 -1.59
C ARG B 191 15.17 21.26 -2.35
N GLY B 192 16.29 21.71 -2.92
CA GLY B 192 17.19 20.84 -3.67
C GLY B 192 18.25 20.27 -2.75
N LEU B 193 17.85 19.30 -1.93
CA LEU B 193 18.75 18.76 -0.91
C LEU B 193 19.93 17.99 -1.56
N GLY B 194 19.86 17.73 -2.87
CA GLY B 194 20.97 17.10 -3.57
C GLY B 194 22.14 18.06 -3.73
N HIS B 195 21.84 19.36 -3.66
CA HIS B 195 22.86 20.38 -3.84
C HIS B 195 23.76 20.12 -5.03
N GLY B 196 23.15 19.80 -6.16
CA GLY B 196 23.88 19.65 -7.39
C GLY B 196 23.12 19.00 -8.53
N VAL B 197 23.89 18.43 -9.46
CA VAL B 197 23.34 17.82 -10.66
C VAL B 197 22.91 16.41 -10.32
N ASP B 198 21.69 16.23 -9.84
CA ASP B 198 21.23 14.88 -9.53
C ASP B 198 20.04 14.50 -10.37
N LEU B 199 19.65 15.42 -11.23
CA LEU B 199 18.49 15.28 -12.13
C LEU B 199 17.20 14.98 -11.39
N ASN B 200 17.08 15.48 -10.17
CA ASN B 200 15.81 15.45 -9.47
C ASN B 200 14.70 16.14 -10.25
N HIS B 201 15.06 16.98 -11.21
CA HIS B 201 14.05 17.66 -12.02
C HIS B 201 13.43 16.75 -13.08
N ILE B 202 13.97 15.54 -13.21
CA ILE B 202 13.38 14.56 -14.09
C ILE B 202 12.75 13.47 -13.26
N TYR B 203 13.46 13.09 -12.20
CA TYR B 203 13.15 11.89 -11.41
C TYR B 203 12.48 12.17 -10.04
N GLY B 204 12.48 13.42 -9.63
CA GLY B 204 11.91 13.82 -8.34
C GLY B 204 12.92 13.86 -7.19
N GLU B 205 12.68 14.76 -6.24
CA GLU B 205 13.46 14.85 -5.00
C GLU B 205 13.38 13.59 -4.18
N THR B 206 12.17 13.08 -4.03
CA THR B 206 11.92 12.06 -3.04
C THR B 206 11.58 10.75 -3.72
N LEU B 207 11.84 9.66 -3.02
CA LEU B 207 11.57 8.33 -3.55
C LEU B 207 10.07 8.21 -3.90
N ASP B 208 9.25 8.83 -3.07
CA ASP B 208 7.80 8.78 -3.22
C ASP B 208 7.39 9.31 -4.59
N ARG B 209 7.94 10.45 -4.96
CA ARG B 209 7.59 11.08 -6.22
C ARG B 209 8.22 10.28 -7.37
N GLN B 210 9.47 9.88 -7.17
CA GLN B 210 10.16 9.12 -8.19
C GLN B 210 9.32 7.94 -8.58
N HIS B 211 8.76 7.29 -7.57
CA HIS B 211 8.03 6.06 -7.80
C HIS B 211 6.72 6.29 -8.54
N LYS B 212 6.08 7.43 -8.33
CA LYS B 212 4.87 7.72 -9.06
C LYS B 212 5.24 8.00 -10.50
N LEU B 213 6.48 8.45 -10.72
CA LEU B 213 6.90 8.85 -12.07
C LEU B 213 7.36 7.66 -12.91
N ARG B 214 7.51 6.49 -12.26
CA ARG B 214 8.11 5.34 -12.91
C ARG B 214 7.13 4.24 -13.38
N LEU B 215 7.56 3.49 -14.39
CA LEU B 215 6.68 2.51 -15.01
C LEU B 215 6.86 1.16 -14.34
N PHE B 216 8.03 0.98 -13.75
CA PHE B 216 8.40 -0.27 -13.09
C PHE B 216 8.45 -1.48 -14.00
N LYS B 217 8.65 -1.23 -15.31
CA LYS B 217 9.17 -2.26 -16.23
C LYS B 217 10.30 -1.66 -17.05
N ASP B 218 11.38 -2.40 -17.16
CA ASP B 218 12.48 -1.98 -18.03
C ASP B 218 13.10 -0.65 -17.58
N GLY B 219 12.81 -0.23 -16.35
CA GLY B 219 13.51 0.88 -15.71
C GLY B 219 13.03 2.21 -16.25
N LYS B 220 11.87 2.17 -16.91
CA LYS B 220 11.38 3.33 -17.65
C LYS B 220 10.54 4.26 -16.80
N LEU B 221 10.44 5.49 -17.29
CA LEU B 221 9.54 6.48 -16.74
C LEU B 221 8.19 6.36 -17.46
N LYS B 222 7.10 6.47 -16.71
CA LYS B 222 5.79 6.54 -17.35
C LYS B 222 5.81 7.61 -18.46
N TYR B 223 4.93 7.45 -19.43
CA TYR B 223 4.79 8.42 -20.49
C TYR B 223 3.46 8.19 -21.16
N GLN B 224 3.03 9.14 -21.99
CA GLN B 224 1.82 8.98 -22.80
C GLN B 224 2.13 9.26 -24.28
N VAL B 225 1.29 8.74 -25.19
CA VAL B 225 1.46 9.00 -26.62
C VAL B 225 0.32 9.87 -27.08
N ILE B 226 0.66 10.98 -27.71
CA ILE B 226 -0.33 11.92 -28.23
C ILE B 226 0.05 12.24 -29.65
N GLY B 227 -0.86 11.97 -30.56
CA GLY B 227 -0.60 12.12 -31.97
C GLY B 227 0.70 11.46 -32.36
N GLY B 228 0.92 10.25 -31.85
CA GLY B 228 2.07 9.42 -32.25
C GLY B 228 3.36 9.89 -31.60
N GLU B 229 3.27 10.91 -30.76
CA GLU B 229 4.46 11.48 -30.13
C GLU B 229 4.52 11.17 -28.63
N VAL B 230 5.72 10.94 -28.12
CA VAL B 230 5.88 10.61 -26.69
C VAL B 230 5.98 11.85 -25.81
N TYR B 231 5.22 11.86 -24.74
CA TYR B 231 5.17 12.98 -23.82
C TYR B 231 5.09 12.48 -22.37
N PRO B 232 5.42 13.34 -21.42
CA PRO B 232 5.25 13.01 -20.02
C PRO B 232 3.80 12.62 -19.70
N PRO B 233 3.61 11.78 -18.68
CA PRO B 233 2.31 11.35 -18.22
C PRO B 233 1.56 12.52 -17.61
N THR B 234 0.32 12.28 -17.19
CA THR B 234 -0.49 13.34 -16.64
C THR B 234 -0.50 13.28 -15.13
N VAL B 235 -0.87 14.38 -14.50
CA VAL B 235 -1.12 14.40 -13.07
C VAL B 235 -2.19 13.37 -12.71
N LYS B 236 -3.27 13.27 -13.51
CA LYS B 236 -4.34 12.32 -13.19
C LYS B 236 -3.81 10.89 -13.14
N ASP B 237 -2.99 10.53 -14.12
CA ASP B 237 -2.45 9.17 -14.19
C ASP B 237 -1.40 8.86 -13.11
N THR B 238 -0.68 9.88 -12.64
CA THR B 238 0.46 9.64 -11.75
C THR B 238 0.25 10.04 -10.29
N GLN B 239 -0.55 11.09 -10.09
CA GLN B 239 -0.75 11.69 -8.76
C GLN B 239 0.43 12.52 -8.28
N VAL B 240 1.40 12.76 -9.14
CA VAL B 240 2.49 13.60 -8.71
C VAL B 240 1.98 15.03 -8.70
N GLU B 241 2.31 15.77 -7.65
CA GLU B 241 1.89 17.16 -7.55
C GLU B 241 2.67 18.05 -8.51
N MET B 242 1.94 18.88 -9.26
CA MET B 242 2.54 19.83 -10.17
C MET B 242 1.92 21.18 -9.87
N ILE B 243 2.56 22.27 -10.26
CA ILE B 243 1.96 23.59 -10.14
C ILE B 243 1.33 24.01 -11.46
N TYR B 244 -0.01 23.98 -11.48
CA TYR B 244 -0.76 24.47 -12.62
C TYR B 244 -1.86 25.38 -12.15
N PRO B 245 -2.07 26.50 -12.86
CA PRO B 245 -3.25 27.31 -12.56
C PRO B 245 -4.52 26.49 -12.82
N PRO B 246 -5.58 26.73 -12.02
CA PRO B 246 -6.79 25.90 -11.94
C PRO B 246 -7.48 25.66 -13.29
N HIS B 247 -7.31 26.59 -14.21
CA HIS B 247 -8.01 26.52 -15.49
C HIS B 247 -7.36 25.53 -16.48
N ILE B 248 -6.23 24.93 -16.11
CA ILE B 248 -5.56 23.97 -16.98
C ILE B 248 -6.22 22.62 -16.91
N PRO B 249 -6.70 22.13 -18.07
CA PRO B 249 -7.43 20.86 -18.17
C PRO B 249 -6.59 19.64 -17.81
N GLU B 250 -7.21 18.68 -17.17
CA GLU B 250 -6.48 17.54 -16.61
C GLU B 250 -5.55 16.86 -17.59
N ASN B 251 -5.86 16.93 -18.88
CA ASN B 251 -5.08 16.23 -19.90
C ASN B 251 -3.87 17.03 -20.34
N LEU B 252 -3.73 18.25 -19.83
CA LEU B 252 -2.59 19.10 -20.20
C LEU B 252 -1.67 19.27 -19.00
N GLN B 253 -2.10 18.71 -17.88
CA GLN B 253 -1.29 18.76 -16.66
C GLN B 253 -0.25 17.67 -16.69
N PHE B 254 0.88 17.98 -17.32
CA PHE B 254 1.97 17.04 -17.40
C PHE B 254 2.69 16.90 -16.06
N ALA B 255 3.06 15.67 -15.74
CA ALA B 255 3.80 15.36 -14.53
C ALA B 255 5.28 15.09 -14.84
N VAL B 256 6.15 15.86 -14.22
CA VAL B 256 7.58 15.67 -14.42
C VAL B 256 8.30 15.84 -13.10
N GLY B 257 9.61 15.61 -13.13
CA GLY B 257 10.38 15.64 -11.92
C GLY B 257 10.19 16.90 -11.11
N GLN B 258 10.14 18.04 -11.80
CA GLN B 258 10.15 19.35 -11.17
C GLN B 258 8.78 19.95 -11.28
N GLU B 259 8.22 20.31 -10.12
CA GLU B 259 6.81 20.68 -10.03
C GLU B 259 6.47 21.98 -10.80
N VAL B 260 7.49 22.70 -11.19
CA VAL B 260 7.24 24.01 -11.75
C VAL B 260 7.36 23.98 -13.28
N PHE B 261 7.81 22.86 -13.81
CA PHE B 261 8.15 22.84 -15.23
C PHE B 261 6.95 22.95 -16.16
N GLY B 262 5.74 22.83 -15.63
CA GLY B 262 4.56 22.85 -16.49
C GLY B 262 4.24 24.27 -16.84
N LEU B 263 4.97 25.18 -16.20
CA LEU B 263 4.67 26.61 -16.25
C LEU B 263 5.20 27.28 -17.53
N VAL B 264 6.23 26.70 -18.14
CA VAL B 264 6.81 27.24 -19.35
C VAL B 264 7.03 26.13 -20.38
N PRO B 265 6.47 26.28 -21.59
CA PRO B 265 6.59 25.27 -22.64
C PRO B 265 8.03 24.98 -23.05
N GLY B 266 8.93 25.91 -22.77
CA GLY B 266 10.36 25.70 -23.00
C GLY B 266 10.88 24.64 -22.05
N LEU B 267 10.41 24.69 -20.83
CA LEU B 267 10.80 23.72 -19.83
C LEU B 267 10.24 22.36 -20.22
N MET B 268 8.96 22.34 -20.55
CA MET B 268 8.30 21.08 -20.84
C MET B 268 8.94 20.43 -22.07
N MET B 269 9.47 21.27 -22.95
CA MET B 269 10.18 20.78 -24.12
C MET B 269 11.38 19.92 -23.67
N TYR B 270 12.24 20.51 -22.84
CA TYR B 270 13.40 19.77 -22.36
C TYR B 270 12.98 18.63 -21.47
N ALA B 271 11.95 18.82 -20.67
CA ALA B 271 11.47 17.77 -19.79
C ALA B 271 11.12 16.55 -20.63
N THR B 272 10.51 16.79 -21.78
CA THR B 272 10.06 15.73 -22.67
C THR B 272 11.27 15.08 -23.34
N ILE B 273 12.22 15.91 -23.79
CA ILE B 273 13.43 15.39 -24.45
C ILE B 273 14.21 14.46 -23.52
N TRP B 274 14.34 14.86 -22.24
CA TRP B 274 15.11 14.07 -21.28
C TRP B 274 14.35 12.85 -20.83
N LEU B 275 13.03 12.95 -20.71
CA LEU B 275 12.22 11.75 -20.45
C LEU B 275 12.43 10.72 -21.57
N ARG B 276 12.37 11.16 -22.83
CA ARG B 276 12.60 10.23 -23.95
C ARG B 276 13.99 9.62 -23.87
N GLU B 277 14.97 10.47 -23.56
CA GLU B 277 16.37 10.02 -23.47
C GLU B 277 16.52 8.91 -22.42
N HIS B 278 15.90 9.07 -21.26
CA HIS B 278 16.01 8.08 -20.22
C HIS B 278 15.48 6.72 -20.70
N ASN B 279 14.30 6.71 -21.30
CA ASN B 279 13.69 5.46 -21.75
C ASN B 279 14.50 4.87 -22.90
N ARG B 280 15.07 5.76 -23.70
CA ARG B 280 15.94 5.34 -24.77
C ARG B 280 17.14 4.57 -24.17
N VAL B 281 17.80 5.17 -23.18
CA VAL B 281 18.94 4.49 -22.57
C VAL B 281 18.52 3.16 -21.96
N CYS B 282 17.30 3.09 -21.42
CA CYS B 282 16.78 1.83 -20.89
C CYS B 282 16.78 0.72 -21.94
N ASP B 283 16.33 1.04 -23.14
CA ASP B 283 16.25 0.04 -24.18
C ASP B 283 17.66 -0.42 -24.49
N ILE B 284 18.59 0.52 -24.48
CA ILE B 284 19.97 0.18 -24.77
C ILE B 284 20.50 -0.75 -23.69
N LEU B 285 20.27 -0.40 -22.45
CA LEU B 285 20.74 -1.22 -21.34
C LEU B 285 20.08 -2.60 -21.32
N LYS B 286 18.80 -2.68 -21.62
CA LYS B 286 18.12 -3.99 -21.61
C LYS B 286 18.77 -4.89 -22.65
N GLN B 287 19.00 -4.31 -23.82
CA GLN B 287 19.63 -5.00 -24.92
C GLN B 287 20.93 -5.60 -24.42
N GLU B 288 21.72 -4.83 -23.68
CA GLU B 288 23.02 -5.31 -23.18
C GLU B 288 22.84 -6.25 -21.99
N HIS B 289 21.70 -6.09 -21.32
CA HIS B 289 21.51 -6.76 -20.04
C HIS B 289 20.10 -7.36 -19.91
N PRO B 290 19.86 -8.43 -20.68
CA PRO B 290 18.57 -9.06 -20.55
C PRO B 290 18.36 -9.66 -19.15
N GLU B 291 19.46 -9.80 -18.38
CA GLU B 291 19.41 -10.37 -17.00
C GLU B 291 18.94 -9.37 -15.98
N TRP B 292 18.90 -8.11 -16.38
CA TRP B 292 18.71 -7.04 -15.42
C TRP B 292 17.25 -6.77 -15.15
N GLY B 293 16.95 -6.42 -13.90
CA GLY B 293 15.58 -6.09 -13.49
C GLY B 293 15.27 -4.62 -13.68
N ASP B 294 14.04 -4.26 -13.42
CA ASP B 294 13.58 -2.89 -13.55
C ASP B 294 14.41 -1.88 -12.71
N GLU B 295 14.72 -2.21 -11.46
CA GLU B 295 15.44 -1.26 -10.61
C GLU B 295 16.79 -0.91 -11.25
N GLN B 296 17.56 -1.94 -11.58
CA GLN B 296 18.91 -1.72 -11.98
C GLN B 296 18.90 -0.98 -13.30
N LEU B 297 17.98 -1.31 -14.18
CA LEU B 297 17.93 -0.61 -15.46
C LEU B 297 17.65 0.85 -15.20
N PHE B 298 16.74 1.14 -14.26
CA PHE B 298 16.36 2.50 -13.98
C PHE B 298 17.52 3.29 -13.40
N GLN B 299 18.16 2.73 -12.38
CA GLN B 299 19.21 3.46 -11.64
C GLN B 299 20.38 3.69 -12.59
N THR B 300 20.73 2.66 -13.34
CA THR B 300 21.89 2.77 -14.22
C THR B 300 21.60 3.88 -15.21
N SER B 301 20.40 3.88 -15.77
CA SER B 301 20.03 4.87 -16.77
C SER B 301 20.21 6.25 -16.17
N ARG B 302 19.73 6.41 -14.94
CA ARG B 302 19.86 7.68 -14.25
C ARG B 302 21.32 8.08 -14.13
N LEU B 303 22.17 7.14 -13.74
CA LEU B 303 23.60 7.46 -13.63
C LEU B 303 24.13 7.96 -14.97
N ILE B 304 23.71 7.33 -16.06
CA ILE B 304 24.14 7.71 -17.41
C ILE B 304 23.65 9.12 -17.79
N LEU B 305 22.38 9.42 -17.55
CA LEU B 305 21.85 10.76 -17.87
C LEU B 305 22.53 11.85 -17.03
N ILE B 306 22.95 11.52 -15.81
CA ILE B 306 23.71 12.50 -15.03
C ILE B 306 25.02 12.76 -15.77
N GLY B 307 25.64 11.70 -16.27
CA GLY B 307 26.90 11.84 -17.04
C GLY B 307 26.68 12.65 -18.32
N GLU B 308 25.66 12.30 -19.06
CA GLU B 308 25.35 13.03 -20.27
C GLU B 308 25.19 14.52 -19.93
N THR B 309 24.43 14.80 -18.89
CA THR B 309 24.13 16.18 -18.52
C THR B 309 25.40 16.95 -18.20
N ILE B 310 26.32 16.34 -17.48
CA ILE B 310 27.59 16.99 -17.15
C ILE B 310 28.43 17.23 -18.39
N LYS B 311 28.44 16.24 -19.28
CA LYS B 311 29.14 16.33 -20.55
C LYS B 311 28.63 17.50 -21.40
N ILE B 312 27.32 17.55 -21.58
CA ILE B 312 26.73 18.52 -22.48
C ILE B 312 26.91 19.92 -21.93
N VAL B 313 26.87 20.02 -20.60
CA VAL B 313 27.00 21.32 -19.97
C VAL B 313 28.41 21.81 -20.19
N ILE B 314 29.39 20.97 -19.96
CA ILE B 314 30.76 21.45 -20.09
C ILE B 314 31.14 21.67 -21.56
N GLU B 315 30.82 20.71 -22.43
CA GLU B 315 31.41 20.73 -23.76
C GLU B 315 30.58 21.50 -24.78
N ASP B 316 29.30 21.72 -24.49
CA ASP B 316 28.45 22.48 -25.41
C ASP B 316 27.99 23.80 -24.81
N TYR B 317 27.42 23.72 -23.61
CA TYR B 317 26.83 24.84 -22.92
C TYR B 317 27.89 25.84 -22.46
N VAL B 318 28.72 25.46 -21.50
CA VAL B 318 29.77 26.38 -21.04
C VAL B 318 30.68 26.76 -22.20
N GLN B 319 30.97 25.79 -23.07
CA GLN B 319 31.78 26.04 -24.25
C GLN B 319 31.28 27.26 -24.98
N HIS B 320 29.98 27.26 -25.30
CA HIS B 320 29.38 28.33 -26.09
C HIS B 320 29.36 29.65 -25.32
N LEU B 321 29.17 29.55 -24.00
CA LEU B 321 29.09 30.74 -23.14
C LEU B 321 30.43 31.43 -23.12
N SER B 322 31.47 30.59 -22.97
CA SER B 322 32.84 31.06 -22.75
C SER B 322 33.36 31.86 -23.93
N GLY B 323 32.99 31.43 -25.12
CA GLY B 323 33.53 31.98 -26.39
C GLY B 323 34.97 31.57 -26.60
N TYR B 324 35.44 30.61 -25.81
CA TYR B 324 36.82 30.17 -25.88
C TYR B 324 37.05 29.43 -27.19
N HIS B 325 38.28 29.54 -27.70
CA HIS B 325 38.68 28.79 -28.89
C HIS B 325 39.21 27.44 -28.43
N PHE B 326 39.64 27.38 -27.18
CA PHE B 326 40.03 26.12 -26.57
C PHE B 326 38.79 25.28 -26.36
N LYS B 327 38.90 24.01 -26.74
CA LYS B 327 37.78 23.07 -26.68
C LYS B 327 37.76 22.44 -25.31
N LEU B 328 36.79 22.86 -24.50
CA LEU B 328 36.64 22.38 -23.15
C LEU B 328 36.40 20.88 -23.15
N LYS B 329 36.83 20.19 -22.09
CA LYS B 329 36.69 18.73 -22.03
C LYS B 329 36.11 18.24 -20.70
N PHE B 330 35.18 17.29 -20.79
CA PHE B 330 34.67 16.61 -19.60
C PHE B 330 35.48 15.34 -19.41
N ASP B 331 36.38 15.36 -18.44
CA ASP B 331 37.24 14.22 -18.19
C ASP B 331 37.58 14.18 -16.71
N PRO B 332 36.82 13.40 -15.93
CA PRO B 332 37.10 13.28 -14.52
C PRO B 332 38.56 12.91 -14.21
N GLU B 333 39.21 12.17 -15.11
CA GLU B 333 40.57 11.65 -14.82
C GLU B 333 41.56 12.76 -14.55
N LEU B 334 41.26 13.94 -15.07
CA LEU B 334 42.13 15.08 -14.95
C LEU B 334 42.25 15.56 -13.51
N LEU B 335 41.35 15.12 -12.63
CA LEU B 335 41.40 15.55 -11.23
C LEU B 335 41.91 14.44 -10.30
N PHE B 336 42.25 13.30 -10.90
CA PHE B 336 42.61 12.08 -10.15
C PHE B 336 43.93 12.16 -9.40
N ASN B 337 44.91 12.86 -9.96
CA ASN B 337 46.15 13.03 -9.23
C ASN B 337 46.23 14.45 -8.67
N GLN B 338 45.07 14.97 -8.31
CA GLN B 338 44.93 16.34 -7.91
C GLN B 338 44.13 16.39 -6.61
N GLN B 339 44.28 17.48 -5.85
CA GLN B 339 43.52 17.66 -4.61
C GLN B 339 42.16 18.28 -4.92
N PHE B 340 41.09 17.62 -4.49
CA PHE B 340 39.75 18.05 -4.88
C PHE B 340 38.69 17.35 -4.07
N GLN B 341 37.66 18.08 -3.69
CA GLN B 341 36.60 17.54 -2.85
C GLN B 341 35.39 17.17 -3.68
N TYR B 342 35.11 15.87 -3.76
CA TYR B 342 33.92 15.40 -4.48
C TYR B 342 32.70 15.61 -3.59
N GLN B 343 32.27 16.85 -3.53
CA GLN B 343 31.12 17.23 -2.72
C GLN B 343 30.81 18.68 -3.06
N ASN B 344 29.55 19.08 -2.92
CA ASN B 344 29.14 20.41 -3.28
C ASN B 344 27.99 20.91 -2.43
N ARG B 345 27.91 22.23 -2.37
CA ARG B 345 26.81 22.87 -1.71
C ARG B 345 26.47 24.12 -2.50
N ILE B 346 25.20 24.30 -2.80
CA ILE B 346 24.78 25.38 -3.68
C ILE B 346 24.83 26.67 -2.89
N ALA B 347 25.52 27.65 -3.47
CA ALA B 347 25.69 28.94 -2.84
C ALA B 347 24.59 29.87 -3.30
N SER B 348 24.03 30.61 -2.33
CA SER B 348 23.00 31.60 -2.58
C SER B 348 23.42 32.55 -3.70
N GLU B 349 24.68 32.95 -3.69
CA GLU B 349 25.17 33.93 -4.66
C GLU B 349 25.20 33.33 -6.06
N PHE B 350 25.49 32.04 -6.15
CA PHE B 350 25.41 31.35 -7.44
C PHE B 350 23.98 31.48 -7.98
N ASN B 351 23.01 31.16 -7.14
CA ASN B 351 21.61 31.30 -7.47
C ASN B 351 21.32 32.70 -7.96
N THR B 352 21.71 33.69 -7.18
CA THR B 352 21.41 35.08 -7.55
C THR B 352 22.03 35.44 -8.90
N LEU B 353 23.31 35.13 -9.09
CA LEU B 353 24.01 35.58 -10.29
C LEU B 353 23.42 34.92 -11.53
N TYR B 354 22.64 33.87 -11.33
CA TYR B 354 22.17 33.03 -12.42
C TYR B 354 20.74 33.42 -12.85
N HIS B 355 20.22 34.49 -12.27
CA HIS B 355 18.92 35.02 -12.69
C HIS B 355 19.09 35.77 -14.00
N TRP B 356 19.19 34.98 -15.09
CA TRP B 356 19.51 35.50 -16.42
C TRP B 356 18.28 35.90 -17.23
N HIS B 357 17.35 36.58 -16.60
CA HIS B 357 16.08 36.92 -17.23
C HIS B 357 16.22 37.85 -18.44
N PRO B 358 17.29 38.62 -18.52
CA PRO B 358 17.48 39.38 -19.76
C PRO B 358 17.53 38.48 -21.01
N LEU B 359 17.84 37.20 -20.82
CA LEU B 359 17.93 36.27 -21.95
C LEU B 359 16.63 36.29 -22.74
N LEU B 360 15.55 36.48 -22.00
CA LEU B 360 14.22 36.29 -22.55
C LEU B 360 13.86 37.37 -23.54
N PRO B 361 13.19 36.97 -24.63
CA PRO B 361 12.83 37.88 -25.72
C PRO B 361 11.49 38.54 -25.46
N ASP B 362 11.10 39.46 -26.34
CA ASP B 362 9.85 40.18 -26.20
C ASP B 362 8.70 39.27 -26.55
N THR B 363 8.92 38.39 -27.53
CA THR B 363 7.97 37.35 -27.87
C THR B 363 8.65 36.00 -28.12
N PHE B 364 7.90 34.93 -27.98
CA PHE B 364 8.43 33.61 -28.27
C PHE B 364 7.94 33.16 -29.63
N ASN B 365 8.87 32.98 -30.54
CA ASN B 365 8.51 32.78 -31.93
C ASN B 365 8.64 31.33 -32.35
N ILE B 366 7.50 30.69 -32.57
CA ILE B 366 7.46 29.30 -33.00
C ILE B 366 6.73 29.22 -34.32
N GLU B 367 7.38 28.63 -35.33
CA GLU B 367 6.84 28.58 -36.68
C GLU B 367 6.41 29.97 -37.15
N ASP B 368 5.12 30.10 -37.38
CA ASP B 368 4.54 31.34 -37.87
C ASP B 368 4.29 32.29 -36.71
N GLN B 369 3.99 31.74 -35.53
CA GLN B 369 3.44 32.52 -34.42
C GLN B 369 4.46 33.34 -33.64
N GLU B 370 3.94 34.40 -33.02
CA GLU B 370 4.71 35.20 -32.09
C GLU B 370 3.91 35.33 -30.81
N TYR B 371 4.25 34.51 -29.82
CA TYR B 371 3.50 34.47 -28.58
C TYR B 371 4.03 35.45 -27.57
N SER B 372 3.10 36.16 -26.96
CA SER B 372 3.40 37.08 -25.88
C SER B 372 3.67 36.25 -24.63
N PHE B 373 4.26 36.88 -23.63
CA PHE B 373 4.44 36.20 -22.35
C PHE B 373 3.12 35.61 -21.85
N LYS B 374 2.08 36.45 -21.90
CA LYS B 374 0.79 36.06 -21.39
C LYS B 374 0.34 34.76 -22.09
N GLN B 375 0.57 34.67 -23.39
CA GLN B 375 0.07 33.52 -24.16
C GLN B 375 0.95 32.29 -23.94
N PHE B 376 2.24 32.51 -23.67
CA PHE B 376 3.22 31.43 -23.63
C PHE B 376 3.17 30.67 -22.30
N LEU B 377 3.02 31.39 -21.20
CA LEU B 377 3.09 30.78 -19.88
C LEU B 377 1.90 29.86 -19.58
N TYR B 378 2.22 28.74 -18.96
CA TYR B 378 1.28 27.68 -18.63
C TYR B 378 0.46 27.20 -19.83
N ASN B 379 0.98 27.40 -21.02
CA ASN B 379 0.24 26.98 -22.19
C ASN B 379 0.97 25.86 -22.90
N ASN B 380 0.67 24.62 -22.52
CA ASN B 380 1.31 23.47 -23.14
C ASN B 380 0.71 23.05 -24.50
N SER B 381 -0.48 23.58 -24.81
CA SER B 381 -1.09 23.34 -26.12
C SER B 381 -0.07 23.71 -27.16
N ILE B 382 0.57 24.84 -26.92
CA ILE B 382 1.52 25.39 -27.87
C ILE B 382 2.51 24.30 -28.21
N LEU B 383 2.92 23.56 -27.19
CA LEU B 383 3.85 22.45 -27.40
C LEU B 383 3.18 21.37 -28.24
N LEU B 384 2.03 20.87 -27.79
CA LEU B 384 1.31 19.84 -28.56
C LEU B 384 0.96 20.30 -29.97
N GLU B 385 0.71 21.60 -30.10
CA GLU B 385 0.32 22.17 -31.38
C GLU B 385 1.46 22.00 -32.41
N HIS B 386 2.64 22.50 -32.07
CA HIS B 386 3.74 22.54 -33.02
C HIS B 386 4.60 21.28 -32.95
N GLY B 387 4.68 20.68 -31.78
CA GLY B 387 5.52 19.51 -31.58
C GLY B 387 6.97 19.85 -31.29
N LEU B 388 7.69 18.86 -30.78
CA LEU B 388 9.06 19.04 -30.35
C LEU B 388 9.95 19.53 -31.49
N THR B 389 9.80 18.91 -32.67
CA THR B 389 10.65 19.20 -33.82
C THR B 389 10.59 20.66 -34.18
N GLN B 390 9.37 21.14 -34.34
CA GLN B 390 9.15 22.54 -34.69
C GLN B 390 9.64 23.47 -33.54
N PHE B 391 9.49 23.02 -32.30
CA PHE B 391 10.01 23.82 -31.17
C PHE B 391 11.54 23.95 -31.30
N VAL B 392 12.20 22.83 -31.54
CA VAL B 392 13.65 22.84 -31.63
C VAL B 392 14.10 23.69 -32.81
N GLU B 393 13.50 23.49 -33.98
CA GLU B 393 13.89 24.30 -35.14
C GLU B 393 13.74 25.80 -34.84
N SER B 394 12.60 26.16 -34.26
CA SER B 394 12.27 27.57 -33.99
C SER B 394 13.18 28.19 -32.94
N PHE B 395 13.42 27.45 -31.87
CA PHE B 395 14.17 27.99 -30.76
C PHE B 395 15.65 28.07 -31.11
N THR B 396 16.07 27.24 -32.07
CA THR B 396 17.44 27.25 -32.57
C THR B 396 17.68 28.54 -33.35
N ARG B 397 16.62 29.05 -33.98
CA ARG B 397 16.71 30.28 -34.79
C ARG B 397 16.54 31.58 -34.01
N GLN B 398 15.79 31.56 -32.91
CA GLN B 398 15.46 32.81 -32.24
C GLN B 398 16.55 33.22 -31.27
N ILE B 399 17.06 34.42 -31.47
CA ILE B 399 18.15 34.93 -30.64
C ILE B 399 17.69 35.33 -29.24
N ALA B 400 18.58 35.08 -28.28
CA ALA B 400 18.36 35.38 -26.89
C ALA B 400 18.94 36.75 -26.55
N GLY B 401 18.55 37.30 -25.40
CA GLY B 401 19.00 38.62 -24.99
C GLY B 401 20.31 38.64 -24.24
N ARG B 402 21.03 39.76 -24.36
CA ARG B 402 22.27 40.01 -23.62
C ARG B 402 22.00 40.22 -22.14
N VAL B 403 22.81 39.59 -21.29
CA VAL B 403 22.55 39.65 -19.87
C VAL B 403 23.21 40.87 -19.21
N ALA B 404 24.51 41.07 -19.42
CA ALA B 404 25.16 42.29 -18.96
C ALA B 404 24.93 43.46 -19.94
N GLY B 405 25.47 44.64 -19.65
CA GLY B 405 25.34 45.80 -20.55
C GLY B 405 24.17 46.70 -20.21
N GLY B 406 23.33 46.19 -19.32
CA GLY B 406 22.22 46.96 -18.76
C GLY B 406 20.97 47.02 -19.62
N ARG B 407 19.87 47.39 -18.97
CA ARG B 407 18.60 47.71 -19.62
C ARG B 407 18.10 46.64 -20.57
N ASN B 408 17.95 45.42 -20.09
CA ASN B 408 17.50 44.35 -20.92
C ASN B 408 16.63 43.33 -20.22
N VAL B 409 16.12 43.66 -19.05
CA VAL B 409 15.16 42.80 -18.37
C VAL B 409 13.80 43.07 -18.96
N PRO B 410 13.15 42.06 -19.53
CA PRO B 410 11.81 42.23 -20.11
C PRO B 410 10.83 42.73 -19.08
N ILE B 411 10.01 43.70 -19.45
CA ILE B 411 9.02 44.27 -18.52
C ILE B 411 8.08 43.18 -17.96
N ALA B 412 7.75 42.21 -18.81
CA ALA B 412 6.82 41.15 -18.46
C ALA B 412 7.27 40.49 -17.19
N VAL B 413 8.53 40.63 -16.85
CA VAL B 413 9.11 39.89 -15.74
C VAL B 413 9.82 40.81 -14.73
N GLN B 414 9.45 42.08 -14.73
CA GLN B 414 10.05 43.03 -13.81
C GLN B 414 9.88 42.63 -12.35
N ALA B 415 8.74 42.06 -11.98
CA ALA B 415 8.55 41.69 -10.58
C ALA B 415 9.66 40.74 -10.10
N VAL B 416 10.14 39.89 -10.99
CA VAL B 416 11.17 38.92 -10.67
C VAL B 416 12.52 39.61 -10.48
N ALA B 417 12.75 40.68 -11.24
CA ALA B 417 13.99 41.42 -11.14
C ALA B 417 14.01 42.27 -9.85
N LYS B 418 12.85 42.78 -9.47
CA LYS B 418 12.74 43.55 -8.23
C LYS B 418 12.99 42.65 -7.04
N ALA B 419 12.42 41.45 -7.09
CA ALA B 419 12.58 40.47 -6.03
C ALA B 419 14.07 40.09 -5.91
N SER B 420 14.75 40.00 -7.03
CA SER B 420 16.15 39.62 -6.98
C SER B 420 16.91 40.66 -6.18
N ILE B 421 16.53 41.91 -6.38
CA ILE B 421 17.15 43.00 -5.64
C ILE B 421 16.74 42.92 -4.17
N ASP B 422 15.44 42.87 -3.92
CA ASP B 422 14.91 42.95 -2.56
C ASP B 422 15.35 41.77 -1.73
N GLN B 423 15.36 40.58 -2.33
CA GLN B 423 15.72 39.38 -1.59
C GLN B 423 17.20 39.29 -1.31
N SER B 424 18.02 39.90 -2.17
CA SER B 424 19.46 40.03 -1.89
C SER B 424 19.68 40.79 -0.61
N ARG B 425 18.96 41.88 -0.46
CA ARG B 425 19.09 42.76 0.71
C ARG B 425 18.57 42.03 1.91
N GLU B 426 17.41 41.38 1.74
CA GLU B 426 16.80 40.59 2.80
C GLU B 426 17.84 39.60 3.35
N MET B 427 18.69 39.08 2.48
CA MET B 427 19.63 38.03 2.87
C MET B 427 20.94 38.63 3.35
N LYS B 428 20.97 39.95 3.37
CA LYS B 428 22.11 40.73 3.87
C LYS B 428 23.39 40.46 3.07
N TYR B 429 23.25 40.45 1.75
CA TYR B 429 24.42 40.34 0.89
C TYR B 429 25.38 41.51 1.14
N GLN B 430 26.66 41.22 1.18
CA GLN B 430 27.66 42.27 1.15
C GLN B 430 27.67 42.91 -0.25
N SER B 431 28.51 43.95 -0.41
CA SER B 431 28.49 44.78 -1.60
C SER B 431 29.18 44.12 -2.78
N LEU B 432 28.92 44.70 -3.94
CA LEU B 432 29.56 44.25 -5.17
C LEU B 432 31.04 44.10 -4.98
N ASN B 433 31.65 45.15 -4.43
CA ASN B 433 33.13 45.17 -4.32
C ASN B 433 33.67 44.16 -3.32
N GLU B 434 32.93 43.93 -2.25
CA GLU B 434 33.34 42.89 -1.31
C GLU B 434 33.41 41.57 -2.06
N TYR B 435 32.40 41.33 -2.91
CA TYR B 435 32.33 40.07 -3.67
C TYR B 435 33.42 40.02 -4.72
N ARG B 436 33.74 41.17 -5.31
CA ARG B 436 34.83 41.21 -6.27
C ARG B 436 36.12 40.86 -5.57
N LYS B 437 36.33 41.47 -4.42
CA LYS B 437 37.51 41.21 -3.65
C LYS B 437 37.61 39.74 -3.29
N ARG B 438 36.50 39.15 -2.91
CA ARG B 438 36.40 37.76 -2.50
C ARG B 438 36.74 36.78 -3.63
N PHE B 439 36.61 37.25 -4.84
CA PHE B 439 36.96 36.45 -5.97
C PHE B 439 38.16 36.95 -6.69
N SER B 440 39.09 37.56 -5.95
CA SER B 440 40.40 37.95 -6.48
C SER B 440 40.31 38.96 -7.60
N LEU B 441 39.28 39.80 -7.55
CA LEU B 441 39.06 40.83 -8.55
C LEU B 441 39.29 42.18 -7.92
N LYS B 442 39.69 43.15 -8.75
CA LYS B 442 40.02 44.49 -8.31
C LYS B 442 38.77 45.32 -8.18
N PRO B 443 38.53 45.89 -6.99
CA PRO B 443 37.33 46.66 -6.78
C PRO B 443 37.14 47.70 -7.85
N TYR B 444 35.89 47.99 -8.17
CA TYR B 444 35.60 49.09 -9.08
C TYR B 444 35.73 50.39 -8.31
N THR B 445 36.33 51.39 -8.96
CA THR B 445 36.71 52.65 -8.34
C THR B 445 35.70 53.74 -8.69
N SER B 446 34.84 53.43 -9.66
CA SER B 446 33.74 54.33 -10.05
C SER B 446 32.66 53.58 -10.79
N PHE B 447 31.46 54.14 -10.81
CA PHE B 447 30.34 53.54 -11.50
C PHE B 447 30.60 53.46 -12.99
N GLU B 448 31.34 54.41 -13.51
CA GLU B 448 31.63 54.44 -14.95
C GLU B 448 32.58 53.31 -15.33
N GLU B 449 33.40 52.88 -14.37
CA GLU B 449 34.31 51.78 -14.62
C GLU B 449 33.49 50.48 -14.66
N LEU B 450 32.41 50.45 -13.89
CA LEU B 450 31.54 49.30 -13.82
C LEU B 450 30.77 49.14 -15.13
N THR B 451 30.14 50.21 -15.60
CA THR B 451 29.26 50.12 -16.76
C THR B 451 30.01 50.28 -18.06
N GLY B 452 31.12 51.03 -18.02
CA GLY B 452 31.86 51.34 -19.24
C GLY B 452 31.18 52.39 -20.10
N GLU B 453 30.16 53.04 -19.53
CA GLU B 453 29.48 54.11 -20.24
C GLU B 453 29.17 55.24 -19.26
N LYS B 454 28.36 56.22 -19.64
CA LYS B 454 28.16 57.39 -18.76
C LYS B 454 26.77 57.49 -18.20
N GLU B 455 25.77 57.17 -19.00
CA GLU B 455 24.38 57.47 -18.62
C GLU B 455 23.88 56.64 -17.43
N MET B 456 24.04 55.33 -17.53
CA MET B 456 23.59 54.43 -16.46
C MET B 456 24.43 54.67 -15.22
N ALA B 457 25.73 54.88 -15.43
CA ALA B 457 26.64 55.24 -14.36
C ALA B 457 26.12 56.43 -13.57
N ALA B 458 25.71 57.47 -14.26
CA ALA B 458 25.26 58.71 -13.62
C ALA B 458 24.02 58.47 -12.79
N GLU B 459 23.13 57.63 -13.31
CA GLU B 459 21.90 57.27 -12.59
C GLU B 459 22.27 56.48 -11.35
N LEU B 460 23.16 55.52 -11.51
CA LEU B 460 23.57 54.68 -10.40
C LEU B 460 24.25 55.54 -9.35
N LYS B 461 25.14 56.42 -9.78
CA LYS B 461 25.84 57.29 -8.86
C LYS B 461 24.83 58.14 -8.05
N ALA B 462 23.83 58.70 -8.72
CA ALA B 462 22.83 59.52 -8.06
C ALA B 462 22.05 58.71 -7.02
N LEU B 463 21.97 57.40 -7.22
CA LEU B 463 21.17 56.54 -6.37
C LEU B 463 21.96 56.02 -5.19
N TYR B 464 23.19 55.58 -5.45
CA TYR B 464 24.04 54.91 -4.44
C TYR B 464 25.14 55.79 -3.86
N SER B 465 25.51 56.85 -4.59
CA SER B 465 26.54 57.82 -4.13
C SER B 465 27.96 57.26 -4.15
N ASP B 466 28.14 56.10 -3.52
CA ASP B 466 29.45 55.48 -3.39
C ASP B 466 29.52 54.11 -4.08
N ILE B 467 30.47 53.95 -4.99
CA ILE B 467 30.64 52.71 -5.73
C ILE B 467 30.77 51.55 -4.77
N ASP B 468 31.36 51.80 -3.60
CA ASP B 468 31.68 50.73 -2.63
C ASP B 468 30.43 50.21 -1.94
N VAL B 469 29.28 50.80 -2.30
CA VAL B 469 27.99 50.44 -1.71
C VAL B 469 27.09 49.80 -2.76
N MET B 470 27.55 49.80 -3.99
CA MET B 470 26.80 49.20 -5.10
C MET B 470 26.54 47.72 -4.86
N GLU B 471 25.36 47.25 -5.28
CA GLU B 471 24.93 45.87 -4.99
C GLU B 471 25.31 44.88 -6.07
N LEU B 472 25.54 43.65 -5.64
CA LEU B 472 26.00 42.64 -6.54
C LEU B 472 25.01 42.44 -7.70
N TYR B 473 23.75 42.16 -7.39
CA TYR B 473 22.85 41.65 -8.44
C TYR B 473 22.68 42.62 -9.59
N PRO B 474 22.33 43.88 -9.29
CA PRO B 474 22.13 44.87 -10.33
C PRO B 474 23.43 45.11 -11.07
N ALA B 475 24.53 45.06 -10.34
CA ALA B 475 25.83 45.33 -10.95
C ALA B 475 26.05 44.30 -12.05
N LEU B 476 25.62 43.08 -11.77
CA LEU B 476 25.83 41.98 -12.67
C LEU B 476 25.18 42.29 -14.02
N LEU B 477 23.94 42.76 -13.98
CA LEU B 477 23.15 43.00 -15.20
C LEU B 477 23.50 44.31 -15.89
N VAL B 478 24.33 45.11 -15.27
CA VAL B 478 24.60 46.48 -15.72
C VAL B 478 26.08 46.61 -16.16
N GLU B 479 26.87 45.62 -15.79
CA GLU B 479 28.32 45.65 -15.98
C GLU B 479 28.75 45.76 -17.42
N LYS B 480 29.91 46.38 -17.64
CA LYS B 480 30.49 46.44 -18.96
C LYS B 480 30.80 45.03 -19.36
N PRO B 481 30.23 44.59 -20.48
CA PRO B 481 30.48 43.25 -20.95
C PRO B 481 31.88 43.09 -21.46
N ARG B 482 32.47 41.91 -21.30
CA ARG B 482 33.63 41.54 -22.10
C ARG B 482 33.31 41.82 -23.56
N PRO B 483 34.33 42.03 -24.39
CA PRO B 483 34.15 42.36 -25.80
C PRO B 483 33.23 41.39 -26.54
N ASP B 484 32.10 41.93 -27.00
CA ASP B 484 31.13 41.14 -27.75
C ASP B 484 30.66 39.91 -26.97
N ALA B 485 30.81 39.97 -25.65
CA ALA B 485 30.43 38.85 -24.79
C ALA B 485 29.06 39.10 -24.13
N ILE B 486 28.48 38.02 -23.62
CA ILE B 486 27.17 38.05 -23.01
C ILE B 486 27.23 38.58 -21.56
N PHE B 487 28.36 38.38 -20.90
CA PHE B 487 28.54 38.78 -19.51
C PHE B 487 29.69 39.76 -19.33
N GLY B 488 29.70 40.38 -18.16
CA GLY B 488 30.84 41.14 -17.70
C GLY B 488 31.73 40.27 -16.84
N GLU B 489 32.85 40.83 -16.43
CA GLU B 489 33.90 40.10 -15.69
C GLU B 489 33.40 39.47 -14.38
N THR B 490 32.59 40.21 -13.63
CA THR B 490 32.15 39.76 -12.31
C THR B 490 31.31 38.48 -12.46
N MET B 491 30.35 38.50 -13.37
CA MET B 491 29.55 37.33 -13.60
C MET B 491 30.41 36.11 -13.88
N VAL B 492 31.40 36.25 -14.75
CA VAL B 492 32.23 35.12 -15.14
C VAL B 492 33.04 34.61 -13.96
N GLU B 493 33.73 35.53 -13.30
CA GLU B 493 34.67 35.13 -12.25
C GLU B 493 34.01 34.58 -10.99
N LEU B 494 32.80 35.02 -10.68
CA LEU B 494 32.00 34.40 -9.62
C LEU B 494 31.34 33.11 -10.12
N GLY B 495 30.90 33.11 -11.36
CA GLY B 495 30.07 32.02 -11.85
C GLY B 495 30.86 30.76 -12.14
N ALA B 496 32.02 30.92 -12.76
CA ALA B 496 32.80 29.78 -13.26
C ALA B 496 33.14 28.81 -12.15
N PRO B 497 33.59 29.31 -11.00
CA PRO B 497 34.01 28.47 -9.88
C PRO B 497 32.88 27.65 -9.26
N PHE B 498 31.73 28.29 -9.02
CA PHE B 498 30.55 27.59 -8.53
C PHE B 498 30.11 26.56 -9.54
N SER B 499 30.18 26.91 -10.82
CA SER B 499 29.66 26.04 -11.89
C SER B 499 30.49 24.76 -12.00
N LEU B 500 31.81 24.91 -12.06
CA LEU B 500 32.71 23.77 -12.22
C LEU B 500 32.74 22.89 -10.97
N LYS B 501 32.54 23.49 -9.82
CA LYS B 501 32.50 22.71 -8.59
C LYS B 501 31.27 21.79 -8.58
N GLY B 502 30.14 22.30 -9.05
CA GLY B 502 28.90 21.54 -9.05
C GLY B 502 28.92 20.47 -10.13
N LEU B 503 29.62 20.74 -11.21
CA LEU B 503 29.76 19.79 -12.30
C LEU B 503 30.73 18.67 -11.87
N MET B 504 31.93 19.05 -11.45
CA MET B 504 32.99 18.06 -11.18
C MET B 504 32.87 17.42 -9.80
N GLY B 505 32.20 18.11 -8.87
CA GLY B 505 32.02 17.62 -7.50
C GLY B 505 31.08 16.44 -7.37
N ASN B 506 30.20 16.29 -8.35
CA ASN B 506 29.31 15.14 -8.40
C ASN B 506 30.08 13.85 -8.19
N PRO B 507 29.52 12.95 -7.40
CA PRO B 507 30.21 11.68 -7.13
C PRO B 507 30.52 10.79 -8.34
N ILE B 508 29.80 10.85 -9.44
CA ILE B 508 30.12 9.96 -10.57
C ILE B 508 31.49 10.31 -11.15
N CYS B 509 32.05 11.43 -10.72
CA CYS B 509 33.35 11.89 -11.20
C CYS B 509 34.47 11.38 -10.33
N SER B 510 34.08 10.73 -9.23
CA SER B 510 35.05 10.21 -8.27
C SER B 510 35.66 8.93 -8.85
N PRO B 511 36.90 8.64 -8.48
CA PRO B 511 37.59 7.51 -9.03
C PRO B 511 36.77 6.22 -8.91
N GLN B 512 36.20 5.97 -7.72
CA GLN B 512 35.48 4.71 -7.52
C GLN B 512 34.21 4.63 -8.39
N TYR B 513 33.76 5.76 -8.92
CA TYR B 513 32.56 5.78 -9.75
C TYR B 513 32.88 5.82 -11.27
N TRP B 514 33.98 6.48 -11.64
CA TRP B 514 34.19 6.84 -13.02
C TRP B 514 34.81 5.70 -13.81
N LYS B 515 33.99 4.68 -14.03
CA LYS B 515 34.45 3.49 -14.66
C LYS B 515 33.26 2.77 -15.26
N PRO B 516 33.50 2.01 -16.34
CA PRO B 516 32.47 1.42 -17.18
C PRO B 516 31.34 0.71 -16.45
N SER B 517 31.67 -0.09 -15.46
CA SER B 517 30.66 -0.93 -14.83
C SER B 517 29.67 -0.09 -14.05
N THR B 518 30.08 1.10 -13.64
CA THR B 518 29.15 1.97 -12.95
C THR B 518 27.97 2.25 -13.84
N PHE B 519 28.23 2.30 -15.13
CA PHE B 519 27.21 2.66 -16.12
C PHE B 519 26.74 1.47 -16.98
N GLY B 520 26.96 0.26 -16.48
CA GLY B 520 26.45 -0.94 -17.14
C GLY B 520 27.30 -1.43 -18.31
N GLY B 521 28.58 -1.04 -18.33
CA GLY B 521 29.52 -1.51 -19.33
C GLY B 521 29.99 -0.42 -20.25
N GLU B 522 30.80 -0.80 -21.24
CA GLU B 522 31.44 0.18 -22.13
C GLU B 522 30.40 0.90 -23.01
N VAL B 523 29.30 0.23 -23.30
CA VAL B 523 28.26 0.81 -24.14
C VAL B 523 27.53 1.94 -23.39
N GLY B 524 27.27 1.72 -22.11
CA GLY B 524 26.74 2.80 -21.25
C GLY B 524 27.71 3.97 -21.07
N PHE B 525 28.97 3.64 -20.85
CA PHE B 525 30.01 4.64 -20.64
C PHE B 525 30.12 5.53 -21.89
N LYS B 526 30.02 4.91 -23.06
CA LYS B 526 30.17 5.61 -24.33
C LYS B 526 29.05 6.62 -24.55
N ILE B 527 27.87 6.33 -24.01
CA ILE B 527 26.74 7.25 -24.15
C ILE B 527 27.10 8.57 -23.48
N ILE B 528 27.77 8.47 -22.35
CA ILE B 528 28.20 9.66 -21.65
C ILE B 528 29.28 10.36 -22.44
N ASN B 529 30.32 9.61 -22.77
CA ASN B 529 31.50 10.22 -23.39
C ASN B 529 31.27 10.75 -24.81
N THR B 530 30.18 10.35 -25.45
CA THR B 530 29.85 10.89 -26.77
C THR B 530 28.66 11.82 -26.77
N ALA B 531 28.01 12.00 -25.62
CA ALA B 531 26.83 12.83 -25.54
C ALA B 531 27.12 14.29 -25.96
N SER B 532 26.13 14.92 -26.60
CA SER B 532 26.21 16.32 -27.01
C SER B 532 24.80 16.88 -27.15
N ILE B 533 24.68 18.20 -27.13
CA ILE B 533 23.35 18.76 -27.26
C ILE B 533 22.77 18.28 -28.57
N GLN B 534 23.59 18.14 -29.60
CA GLN B 534 23.03 17.70 -30.89
C GLN B 534 22.52 16.27 -30.80
N SER B 535 23.28 15.34 -30.26
CA SER B 535 22.82 13.97 -30.26
C SER B 535 21.59 13.79 -29.40
N LEU B 536 21.58 14.52 -28.29
CA LEU B 536 20.45 14.45 -27.38
C LEU B 536 19.19 14.74 -28.18
N ILE B 537 19.20 15.85 -28.90
CA ILE B 537 18.01 16.23 -29.62
C ILE B 537 17.82 15.28 -30.79
N CYS B 538 18.92 14.97 -31.49
CA CYS B 538 18.85 14.08 -32.66
C CYS B 538 18.19 12.74 -32.31
N ASN B 539 18.61 12.14 -31.19
CA ASN B 539 18.11 10.80 -30.78
C ASN B 539 16.65 10.80 -30.33
N ASN B 540 16.13 11.99 -30.04
CA ASN B 540 14.88 12.07 -29.28
C ASN B 540 13.85 12.94 -29.95
N VAL B 541 14.26 13.76 -30.90
CA VAL B 541 13.29 14.54 -31.66
C VAL B 541 13.14 13.97 -33.08
N LYS B 542 11.90 14.00 -33.59
CA LYS B 542 11.61 13.43 -34.90
C LYS B 542 12.23 14.26 -36.00
N GLY B 543 12.83 13.57 -36.97
CA GLY B 543 13.41 14.21 -38.13
C GLY B 543 14.80 14.69 -37.78
N CYS B 544 15.28 14.19 -36.65
CA CYS B 544 16.58 14.57 -36.12
C CYS B 544 17.01 16.00 -36.53
N PRO B 545 16.22 17.01 -36.11
CA PRO B 545 16.46 18.41 -36.45
C PRO B 545 17.80 18.87 -36.00
N PHE B 546 18.48 19.65 -36.83
CA PHE B 546 19.69 20.29 -36.39
C PHE B 546 19.38 21.33 -35.29
N THR B 547 20.23 21.35 -34.27
CA THR B 547 20.18 22.37 -33.22
C THR B 547 21.58 22.71 -32.73
N SER B 548 21.66 23.79 -31.98
CA SER B 548 22.90 24.29 -31.38
C SER B 548 22.52 25.37 -30.36
N PHE B 549 23.51 25.94 -29.68
CA PHE B 549 23.21 26.91 -28.63
C PHE B 549 23.32 28.33 -29.09
N ASN B 550 23.65 28.51 -30.37
CA ASN B 550 23.64 29.84 -30.95
C ASN B 550 23.09 29.85 -32.36
N VAL B 551 22.52 31.01 -32.71
CA VAL B 551 21.90 31.19 -34.02
C VAL B 551 23.01 31.17 -35.05
N GLN B 552 23.19 30.01 -35.67
CA GLN B 552 24.46 29.66 -36.35
C GLN B 552 25.15 30.80 -37.12
N ALA C 1 -61.89 -3.98 -8.14
CA ALA C 1 -62.51 -4.72 -7.00
C ALA C 1 -61.62 -4.62 -5.77
N ASN C 2 -60.33 -4.95 -5.95
CA ASN C 2 -59.34 -4.94 -4.86
C ASN C 2 -59.36 -3.61 -4.08
N PRO C 3 -59.76 -3.66 -2.80
CA PRO C 3 -59.78 -2.47 -1.96
C PRO C 3 -58.44 -1.74 -1.88
N CYS C 4 -57.38 -2.42 -2.27
CA CYS C 4 -56.00 -1.90 -2.19
C CYS C 4 -55.57 -1.23 -3.45
N CYS C 5 -56.48 -1.13 -4.40
CA CYS C 5 -56.18 -0.57 -5.71
C CYS C 5 -55.77 0.88 -5.62
N SER C 6 -56.26 1.59 -4.60
CA SER C 6 -55.96 3.00 -4.43
C SER C 6 -54.58 3.23 -3.80
N ASN C 7 -53.97 2.15 -3.32
CA ASN C 7 -52.68 2.23 -2.60
C ASN C 7 -52.86 3.01 -1.31
N PRO C 8 -53.88 2.65 -0.52
CA PRO C 8 -54.28 3.40 0.65
C PRO C 8 -53.13 3.57 1.63
N CYS C 9 -52.43 2.48 1.92
CA CYS C 9 -51.37 2.48 2.93
C CYS C 9 -50.16 3.28 2.47
N GLN C 10 -49.74 4.21 3.32
CA GLN C 10 -48.55 5.02 3.10
C GLN C 10 -47.41 4.58 4.00
N ASN C 11 -46.27 5.24 3.80
CA ASN C 11 -45.07 5.01 4.61
C ASN C 11 -44.66 3.55 4.69
N ARG C 12 -44.83 2.84 3.56
CA ARG C 12 -44.45 1.43 3.43
C ARG C 12 -45.41 0.46 4.09
N GLY C 13 -46.47 0.96 4.69
CA GLY C 13 -47.48 0.05 5.20
C GLY C 13 -47.90 -0.89 4.09
N GLU C 14 -48.22 -2.14 4.45
CA GLU C 14 -48.66 -3.09 3.45
C GLU C 14 -50.15 -3.23 3.44
N CYS C 15 -50.73 -3.20 2.24
CA CYS C 15 -52.16 -3.28 2.10
C CYS C 15 -52.58 -4.72 1.91
N MET C 16 -53.57 -5.14 2.71
CA MET C 16 -54.10 -6.48 2.65
C MET C 16 -55.60 -6.36 2.63
N SER C 17 -56.23 -7.15 1.78
CA SER C 17 -57.68 -7.15 1.67
C SER C 17 -58.30 -7.99 2.78
N THR C 18 -59.27 -7.43 3.48
CA THR C 18 -59.97 -8.17 4.53
C THR C 18 -61.46 -8.29 4.24
N GLY C 19 -61.82 -9.01 3.19
CA GLY C 19 -63.19 -9.00 2.67
C GLY C 19 -63.23 -8.26 1.33
N PHE C 20 -64.28 -8.47 0.55
CA PHE C 20 -64.33 -7.98 -0.85
C PHE C 20 -64.17 -6.47 -0.98
N ASP C 21 -64.52 -5.77 0.09
CA ASP C 21 -64.69 -4.33 0.04
C ASP C 21 -63.88 -3.62 1.11
N GLN C 22 -63.28 -4.35 2.05
CA GLN C 22 -62.45 -3.69 3.05
C GLN C 22 -60.99 -4.07 2.91
N TYR C 23 -60.15 -3.29 3.59
CA TYR C 23 -58.72 -3.51 3.55
C TYR C 23 -58.14 -3.18 4.89
N LYS C 24 -56.90 -3.59 5.08
CA LYS C 24 -56.19 -3.24 6.30
C LYS C 24 -54.72 -3.00 5.97
N CYS C 25 -54.12 -2.06 6.70
CA CYS C 25 -52.72 -1.75 6.52
C CYS C 25 -51.92 -2.31 7.67
N ASP C 26 -50.85 -3.01 7.33
CA ASP C 26 -49.92 -3.48 8.33
C ASP C 26 -48.82 -2.46 8.45
N CYS C 27 -48.74 -1.81 9.60
CA CYS C 27 -47.80 -0.70 9.77
C CYS C 27 -46.55 -1.11 10.54
N THR C 28 -46.43 -2.41 10.84
CA THR C 28 -45.26 -2.92 11.53
C THR C 28 -43.98 -2.22 11.13
N ARG C 29 -43.33 -1.59 12.09
CA ARG C 29 -42.00 -1.06 11.90
C ARG C 29 -41.89 0.06 10.89
N THR C 30 -43.03 0.60 10.47
CA THR C 30 -43.01 1.74 9.54
C THR C 30 -42.71 3.04 10.25
N GLY C 31 -43.03 3.12 11.52
CA GLY C 31 -42.85 4.37 12.27
C GLY C 31 -44.14 5.18 12.34
N PHE C 32 -45.21 4.63 11.75
CA PHE C 32 -46.52 5.27 11.77
C PHE C 32 -47.60 4.27 12.20
N TYR C 33 -48.75 4.80 12.62
CA TYR C 33 -49.93 3.97 12.85
C TYR C 33 -51.17 4.63 12.26
N GLY C 34 -52.33 4.06 12.53
CA GLY C 34 -53.58 4.58 11.96
C GLY C 34 -54.08 3.71 10.82
N GLU C 35 -55.32 3.90 10.40
CA GLU C 35 -55.92 3.04 9.38
C GLU C 35 -55.02 2.94 8.12
N ASN C 36 -54.25 3.99 7.86
CA ASN C 36 -53.49 4.13 6.61
C ASN C 36 -51.98 4.38 6.86
N CYS C 37 -51.53 4.14 8.08
CA CYS C 37 -50.12 4.36 8.46
C CYS C 37 -49.67 5.78 8.15
N THR C 38 -50.50 6.76 8.53
CA THR C 38 -50.21 8.18 8.26
C THR C 38 -49.97 9.01 9.53
N THR C 39 -50.29 8.44 10.68
CA THR C 39 -50.03 9.11 11.96
C THR C 39 -48.66 8.70 12.49
N PRO C 40 -47.74 9.67 12.61
CA PRO C 40 -46.36 9.39 13.04
C PRO C 40 -46.23 9.13 14.53
N GLU C 41 -45.32 8.25 14.89
CA GLU C 41 -44.99 8.03 16.28
C GLU C 41 -44.07 9.13 16.72
N PHE C 42 -44.10 9.42 18.01
CA PHE C 42 -43.35 10.54 18.56
C PHE C 42 -41.91 10.51 18.02
N LEU C 43 -41.20 9.40 18.22
CA LEU C 43 -39.82 9.33 17.77
C LEU C 43 -39.73 9.65 16.26
N THR C 44 -40.79 9.33 15.52
CA THR C 44 -40.80 9.51 14.07
C THR C 44 -40.87 10.98 13.71
N ARG C 45 -41.54 11.79 14.54
CA ARG C 45 -41.71 13.23 14.25
C ARG C 45 -40.41 14.00 14.40
N ILE C 46 -39.61 13.60 15.38
CA ILE C 46 -38.27 14.17 15.54
C ILE C 46 -37.49 14.00 14.25
N LYS C 47 -37.38 12.73 13.85
CA LYS C 47 -36.65 12.35 12.65
C LYS C 47 -37.15 13.13 11.45
N LEU C 48 -38.47 13.26 11.33
CA LEU C 48 -39.08 13.96 10.18
C LEU C 48 -38.81 15.47 10.19
N LEU C 49 -38.36 16.00 11.33
CA LEU C 49 -37.98 17.42 11.43
C LEU C 49 -36.46 17.63 11.35
N LEU C 50 -35.70 16.61 11.77
CA LEU C 50 -34.23 16.67 11.70
C LEU C 50 -33.70 16.01 10.43
N LYS C 51 -34.58 15.85 9.45
CA LYS C 51 -34.21 15.21 8.19
C LYS C 51 -34.22 16.22 7.05
N PRO C 52 -33.03 16.54 6.53
CA PRO C 52 -32.92 17.44 5.39
C PRO C 52 -33.47 16.79 4.13
N THR C 53 -33.99 17.58 3.21
CA THR C 53 -34.44 17.05 1.95
C THR C 53 -33.24 16.60 1.10
N PRO C 54 -33.49 15.68 0.16
CA PRO C 54 -32.39 15.21 -0.70
C PRO C 54 -31.79 16.36 -1.50
N ASN C 55 -32.63 17.32 -1.88
CA ASN C 55 -32.17 18.49 -2.65
C ASN C 55 -31.25 19.40 -1.81
N THR C 56 -31.46 19.43 -0.50
CA THR C 56 -30.55 20.13 0.42
C THR C 56 -29.22 19.40 0.49
N VAL C 57 -29.29 18.10 0.77
CA VAL C 57 -28.08 17.28 0.91
C VAL C 57 -27.23 17.36 -0.36
N HIS C 58 -27.88 17.23 -1.52
CA HIS C 58 -27.16 17.32 -2.80
C HIS C 58 -26.43 18.65 -2.90
N TYR C 59 -27.12 19.71 -2.47
CA TYR C 59 -26.54 21.05 -2.49
C TYR C 59 -25.25 21.08 -1.67
N ILE C 60 -25.28 20.45 -0.50
CA ILE C 60 -24.12 20.45 0.39
C ILE C 60 -22.98 19.62 -0.20
N LEU C 61 -23.33 18.54 -0.92
CA LEU C 61 -22.31 17.68 -1.54
C LEU C 61 -21.67 18.35 -2.77
N THR C 62 -22.34 19.34 -3.35
CA THR C 62 -21.85 19.95 -4.58
C THR C 62 -21.42 21.39 -4.39
N HIS C 63 -21.34 21.84 -3.15
CA HIS C 63 -20.77 23.15 -2.84
C HIS C 63 -19.70 23.04 -1.76
N PHE C 64 -19.25 24.20 -1.25
CA PHE C 64 -18.20 24.26 -0.23
C PHE C 64 -17.00 23.46 -0.66
N LYS C 65 -16.60 23.65 -1.91
CA LYS C 65 -15.47 22.91 -2.51
C LYS C 65 -14.23 22.93 -1.60
N GLY C 66 -14.05 24.04 -0.89
CA GLY C 66 -12.88 24.20 -0.01
C GLY C 66 -12.92 23.24 1.17
N VAL C 67 -14.09 23.13 1.81
CA VAL C 67 -14.25 22.25 2.96
C VAL C 67 -14.07 20.78 2.58
N TRP C 68 -14.67 20.37 1.46
CA TRP C 68 -14.57 18.98 0.99
C TRP C 68 -13.14 18.66 0.65
N ASN C 69 -12.41 19.68 0.22
CA ASN C 69 -11.01 19.50 -0.09
C ASN C 69 -10.20 19.07 1.14
N ILE C 70 -10.62 19.57 2.31
CA ILE C 70 -9.98 19.24 3.57
C ILE C 70 -10.43 17.86 4.04
N VAL C 71 -11.75 17.62 3.97
CA VAL C 71 -12.32 16.33 4.35
C VAL C 71 -11.74 15.19 3.51
N ASN C 72 -11.60 15.42 2.21
CA ASN C 72 -11.08 14.40 1.33
C ASN C 72 -9.68 13.98 1.68
N ASN C 73 -9.00 14.77 2.53
CA ASN C 73 -7.60 14.50 2.87
C ASN C 73 -7.38 14.09 4.33
N ILE C 74 -8.48 13.98 5.08
CA ILE C 74 -8.46 13.39 6.42
C ILE C 74 -9.12 12.01 6.38
N PRO C 75 -8.31 10.97 6.17
CA PRO C 75 -8.78 9.61 5.90
C PRO C 75 -9.90 9.14 6.81
N PHE C 76 -9.85 9.52 8.07
CA PHE C 76 -10.87 9.06 8.99
C PHE C 76 -12.22 9.77 8.77
N LEU C 77 -12.18 11.00 8.26
CA LEU C 77 -13.42 11.76 7.96
C LEU C 77 -14.02 11.26 6.65
N ARG C 78 -13.15 11.13 5.65
CA ARG C 78 -13.57 10.58 4.39
C ARG C 78 -14.26 9.25 4.62
N SER C 79 -13.71 8.45 5.54
CA SER C 79 -14.29 7.14 5.85
C SER C 79 -15.64 7.28 6.54
N LEU C 80 -15.74 8.22 7.47
CA LEU C 80 -16.98 8.44 8.21
C LEU C 80 -18.10 8.91 7.26
N ILE C 81 -17.75 9.71 6.26
CA ILE C 81 -18.73 10.28 5.34
C ILE C 81 -19.24 9.22 4.35
N MET C 82 -18.31 8.44 3.79
CA MET C 82 -18.66 7.42 2.80
C MET C 82 -19.54 6.38 3.47
N LYS C 83 -19.23 6.11 4.74
CA LYS C 83 -19.98 5.15 5.52
C LYS C 83 -21.41 5.63 5.65
N TYR C 84 -21.58 6.94 5.77
CA TYR C 84 -22.92 7.49 5.89
C TYR C 84 -23.63 7.39 4.54
N VAL C 85 -22.92 7.65 3.45
CA VAL C 85 -23.57 7.64 2.13
C VAL C 85 -23.98 6.21 1.80
N LEU C 86 -23.15 5.26 2.23
CA LEU C 86 -23.46 3.84 2.08
C LEU C 86 -24.72 3.43 2.86
N THR C 87 -24.73 3.71 4.15
CA THR C 87 -25.79 3.20 5.04
C THR C 87 -27.11 3.96 5.00
N SER C 88 -27.08 5.26 4.71
CA SER C 88 -28.29 6.09 4.77
C SER C 88 -29.31 5.54 3.81
N ARG C 89 -28.82 5.00 2.71
CA ARG C 89 -29.69 4.51 1.63
C ARG C 89 -30.20 3.07 1.87
N SER C 90 -29.42 2.28 2.59
CA SER C 90 -29.73 0.85 2.76
C SER C 90 -31.20 0.58 2.96
N TYR C 91 -31.81 1.32 3.87
CA TYR C 91 -33.17 1.04 4.34
C TYR C 91 -34.22 1.16 3.23
N LEU C 92 -33.80 1.62 2.05
CA LEU C 92 -34.76 1.88 0.97
C LEU C 92 -34.98 0.65 0.08
N ILE C 93 -34.17 -0.38 0.27
CA ILE C 93 -34.25 -1.57 -0.58
C ILE C 93 -34.63 -2.78 0.23
N ASP C 94 -35.62 -3.52 -0.24
CA ASP C 94 -36.03 -4.73 0.45
C ASP C 94 -35.00 -5.82 0.16
N SER C 95 -34.41 -6.38 1.21
CA SER C 95 -33.43 -7.42 1.01
C SER C 95 -33.44 -8.29 2.25
N PRO C 96 -33.88 -9.55 2.12
CA PRO C 96 -34.29 -10.25 0.90
C PRO C 96 -35.34 -9.51 0.11
N PRO C 97 -35.38 -9.72 -1.21
CA PRO C 97 -36.35 -9.14 -2.13
C PRO C 97 -37.75 -9.64 -1.89
N THR C 98 -38.73 -8.88 -2.35
CA THR C 98 -40.12 -9.19 -2.06
C THR C 98 -40.88 -9.45 -3.34
N TYR C 99 -41.37 -8.40 -3.97
CA TYR C 99 -42.39 -8.57 -5.01
C TYR C 99 -41.79 -8.80 -6.40
N ASN C 100 -42.65 -9.15 -7.35
CA ASN C 100 -42.26 -9.14 -8.77
C ASN C 100 -43.47 -8.96 -9.71
N VAL C 101 -43.24 -9.01 -11.01
CA VAL C 101 -44.31 -8.69 -11.96
C VAL C 101 -45.62 -9.44 -11.71
N HIS C 102 -45.53 -10.66 -11.19
CA HIS C 102 -46.71 -11.50 -10.97
C HIS C 102 -47.21 -11.55 -9.53
N TYR C 103 -46.47 -11.00 -8.57
CA TYR C 103 -46.83 -11.12 -7.16
C TYR C 103 -46.83 -9.80 -6.41
N GLY C 104 -48.03 -9.44 -5.97
CA GLY C 104 -48.29 -8.16 -5.29
C GLY C 104 -48.38 -8.38 -3.80
N TYR C 105 -48.07 -9.61 -3.42
CA TYR C 105 -47.95 -9.99 -2.02
C TYR C 105 -46.76 -10.94 -1.96
N LYS C 106 -46.07 -10.98 -0.83
CA LYS C 106 -44.96 -11.90 -0.72
C LYS C 106 -45.38 -13.33 -0.89
N SER C 107 -44.58 -14.07 -1.63
CA SER C 107 -44.79 -15.47 -1.80
C SER C 107 -43.43 -16.15 -1.89
N TRP C 108 -43.40 -17.46 -1.66
CA TRP C 108 -42.16 -18.18 -1.81
C TRP C 108 -41.74 -18.25 -3.28
N GLU C 109 -42.70 -18.18 -4.18
CA GLU C 109 -42.40 -18.18 -5.60
C GLU C 109 -41.65 -16.88 -5.93
N ALA C 110 -42.14 -15.78 -5.38
CA ALA C 110 -41.54 -14.47 -5.65
C ALA C 110 -40.16 -14.42 -5.09
N PHE C 111 -39.98 -14.92 -3.88
CA PHE C 111 -38.64 -14.93 -3.34
C PHE C 111 -37.71 -15.91 -4.09
N SER C 112 -38.19 -17.09 -4.44
CA SER C 112 -37.24 -18.11 -4.84
C SER C 112 -36.91 -18.10 -6.32
N ASN C 113 -37.79 -17.56 -7.16
CA ASN C 113 -37.61 -17.68 -8.61
C ASN C 113 -36.63 -16.62 -9.12
N LEU C 114 -35.43 -17.08 -9.45
CA LEU C 114 -34.36 -16.17 -9.77
C LEU C 114 -34.50 -15.52 -11.15
N SER C 115 -35.45 -16.00 -11.97
CA SER C 115 -35.65 -15.53 -13.37
C SER C 115 -36.40 -14.20 -13.46
N TYR C 116 -36.97 -13.77 -12.34
CA TYR C 116 -37.76 -12.55 -12.28
C TYR C 116 -36.89 -11.37 -11.86
N TYR C 117 -37.10 -10.22 -12.49
CA TYR C 117 -36.61 -9.01 -11.89
C TYR C 117 -37.47 -8.83 -10.66
N THR C 118 -36.87 -8.34 -9.57
CA THR C 118 -37.69 -8.04 -8.40
C THR C 118 -38.37 -6.69 -8.60
N ARG C 119 -39.22 -6.30 -7.66
CA ARG C 119 -39.98 -5.05 -7.79
C ARG C 119 -39.92 -4.21 -6.53
N ALA C 120 -39.57 -2.94 -6.66
CA ALA C 120 -39.52 -2.06 -5.49
C ALA C 120 -40.93 -1.71 -4.99
N LEU C 121 -41.87 -1.65 -5.92
CA LEU C 121 -43.28 -1.50 -5.61
C LEU C 121 -44.06 -2.58 -6.34
N PRO C 122 -45.07 -3.15 -5.66
CA PRO C 122 -45.84 -4.21 -6.24
C PRO C 122 -46.60 -3.72 -7.45
N PRO C 123 -46.90 -4.63 -8.38
CA PRO C 123 -47.75 -4.23 -9.50
C PRO C 123 -49.14 -3.81 -9.03
N VAL C 124 -49.81 -3.05 -9.88
CA VAL C 124 -51.22 -2.75 -9.75
C VAL C 124 -52.00 -4.02 -10.10
N ALA C 125 -52.86 -4.43 -9.18
CA ALA C 125 -53.61 -5.67 -9.35
C ALA C 125 -54.35 -5.70 -10.68
N ASP C 126 -54.44 -6.88 -11.27
CA ASP C 126 -55.03 -7.04 -12.60
C ASP C 126 -56.46 -6.56 -12.67
N ASP C 127 -57.16 -6.53 -11.55
CA ASP C 127 -58.58 -6.19 -11.61
C ASP C 127 -58.86 -4.83 -10.99
N CYS C 128 -57.86 -3.97 -10.99
CA CYS C 128 -58.09 -2.57 -10.63
C CYS C 128 -58.76 -1.86 -11.80
N PRO C 129 -59.61 -0.87 -11.52
CA PRO C 129 -60.39 -0.23 -12.59
C PRO C 129 -59.56 0.63 -13.54
N THR C 130 -58.40 1.09 -13.09
CA THR C 130 -57.52 1.88 -13.95
C THR C 130 -56.11 1.35 -13.92
N PRO C 131 -55.30 1.79 -14.88
CA PRO C 131 -53.93 1.28 -14.99
C PRO C 131 -53.10 1.69 -13.81
N MET C 132 -53.35 2.88 -13.28
CA MET C 132 -52.59 3.38 -12.12
C MET C 132 -53.24 3.02 -10.79
N GLY C 133 -54.34 2.28 -10.86
CA GLY C 133 -55.10 1.88 -9.66
C GLY C 133 -56.56 2.26 -9.76
N VAL C 134 -56.89 3.41 -9.18
CA VAL C 134 -58.25 3.99 -9.26
C VAL C 134 -58.26 5.35 -9.96
N LYS C 135 -57.11 6.01 -10.05
CA LYS C 135 -57.03 7.33 -10.66
C LYS C 135 -56.83 7.23 -12.17
N GLY C 136 -57.14 8.32 -12.85
CA GLY C 136 -56.93 8.42 -14.29
C GLY C 136 -58.03 7.83 -15.14
N ASN C 137 -57.77 7.68 -16.44
CA ASN C 137 -58.77 7.14 -17.37
C ASN C 137 -58.54 5.66 -17.61
N LYS C 138 -59.52 4.99 -18.20
CA LYS C 138 -59.48 3.54 -18.39
C LYS C 138 -58.18 3.12 -19.05
N GLU C 139 -57.57 4.05 -19.80
CA GLU C 139 -56.29 3.79 -20.45
C GLU C 139 -55.38 4.98 -20.37
N LEU C 140 -54.09 4.70 -20.30
CA LEU C 140 -53.09 5.74 -20.32
C LEU C 140 -53.04 6.39 -21.72
N PRO C 141 -52.43 7.58 -21.81
CA PRO C 141 -52.27 8.26 -23.07
C PRO C 141 -51.47 7.48 -24.09
N ASP C 142 -51.82 7.66 -25.34
CA ASP C 142 -51.07 7.11 -26.45
C ASP C 142 -49.57 7.20 -26.18
N SER C 143 -48.90 6.06 -26.12
CA SER C 143 -47.50 6.08 -25.77
C SER C 143 -46.74 6.88 -26.83
N LYS C 144 -47.13 6.68 -28.09
CA LYS C 144 -46.50 7.40 -29.22
C LYS C 144 -46.63 8.91 -29.04
N GLU C 145 -47.75 9.34 -28.50
CA GLU C 145 -48.01 10.75 -28.34
C GLU C 145 -47.08 11.36 -27.33
N VAL C 146 -46.80 10.58 -26.29
CA VAL C 146 -45.95 11.02 -25.21
C VAL C 146 -44.54 11.03 -25.73
N LEU C 147 -44.21 9.98 -26.46
CA LEU C 147 -42.90 9.84 -27.12
C LEU C 147 -42.59 11.09 -27.91
N GLU C 148 -43.46 11.37 -28.88
CA GLU C 148 -43.25 12.45 -29.83
C GLU C 148 -43.32 13.82 -29.21
N LYS C 149 -44.18 14.00 -28.22
CA LYS C 149 -44.42 15.33 -27.70
C LYS C 149 -43.32 15.79 -26.73
N VAL C 150 -42.88 14.91 -25.84
CA VAL C 150 -41.93 15.35 -24.82
C VAL C 150 -40.64 14.55 -24.76
N LEU C 151 -40.52 13.49 -25.56
CA LEU C 151 -39.28 12.67 -25.48
C LEU C 151 -38.30 12.80 -26.64
N LEU C 152 -38.79 12.93 -27.85
CA LEU C 152 -37.92 12.98 -29.03
C LEU C 152 -37.11 14.26 -29.13
N ARG C 153 -35.86 14.08 -29.52
CA ARG C 153 -34.91 15.15 -29.67
C ARG C 153 -35.19 15.96 -30.91
N ARG C 154 -35.31 17.27 -30.73
CA ARG C 154 -35.29 18.21 -31.84
C ARG C 154 -33.84 18.58 -32.05
N GLU C 155 -33.30 19.33 -31.09
CA GLU C 155 -31.88 19.66 -31.11
C GLU C 155 -31.14 18.85 -30.04
N PHE C 156 -29.91 18.46 -30.34
CA PHE C 156 -29.09 17.73 -29.39
C PHE C 156 -28.82 18.60 -28.17
N ILE C 157 -29.19 18.13 -26.99
CA ILE C 157 -28.95 18.87 -25.75
C ILE C 157 -27.80 18.22 -25.00
N PRO C 158 -26.65 18.89 -24.97
CA PRO C 158 -25.49 18.24 -24.37
C PRO C 158 -25.60 18.21 -22.85
N ASP C 159 -25.00 17.18 -22.25
CA ASP C 159 -24.95 17.05 -20.82
C ASP C 159 -24.06 18.15 -20.23
N PRO C 160 -24.63 18.93 -19.32
CA PRO C 160 -23.88 20.01 -18.71
C PRO C 160 -22.77 19.53 -17.79
N GLN C 161 -22.81 18.26 -17.37
CA GLN C 161 -21.72 17.67 -16.58
C GLN C 161 -20.55 17.20 -17.47
N GLY C 162 -20.70 17.34 -18.78
CA GLY C 162 -19.60 17.02 -19.71
C GLY C 162 -19.29 15.53 -19.82
N SER C 163 -20.26 14.71 -19.44
CA SER C 163 -20.21 13.27 -19.68
C SER C 163 -19.86 13.05 -21.14
N ASN C 164 -19.07 12.03 -21.41
CA ASN C 164 -18.66 11.75 -22.78
C ASN C 164 -19.05 10.34 -23.21
N MET C 165 -18.61 9.95 -24.40
CA MET C 165 -18.95 8.63 -24.94
C MET C 165 -18.25 7.51 -24.18
N MET C 166 -17.08 7.78 -23.63
CA MET C 166 -16.40 6.78 -22.84
C MET C 166 -17.30 6.44 -21.69
N PHE C 167 -18.02 7.45 -21.19
CA PHE C 167 -18.94 7.24 -20.10
C PHE C 167 -20.16 6.50 -20.60
N ALA C 168 -20.79 7.03 -21.65
CA ALA C 168 -22.02 6.43 -22.17
C ALA C 168 -21.82 4.94 -22.36
N PHE C 169 -20.78 4.56 -23.10
CA PHE C 169 -20.57 3.15 -23.45
C PHE C 169 -20.14 2.31 -22.27
N PHE C 170 -19.55 2.94 -21.26
CA PHE C 170 -19.22 2.24 -20.05
C PHE C 170 -20.49 1.82 -19.33
N ALA C 171 -21.49 2.71 -19.33
CA ALA C 171 -22.74 2.46 -18.58
C ALA C 171 -23.48 1.33 -19.31
N GLN C 172 -23.48 1.39 -20.63
CA GLN C 172 -24.17 0.36 -21.42
C GLN C 172 -23.51 -0.99 -21.21
N HIS C 173 -22.18 -0.97 -21.28
CA HIS C 173 -21.38 -2.18 -21.14
C HIS C 173 -21.56 -2.77 -19.76
N PHE C 174 -21.32 -1.95 -18.74
CA PHE C 174 -21.38 -2.38 -17.36
C PHE C 174 -22.80 -2.85 -17.02
N THR C 175 -23.79 -2.02 -17.31
CA THR C 175 -25.17 -2.34 -16.88
C THR C 175 -25.68 -3.57 -17.61
N HIS C 176 -25.14 -3.85 -18.79
CA HIS C 176 -25.69 -4.94 -19.59
C HIS C 176 -25.23 -6.33 -19.16
N GLN C 177 -24.56 -6.38 -18.03
CA GLN C 177 -24.26 -7.67 -17.41
C GLN C 177 -25.39 -8.06 -16.51
N PHE C 178 -26.09 -7.09 -15.93
CA PHE C 178 -27.20 -7.43 -15.04
C PHE C 178 -28.61 -7.03 -15.54
N PHE C 179 -28.66 -6.28 -16.63
CA PHE C 179 -29.89 -6.05 -17.35
C PHE C 179 -29.83 -6.92 -18.61
N LYS C 180 -30.55 -8.03 -18.59
CA LYS C 180 -30.59 -8.96 -19.70
C LYS C 180 -31.98 -9.55 -19.78
N THR C 181 -32.90 -8.75 -20.27
CA THR C 181 -34.27 -9.15 -20.23
C THR C 181 -34.48 -10.37 -21.12
N ASP C 182 -35.18 -11.36 -20.59
CA ASP C 182 -35.52 -12.57 -21.34
C ASP C 182 -36.84 -12.35 -22.04
N HIS C 183 -36.77 -11.83 -23.26
CA HIS C 183 -37.97 -11.42 -24.00
C HIS C 183 -38.91 -12.60 -24.39
N LYS C 184 -38.40 -13.83 -24.35
CA LYS C 184 -39.26 -14.97 -24.63
C LYS C 184 -40.30 -15.08 -23.52
N ARG C 185 -39.86 -14.84 -22.29
CA ARG C 185 -40.77 -14.92 -21.14
C ARG C 185 -41.58 -13.64 -20.95
N GLY C 186 -40.93 -12.51 -21.14
CA GLY C 186 -41.56 -11.22 -20.90
C GLY C 186 -40.63 -10.22 -20.23
N PRO C 187 -40.99 -8.95 -20.27
CA PRO C 187 -40.20 -7.78 -19.85
C PRO C 187 -39.76 -7.83 -18.38
N GLY C 188 -40.51 -8.55 -17.56
CA GLY C 188 -40.27 -8.62 -16.12
C GLY C 188 -39.39 -9.81 -15.75
N PHE C 189 -38.78 -10.42 -16.75
CA PHE C 189 -37.86 -11.56 -16.53
C PHE C 189 -36.44 -11.30 -17.03
N THR C 190 -35.48 -11.96 -16.39
CA THR C 190 -34.08 -11.70 -16.64
C THR C 190 -33.28 -12.97 -16.94
N ARG C 191 -32.24 -12.83 -17.75
CA ARG C 191 -31.31 -13.93 -18.02
C ARG C 191 -30.05 -13.79 -17.17
N GLY C 192 -30.00 -12.73 -16.38
CA GLY C 192 -28.86 -12.45 -15.51
C GLY C 192 -29.07 -13.03 -14.14
N LEU C 193 -28.94 -14.34 -14.05
CA LEU C 193 -29.26 -15.05 -12.81
C LEU C 193 -28.27 -14.65 -11.68
N GLY C 194 -27.16 -14.02 -12.04
CA GLY C 194 -26.22 -13.53 -11.03
C GLY C 194 -26.81 -12.35 -10.25
N HIS C 195 -27.78 -11.68 -10.84
CA HIS C 195 -28.40 -10.53 -10.18
C HIS C 195 -27.38 -9.59 -9.57
N GLY C 196 -26.35 -9.28 -10.36
CA GLY C 196 -25.40 -8.27 -9.97
C GLY C 196 -24.14 -8.26 -10.80
N VAL C 197 -23.08 -7.74 -10.18
CA VAL C 197 -21.79 -7.53 -10.85
C VAL C 197 -20.97 -8.81 -10.80
N ASP C 198 -21.19 -9.70 -11.76
CA ASP C 198 -20.47 -10.97 -11.73
C ASP C 198 -19.60 -11.11 -12.96
N LEU C 199 -19.67 -10.08 -13.81
CA LEU C 199 -18.91 -9.99 -15.07
C LEU C 199 -19.22 -11.15 -16.01
N ASN C 200 -20.42 -11.70 -15.89
CA ASN C 200 -20.86 -12.66 -16.88
C ASN C 200 -20.79 -12.09 -18.31
N HIS C 201 -20.73 -10.78 -18.43
CA HIS C 201 -20.66 -10.18 -19.77
C HIS C 201 -19.26 -10.28 -20.36
N ILE C 202 -18.34 -10.81 -19.58
CA ILE C 202 -17.01 -11.06 -20.10
C ILE C 202 -16.78 -12.53 -20.14
N TYR C 203 -17.33 -13.24 -19.14
CA TYR C 203 -17.01 -14.67 -18.90
C TYR C 203 -18.13 -15.63 -19.25
N GLY C 204 -19.33 -15.10 -19.50
CA GLY C 204 -20.51 -15.93 -19.79
C GLY C 204 -21.35 -16.26 -18.57
N GLU C 205 -22.67 -16.38 -18.77
CA GLU C 205 -23.62 -16.85 -17.75
C GLU C 205 -23.34 -18.26 -17.27
N THR C 206 -23.05 -19.15 -18.23
CA THR C 206 -23.01 -20.57 -17.94
C THR C 206 -21.58 -21.08 -18.07
N LEU C 207 -21.30 -22.18 -17.38
CA LEU C 207 -19.96 -22.79 -17.39
C LEU C 207 -19.62 -23.22 -18.83
N ASP C 208 -20.65 -23.63 -19.55
CA ASP C 208 -20.50 -24.12 -20.92
C ASP C 208 -19.89 -23.03 -21.81
N ARG C 209 -20.45 -21.83 -21.71
CA ARG C 209 -20.02 -20.72 -22.51
C ARG C 209 -18.64 -20.26 -22.03
N GLN C 210 -18.50 -20.15 -20.72
CA GLN C 210 -17.24 -19.73 -20.11
C GLN C 210 -16.11 -20.55 -20.68
N HIS C 211 -16.38 -21.84 -20.80
CA HIS C 211 -15.35 -22.78 -21.20
C HIS C 211 -14.98 -22.62 -22.67
N LYS C 212 -15.94 -22.27 -23.50
CA LYS C 212 -15.62 -22.03 -24.89
C LYS C 212 -14.81 -20.77 -25.03
N LEU C 213 -14.97 -19.85 -24.08
CA LEU C 213 -14.28 -18.55 -24.13
C LEU C 213 -12.86 -18.60 -23.60
N ARG C 214 -12.50 -19.70 -22.95
CA ARG C 214 -11.23 -19.82 -22.24
C ARG C 214 -10.12 -20.58 -22.99
N LEU C 215 -8.88 -20.26 -22.67
CA LEU C 215 -7.73 -20.80 -23.37
C LEU C 215 -7.22 -22.05 -22.67
N PHE C 216 -7.51 -22.11 -21.38
CA PHE C 216 -7.12 -23.24 -20.52
C PHE C 216 -5.65 -23.40 -20.36
N LYS C 217 -4.89 -22.33 -20.64
CA LYS C 217 -3.51 -22.18 -20.13
C LYS C 217 -3.35 -20.82 -19.46
N ASP C 218 -2.76 -20.82 -18.28
CA ASP C 218 -2.44 -19.58 -17.59
C ASP C 218 -3.71 -18.76 -17.21
N GLY C 219 -4.88 -19.41 -17.28
CA GLY C 219 -6.12 -18.85 -16.75
C GLY C 219 -6.68 -17.79 -17.67
N LYS C 220 -6.18 -17.80 -18.91
CA LYS C 220 -6.50 -16.75 -19.89
C LYS C 220 -7.78 -17.03 -20.69
N LEU C 221 -8.32 -15.95 -21.26
CA LEU C 221 -9.39 -16.02 -22.23
C LEU C 221 -8.80 -16.13 -23.66
N LYS C 222 -9.39 -16.98 -24.49
CA LYS C 222 -8.99 -16.98 -25.88
C LYS C 222 -8.95 -15.55 -26.43
N TYR C 223 -8.15 -15.34 -27.47
CA TYR C 223 -8.08 -14.06 -28.13
C TYR C 223 -7.45 -14.25 -29.47
N GLN C 224 -7.54 -13.25 -30.34
CA GLN C 224 -6.83 -13.25 -31.62
C GLN C 224 -5.99 -11.98 -31.79
N VAL C 225 -4.97 -12.04 -32.65
CA VAL C 225 -4.15 -10.87 -32.94
C VAL C 225 -4.42 -10.43 -34.37
N ILE C 226 -4.77 -9.15 -34.53
CA ILE C 226 -5.08 -8.56 -35.84
C ILE C 226 -4.29 -7.27 -35.94
N GLY C 227 -3.45 -7.20 -36.97
CA GLY C 227 -2.55 -6.08 -37.14
C GLY C 227 -1.81 -5.79 -35.87
N GLY C 228 -1.35 -6.85 -35.19
CA GLY C 228 -0.51 -6.69 -33.99
C GLY C 228 -1.28 -6.30 -32.75
N GLU C 229 -2.60 -6.22 -32.87
CA GLU C 229 -3.45 -5.80 -31.77
C GLU C 229 -4.29 -6.98 -31.28
N VAL C 230 -4.51 -7.03 -29.96
CA VAL C 230 -5.28 -8.12 -29.35
C VAL C 230 -6.78 -7.86 -29.33
N TYR C 231 -7.54 -8.84 -29.79
CA TYR C 231 -8.99 -8.75 -29.88
C TYR C 231 -9.63 -10.05 -29.47
N PRO C 232 -10.91 -10.01 -29.11
CA PRO C 232 -11.66 -11.21 -28.81
C PRO C 232 -11.63 -12.19 -29.96
N PRO C 233 -11.79 -13.48 -29.64
CA PRO C 233 -11.75 -14.54 -30.63
C PRO C 233 -12.98 -14.45 -31.49
N THR C 234 -13.12 -15.35 -32.46
CA THR C 234 -14.26 -15.34 -33.35
C THR C 234 -15.27 -16.39 -32.98
N VAL C 235 -16.49 -16.23 -33.46
CA VAL C 235 -17.50 -17.27 -33.31
C VAL C 235 -17.04 -18.58 -33.94
N LYS C 236 -16.41 -18.51 -35.11
CA LYS C 236 -15.95 -19.73 -35.77
C LYS C 236 -14.95 -20.51 -34.90
N ASP C 237 -14.01 -19.80 -34.28
CA ASP C 237 -13.00 -20.45 -33.44
C ASP C 237 -13.60 -21.00 -32.13
N THR C 238 -14.63 -20.36 -31.59
CA THR C 238 -15.07 -20.67 -30.22
C THR C 238 -16.37 -21.44 -30.14
N GLN C 239 -17.25 -21.18 -31.09
CA GLN C 239 -18.62 -21.74 -31.11
C GLN C 239 -19.56 -21.02 -30.13
N VAL C 240 -19.10 -19.97 -29.50
CA VAL C 240 -20.00 -19.29 -28.58
C VAL C 240 -21.04 -18.57 -29.44
N GLU C 241 -22.30 -18.67 -29.05
CA GLU C 241 -23.37 -18.00 -29.80
C GLU C 241 -23.32 -16.49 -29.56
N MET C 242 -23.37 -15.74 -30.65
CA MET C 242 -23.41 -14.28 -30.59
C MET C 242 -24.56 -13.80 -31.45
N ILE C 243 -25.04 -12.59 -31.22
CA ILE C 243 -26.10 -12.05 -32.08
C ILE C 243 -25.49 -11.15 -33.14
N TYR C 244 -25.45 -11.65 -34.36
CA TYR C 244 -25.00 -10.86 -35.50
C TYR C 244 -25.97 -11.00 -36.64
N PRO C 245 -26.26 -9.88 -37.31
CA PRO C 245 -27.03 -10.01 -38.54
C PRO C 245 -26.26 -10.87 -39.54
N PRO C 246 -26.98 -11.60 -40.41
CA PRO C 246 -26.44 -12.65 -41.29
C PRO C 246 -25.34 -12.18 -42.22
N HIS C 247 -25.34 -10.90 -42.54
CA HIS C 247 -24.39 -10.34 -43.52
C HIS C 247 -23.00 -10.07 -42.92
N ILE C 248 -22.85 -10.30 -41.61
CA ILE C 248 -21.56 -10.09 -40.96
C ILE C 248 -20.63 -11.28 -41.22
N PRO C 249 -19.47 -11.00 -41.82
CA PRO C 249 -18.47 -12.04 -42.18
C PRO C 249 -17.85 -12.75 -40.97
N GLU C 250 -17.65 -14.05 -41.11
CA GLU C 250 -17.22 -14.90 -39.99
C GLU C 250 -16.03 -14.36 -39.20
N ASN C 251 -15.19 -13.58 -39.86
CA ASN C 251 -13.99 -13.05 -39.22
C ASN C 251 -14.26 -11.76 -38.42
N LEU C 252 -15.48 -11.27 -38.48
CA LEU C 252 -15.83 -10.05 -37.74
C LEU C 252 -16.80 -10.37 -36.61
N GLN C 253 -17.22 -11.64 -36.58
CA GLN C 253 -18.10 -12.10 -35.52
C GLN C 253 -17.29 -12.42 -34.29
N PHE C 254 -17.07 -11.40 -33.48
CA PHE C 254 -16.32 -11.54 -32.25
C PHE C 254 -17.15 -12.23 -31.17
N ALA C 255 -16.51 -13.13 -30.44
CA ALA C 255 -17.17 -13.84 -29.37
C ALA C 255 -16.76 -13.25 -28.03
N VAL C 256 -17.76 -12.87 -27.24
CA VAL C 256 -17.51 -12.32 -25.90
C VAL C 256 -18.56 -12.79 -24.92
N GLY C 257 -18.39 -12.43 -23.66
CA GLY C 257 -19.27 -12.95 -22.62
C GLY C 257 -20.73 -12.75 -22.96
N GLN C 258 -21.06 -11.56 -23.48
CA GLN C 258 -22.44 -11.10 -23.64
C GLN C 258 -22.80 -11.13 -25.11
N GLU C 259 -23.82 -11.91 -25.42
CA GLU C 259 -24.14 -12.24 -26.80
C GLU C 259 -24.48 -11.02 -27.67
N VAL C 260 -24.75 -9.89 -27.04
CA VAL C 260 -25.31 -8.76 -27.75
C VAL C 260 -24.24 -7.70 -28.02
N PHE C 261 -23.07 -7.92 -27.47
CA PHE C 261 -22.05 -6.88 -27.48
C PHE C 261 -21.45 -6.64 -28.86
N GLY C 262 -21.72 -7.53 -29.80
CA GLY C 262 -21.15 -7.38 -31.14
C GLY C 262 -21.92 -6.31 -31.88
N LEU C 263 -23.01 -5.88 -31.27
CA LEU C 263 -23.98 -5.04 -31.95
C LEU C 263 -23.56 -3.55 -31.99
N VAL C 264 -22.73 -3.16 -31.05
CA VAL C 264 -22.27 -1.79 -30.98
C VAL C 264 -20.77 -1.78 -30.76
N PRO C 265 -20.04 -1.10 -31.62
CA PRO C 265 -18.59 -1.00 -31.51
C PRO C 265 -18.11 -0.40 -30.19
N GLY C 266 -18.94 0.42 -29.55
CA GLY C 266 -18.62 0.97 -28.23
C GLY C 266 -18.50 -0.15 -27.22
N LEU C 267 -19.40 -1.11 -27.34
CA LEU C 267 -19.45 -2.26 -26.44
C LEU C 267 -18.24 -3.10 -26.68
N MET C 268 -17.98 -3.38 -27.95
CA MET C 268 -16.87 -4.26 -28.33
C MET C 268 -15.54 -3.62 -27.91
N MET C 269 -15.51 -2.30 -27.89
CA MET C 269 -14.33 -1.60 -27.38
C MET C 269 -14.06 -2.02 -25.92
N TYR C 270 -15.04 -1.85 -25.04
CA TYR C 270 -14.87 -2.22 -23.63
C TYR C 270 -14.70 -3.72 -23.46
N ALA C 271 -15.41 -4.48 -24.29
CA ALA C 271 -15.27 -5.95 -24.25
C ALA C 271 -13.79 -6.32 -24.48
N THR C 272 -13.16 -5.62 -25.40
CA THR C 272 -11.77 -5.89 -25.74
C THR C 272 -10.85 -5.41 -24.60
N ILE C 273 -11.13 -4.22 -24.10
CA ILE C 273 -10.32 -3.69 -23.00
C ILE C 273 -10.30 -4.64 -21.81
N TRP C 274 -11.47 -5.17 -21.44
CA TRP C 274 -11.59 -6.02 -20.25
C TRP C 274 -11.03 -7.40 -20.52
N LEU C 275 -11.19 -7.91 -21.74
CA LEU C 275 -10.49 -9.14 -22.11
C LEU C 275 -8.97 -8.97 -21.94
N ARG C 276 -8.42 -7.87 -22.44
CA ARG C 276 -6.99 -7.65 -22.27
C ARG C 276 -6.62 -7.61 -20.80
N GLU C 277 -7.44 -6.89 -20.02
CA GLU C 277 -7.20 -6.73 -18.58
C GLU C 277 -7.14 -8.09 -17.87
N HIS C 278 -8.08 -8.97 -18.21
CA HIS C 278 -8.11 -10.27 -17.58
C HIS C 278 -6.82 -11.04 -17.84
N ASN C 279 -6.39 -11.06 -19.09
CA ASN C 279 -5.16 -11.79 -19.43
C ASN C 279 -3.93 -11.14 -18.86
N ARG C 280 -4.01 -9.83 -18.71
CA ARG C 280 -2.97 -9.07 -18.06
C ARG C 280 -2.83 -9.51 -16.59
N VAL C 281 -3.94 -9.54 -15.87
CA VAL C 281 -3.89 -9.95 -14.47
C VAL C 281 -3.41 -11.41 -14.36
N CYS C 282 -3.70 -12.23 -15.34
CA CYS C 282 -3.19 -13.60 -15.34
C CYS C 282 -1.69 -13.65 -15.34
N ASP C 283 -1.06 -12.80 -16.16
CA ASP C 283 0.39 -12.78 -16.24
C ASP C 283 0.95 -12.38 -14.87
N ILE C 284 0.27 -11.42 -14.24
CA ILE C 284 0.74 -10.91 -12.97
C ILE C 284 0.64 -12.03 -11.96
N LEU C 285 -0.50 -12.72 -11.95
CA LEU C 285 -0.72 -13.79 -10.98
C LEU C 285 0.20 -14.99 -11.21
N LYS C 286 0.51 -15.32 -12.45
CA LYS C 286 1.44 -16.42 -12.73
C LYS C 286 2.81 -16.08 -12.17
N GLN C 287 3.21 -14.83 -12.40
CA GLN C 287 4.48 -14.31 -11.92
C GLN C 287 4.57 -14.51 -10.41
N GLU C 288 3.48 -14.23 -9.71
CA GLU C 288 3.44 -14.39 -8.27
C GLU C 288 3.28 -15.83 -7.86
N HIS C 289 2.69 -16.62 -8.75
CA HIS C 289 2.30 -17.99 -8.41
C HIS C 289 2.64 -18.97 -9.52
N PRO C 290 3.94 -19.25 -9.68
CA PRO C 290 4.32 -20.24 -10.69
C PRO C 290 3.74 -21.62 -10.35
N GLU C 291 3.29 -21.82 -9.11
CA GLU C 291 2.72 -23.12 -8.64
C GLU C 291 1.30 -23.34 -9.09
N TRP C 292 0.68 -22.28 -9.57
CA TRP C 292 -0.75 -22.29 -9.75
C TRP C 292 -1.11 -22.85 -11.09
N GLY C 293 -2.25 -23.53 -11.14
CA GLY C 293 -2.74 -24.06 -12.40
C GLY C 293 -3.66 -23.09 -13.13
N ASP C 294 -4.09 -23.51 -14.32
CA ASP C 294 -4.97 -22.71 -15.14
C ASP C 294 -6.28 -22.33 -14.42
N GLU C 295 -6.92 -23.27 -13.73
CA GLU C 295 -8.22 -22.93 -13.09
C GLU C 295 -8.04 -21.79 -12.10
N GLN C 296 -7.07 -21.94 -11.19
CA GLN C 296 -6.95 -21.01 -10.08
C GLN C 296 -6.53 -19.65 -10.61
N LEU C 297 -5.67 -19.62 -11.61
CA LEU C 297 -5.27 -18.35 -12.21
C LEU C 297 -6.53 -17.67 -12.76
N PHE C 298 -7.36 -18.45 -13.46
CA PHE C 298 -8.53 -17.88 -14.12
C PHE C 298 -9.54 -17.32 -13.13
N GLN C 299 -9.82 -18.10 -12.08
CA GLN C 299 -10.86 -17.75 -11.10
C GLN C 299 -10.38 -16.56 -10.29
N THR C 300 -9.11 -16.57 -9.92
CA THR C 300 -8.59 -15.48 -9.11
C THR C 300 -8.66 -14.19 -9.95
N SER C 301 -8.23 -14.28 -11.19
CA SER C 301 -8.25 -13.12 -12.04
C SER C 301 -9.68 -12.57 -12.08
N ARG C 302 -10.65 -13.46 -12.23
CA ARG C 302 -12.03 -13.03 -12.29
C ARG C 302 -12.43 -12.32 -10.99
N LEU C 303 -12.03 -12.85 -9.86
CA LEU C 303 -12.35 -12.18 -8.61
C LEU C 303 -11.76 -10.77 -8.59
N ILE C 304 -10.55 -10.61 -9.11
CA ILE C 304 -9.87 -9.31 -9.18
C ILE C 304 -10.60 -8.32 -10.10
N LEU C 305 -11.01 -8.77 -11.29
CA LEU C 305 -11.70 -7.89 -12.22
C LEU C 305 -13.09 -7.50 -11.68
N ILE C 306 -13.70 -8.36 -10.89
CA ILE C 306 -14.91 -7.93 -10.23
C ILE C 306 -14.58 -6.78 -9.30
N GLY C 307 -13.50 -6.93 -8.53
CA GLY C 307 -13.08 -5.87 -7.62
C GLY C 307 -12.77 -4.59 -8.37
N GLU C 308 -11.99 -4.71 -9.45
CA GLU C 308 -11.64 -3.53 -10.20
C GLU C 308 -12.94 -2.86 -10.63
N THR C 309 -13.85 -3.64 -11.17
CA THR C 309 -15.07 -3.09 -11.73
C THR C 309 -15.84 -2.30 -10.66
N ILE C 310 -15.95 -2.86 -9.45
CA ILE C 310 -16.68 -2.18 -8.38
C ILE C 310 -15.96 -0.88 -7.99
N LYS C 311 -14.64 -0.95 -7.97
CA LYS C 311 -13.78 0.21 -7.66
C LYS C 311 -13.98 1.36 -8.65
N ILE C 312 -13.88 1.03 -9.93
CA ILE C 312 -13.99 2.03 -10.99
C ILE C 312 -15.37 2.64 -11.02
N VAL C 313 -16.40 1.81 -10.78
CA VAL C 313 -17.76 2.29 -10.82
C VAL C 313 -17.98 3.30 -9.70
N ILE C 314 -17.48 2.99 -8.52
CA ILE C 314 -17.75 3.87 -7.37
C ILE C 314 -16.90 5.12 -7.43
N GLU C 315 -15.62 4.96 -7.75
CA GLU C 315 -14.70 6.06 -7.57
C GLU C 315 -14.52 6.94 -8.80
N ASP C 316 -14.88 6.42 -9.98
CA ASP C 316 -14.78 7.20 -11.20
C ASP C 316 -16.17 7.49 -11.76
N TYR C 317 -16.92 6.42 -11.96
CA TYR C 317 -18.18 6.47 -12.67
C TYR C 317 -19.22 7.22 -11.83
N VAL C 318 -19.63 6.64 -10.71
CA VAL C 318 -20.61 7.31 -9.86
C VAL C 318 -20.08 8.66 -9.44
N GLN C 319 -18.79 8.72 -9.13
CA GLN C 319 -18.13 9.98 -8.78
C GLN C 319 -18.47 11.08 -9.77
N HIS C 320 -18.23 10.79 -11.04
CA HIS C 320 -18.44 11.78 -12.09
C HIS C 320 -19.91 12.13 -12.23
N LEU C 321 -20.77 11.14 -12.05
CA LEU C 321 -22.22 11.29 -12.21
C LEU C 321 -22.76 12.23 -11.12
N SER C 322 -22.27 11.97 -9.91
CA SER C 322 -22.75 12.64 -8.71
C SER C 322 -22.49 14.15 -8.74
N GLY C 323 -21.33 14.52 -9.29
CA GLY C 323 -20.89 15.92 -9.25
C GLY C 323 -20.44 16.33 -7.86
N TYR C 324 -20.33 15.34 -6.98
CA TYR C 324 -19.95 15.61 -5.59
C TYR C 324 -18.51 16.08 -5.54
N HIS C 325 -18.24 16.97 -4.58
CA HIS C 325 -16.88 17.39 -4.32
C HIS C 325 -16.23 16.39 -3.36
N PHE C 326 -17.07 15.72 -2.57
CA PHE C 326 -16.59 14.65 -1.72
C PHE C 326 -16.13 13.49 -2.58
N LYS C 327 -14.96 12.96 -2.28
CA LYS C 327 -14.34 11.91 -3.06
C LYS C 327 -14.85 10.58 -2.53
N LEU C 328 -15.69 9.93 -3.34
CA LEU C 328 -16.30 8.66 -2.98
C LEU C 328 -15.24 7.60 -2.81
N LYS C 329 -15.51 6.62 -1.95
CA LYS C 329 -14.52 5.57 -1.68
C LYS C 329 -15.10 4.16 -1.76
N PHE C 330 -14.36 3.26 -2.38
CA PHE C 330 -14.69 1.85 -2.35
C PHE C 330 -13.92 1.19 -1.22
N ASP C 331 -14.63 0.92 -0.13
CA ASP C 331 -14.02 0.33 1.05
C ASP C 331 -15.05 -0.55 1.77
N PRO C 332 -15.05 -1.86 1.45
CA PRO C 332 -15.94 -2.78 2.12
C PRO C 332 -15.90 -2.68 3.65
N GLU C 333 -14.75 -2.31 4.21
CA GLU C 333 -14.58 -2.33 5.67
C GLU C 333 -15.57 -1.42 6.36
N LEU C 334 -16.03 -0.41 5.64
CA LEU C 334 -16.93 0.59 6.20
C LEU C 334 -18.28 -0.03 6.60
N LEU C 335 -18.57 -1.24 6.10
CA LEU C 335 -19.86 -1.88 6.39
C LEU C 335 -19.73 -3.02 7.40
N PHE C 336 -18.49 -3.27 7.82
CA PHE C 336 -18.17 -4.42 8.66
C PHE C 336 -18.78 -4.35 10.05
N ASN C 337 -18.84 -3.16 10.65
CA ASN C 337 -19.50 -3.06 11.96
C ASN C 337 -20.88 -2.48 11.78
N GLN C 338 -21.50 -2.83 10.67
CA GLN C 338 -22.79 -2.26 10.30
C GLN C 338 -23.76 -3.39 9.88
N GLN C 339 -25.05 -3.12 9.93
CA GLN C 339 -26.05 -4.10 9.49
C GLN C 339 -26.29 -4.03 8.00
N PHE C 340 -26.09 -5.13 7.29
CA PHE C 340 -26.10 -5.07 5.82
C PHE C 340 -26.14 -6.46 5.24
N GLN C 341 -26.93 -6.62 4.19
CA GLN C 341 -27.16 -7.94 3.60
C GLN C 341 -26.33 -8.09 2.36
N TYR C 342 -25.34 -8.98 2.41
CA TYR C 342 -24.50 -9.24 1.26
C TYR C 342 -25.25 -10.15 0.29
N GLN C 343 -26.17 -9.54 -0.44
CA GLN C 343 -27.00 -10.22 -1.40
C GLN C 343 -27.78 -9.16 -2.16
N ASN C 344 -28.15 -9.48 -3.39
CA ASN C 344 -28.83 -8.52 -4.23
C ASN C 344 -29.75 -9.17 -5.21
N ARG C 345 -30.76 -8.41 -5.61
CA ARG C 345 -31.70 -8.85 -6.62
C ARG C 345 -32.05 -7.65 -7.50
N ILE C 346 -31.91 -7.81 -8.81
CA ILE C 346 -32.08 -6.69 -9.70
C ILE C 346 -33.56 -6.32 -9.80
N ALA C 347 -33.83 -5.06 -9.58
CA ALA C 347 -35.17 -4.54 -9.61
C ALA C 347 -35.51 -4.08 -11.03
N SER C 348 -36.72 -4.43 -11.47
CA SER C 348 -37.25 -4.00 -12.74
C SER C 348 -37.14 -2.50 -12.89
N GLU C 349 -37.46 -1.78 -11.81
CA GLU C 349 -37.48 -0.32 -11.85
C GLU C 349 -36.08 0.27 -12.02
N PHE C 350 -35.08 -0.40 -11.47
CA PHE C 350 -33.68 -0.04 -11.70
C PHE C 350 -33.40 -0.14 -13.20
N ASN C 351 -33.74 -1.27 -13.79
CA ASN C 351 -33.60 -1.48 -15.22
C ASN C 351 -34.26 -0.34 -15.96
N THR C 352 -35.51 -0.06 -15.64
CA THR C 352 -36.25 0.94 -16.38
C THR C 352 -35.64 2.31 -16.30
N LEU C 353 -35.23 2.72 -15.09
CA LEU C 353 -34.69 4.05 -14.88
C LEU C 353 -33.34 4.22 -15.57
N TYR C 354 -32.75 3.12 -15.99
CA TYR C 354 -31.36 3.13 -16.46
C TYR C 354 -31.33 3.14 -18.00
N HIS C 355 -32.50 3.26 -18.60
CA HIS C 355 -32.57 3.39 -20.05
C HIS C 355 -32.16 4.80 -20.46
N TRP C 356 -30.85 5.01 -20.45
CA TRP C 356 -30.29 6.35 -20.63
C TRP C 356 -29.99 6.70 -22.08
N HIS C 357 -30.92 6.37 -22.96
CA HIS C 357 -30.69 6.53 -24.38
C HIS C 357 -30.47 8.00 -24.83
N PRO C 358 -30.95 8.97 -24.05
CA PRO C 358 -30.64 10.36 -24.37
C PRO C 358 -29.15 10.65 -24.40
N LEU C 359 -28.38 9.81 -23.73
CA LEU C 359 -26.91 9.96 -23.71
C LEU C 359 -26.36 9.98 -25.12
N LEU C 360 -26.98 9.21 -26.00
CA LEU C 360 -26.44 8.96 -27.32
C LEU C 360 -26.52 10.20 -28.18
N PRO C 361 -25.47 10.42 -28.98
CA PRO C 361 -25.37 11.59 -29.85
C PRO C 361 -26.04 11.35 -31.20
N ASP C 362 -26.09 12.37 -32.05
CA ASP C 362 -26.70 12.25 -33.36
C ASP C 362 -25.81 11.42 -34.26
N THR C 363 -24.50 11.59 -34.11
CA THR C 363 -23.49 10.79 -34.83
C THR C 363 -22.34 10.36 -33.92
N PHE C 364 -21.68 9.28 -34.27
CA PHE C 364 -20.54 8.82 -33.50
C PHE C 364 -19.27 9.25 -34.21
N ASN C 365 -18.50 10.10 -33.52
CA ASN C 365 -17.36 10.75 -34.15
C ASN C 365 -16.04 10.13 -33.73
N ILE C 366 -15.43 9.46 -34.69
CA ILE C 366 -14.14 8.80 -34.48
C ILE C 366 -13.13 9.31 -35.49
N GLU C 367 -12.03 9.87 -34.98
CA GLU C 367 -11.04 10.53 -35.83
C GLU C 367 -11.71 11.59 -36.72
N ASP C 368 -11.66 11.34 -38.03
CA ASP C 368 -12.18 12.26 -39.02
C ASP C 368 -13.67 12.03 -39.27
N GLN C 369 -14.11 10.79 -39.04
CA GLN C 369 -15.43 10.35 -39.46
C GLN C 369 -16.56 10.77 -38.53
N GLU C 370 -17.74 10.82 -39.13
CA GLU C 370 -18.96 11.02 -38.37
C GLU C 370 -19.93 9.94 -38.81
N TYR C 371 -20.08 8.91 -37.99
CA TYR C 371 -20.91 7.76 -38.34
C TYR C 371 -22.34 7.93 -37.83
N SER C 372 -23.27 7.65 -38.73
CA SER C 372 -24.69 7.65 -38.44
C SER C 372 -24.99 6.40 -37.65
N PHE C 373 -26.15 6.35 -37.03
CA PHE C 373 -26.54 5.14 -36.34
C PHE C 373 -26.49 3.96 -37.28
N LYS C 374 -27.04 4.14 -38.46
CA LYS C 374 -27.09 3.06 -39.42
C LYS C 374 -25.66 2.49 -39.63
N GLN C 375 -24.67 3.37 -39.77
CA GLN C 375 -23.32 2.94 -40.15
C GLN C 375 -22.60 2.35 -38.95
N PHE C 376 -22.97 2.77 -37.75
CA PHE C 376 -22.24 2.41 -36.54
C PHE C 376 -22.62 1.02 -36.03
N LEU C 377 -23.91 0.71 -36.06
CA LEU C 377 -24.40 -0.56 -35.48
C LEU C 377 -23.93 -1.79 -36.26
N TYR C 378 -23.58 -2.80 -35.50
CA TYR C 378 -23.06 -4.05 -36.01
C TYR C 378 -21.89 -3.88 -36.94
N ASN C 379 -21.17 -2.77 -36.84
CA ASN C 379 -20.03 -2.55 -37.72
C ASN C 379 -18.73 -2.52 -36.96
N ASN C 380 -18.12 -3.70 -36.83
CA ASN C 380 -16.87 -3.84 -36.09
C ASN C 380 -15.61 -3.47 -36.90
N SER C 381 -15.79 -3.33 -38.21
CA SER C 381 -14.70 -2.82 -39.06
C SER C 381 -14.25 -1.51 -38.49
N ILE C 382 -15.22 -0.69 -38.13
CA ILE C 382 -14.94 0.65 -37.63
C ILE C 382 -13.94 0.55 -36.49
N LEU C 383 -14.10 -0.48 -35.67
CA LEU C 383 -13.19 -0.71 -34.57
C LEU C 383 -11.82 -1.11 -35.11
N LEU C 384 -11.77 -2.12 -35.96
CA LEU C 384 -10.50 -2.57 -36.53
C LEU C 384 -9.86 -1.47 -37.34
N GLU C 385 -10.69 -0.65 -37.93
CA GLU C 385 -10.20 0.43 -38.78
C GLU C 385 -9.36 1.41 -37.96
N HIS C 386 -9.94 1.95 -36.90
CA HIS C 386 -9.30 3.03 -36.16
C HIS C 386 -8.46 2.50 -35.00
N GLY C 387 -8.85 1.35 -34.47
CA GLY C 387 -8.16 0.76 -33.31
C GLY C 387 -8.65 1.32 -31.97
N LEU C 388 -8.29 0.63 -30.89
CA LEU C 388 -8.74 0.99 -29.57
C LEU C 388 -8.30 2.38 -29.17
N THR C 389 -7.04 2.70 -29.45
CA THR C 389 -6.44 3.97 -29.03
C THR C 389 -7.24 5.14 -29.57
N GLN C 390 -7.45 5.11 -30.89
CA GLN C 390 -8.18 6.17 -31.56
C GLN C 390 -9.65 6.21 -31.08
N PHE C 391 -10.21 5.05 -30.75
CA PHE C 391 -11.55 5.01 -30.17
C PHE C 391 -11.55 5.74 -28.82
N VAL C 392 -10.59 5.42 -27.97
CA VAL C 392 -10.55 6.02 -26.64
C VAL C 392 -10.33 7.53 -26.74
N GLU C 393 -9.39 7.95 -27.59
CA GLU C 393 -9.14 9.37 -27.76
C GLU C 393 -10.42 10.06 -28.22
N SER C 394 -11.07 9.49 -29.22
CA SER C 394 -12.25 10.10 -29.81
C SER C 394 -13.44 10.17 -28.86
N PHE C 395 -13.67 9.08 -28.15
CA PHE C 395 -14.82 8.98 -27.29
C PHE C 395 -14.63 9.80 -26.03
N THR C 396 -13.36 10.07 -25.71
CA THR C 396 -13.02 10.90 -24.56
C THR C 396 -13.41 12.35 -24.87
N ARG C 397 -13.34 12.70 -26.16
CA ARG C 397 -13.63 14.06 -26.61
C ARG C 397 -15.09 14.30 -26.91
N GLN C 398 -15.85 13.29 -27.33
CA GLN C 398 -17.21 13.55 -27.78
C GLN C 398 -18.22 13.60 -26.64
N ILE C 399 -18.94 14.72 -26.56
CA ILE C 399 -19.86 14.92 -25.47
C ILE C 399 -21.12 14.09 -25.63
N ALA C 400 -21.63 13.62 -24.50
CA ALA C 400 -22.83 12.80 -24.43
C ALA C 400 -24.02 13.70 -24.13
N GLY C 401 -25.22 13.15 -24.32
CA GLY C 401 -26.44 13.92 -24.13
C GLY C 401 -26.99 13.94 -22.71
N ARG C 402 -27.71 15.00 -22.41
CA ARG C 402 -28.42 15.12 -21.13
C ARG C 402 -29.60 14.18 -21.05
N VAL C 403 -29.77 13.51 -19.93
CA VAL C 403 -30.83 12.51 -19.83
C VAL C 403 -32.16 13.10 -19.38
N ALA C 404 -32.17 13.85 -18.28
CA ALA C 404 -33.39 14.59 -17.86
C ALA C 404 -33.51 15.91 -18.63
N GLY C 405 -34.55 16.68 -18.35
CA GLY C 405 -34.73 17.98 -19.01
C GLY C 405 -35.59 17.88 -20.26
N GLY C 406 -35.89 16.65 -20.66
CA GLY C 406 -36.80 16.42 -21.77
C GLY C 406 -36.24 16.56 -23.18
N ARG C 407 -36.93 15.93 -24.12
CA ARG C 407 -36.70 16.08 -25.56
C ARG C 407 -35.27 15.84 -25.99
N ASN C 408 -34.76 14.67 -25.65
CA ASN C 408 -33.39 14.33 -25.99
C ASN C 408 -33.17 12.87 -26.35
N VAL C 409 -34.23 12.14 -26.60
CA VAL C 409 -34.10 10.78 -27.09
C VAL C 409 -33.86 10.83 -28.60
N PRO C 410 -32.74 10.26 -29.05
CA PRO C 410 -32.43 10.27 -30.49
C PRO C 410 -33.51 9.57 -31.31
N ILE C 411 -33.90 10.15 -32.43
CA ILE C 411 -34.96 9.56 -33.24
C ILE C 411 -34.58 8.15 -33.68
N ALA C 412 -33.29 7.93 -33.97
CA ALA C 412 -32.81 6.67 -34.45
C ALA C 412 -33.22 5.56 -33.51
N VAL C 413 -33.58 5.92 -32.30
CA VAL C 413 -33.80 4.92 -31.27
C VAL C 413 -35.19 5.08 -30.60
N GLN C 414 -36.10 5.76 -31.27
CA GLN C 414 -37.44 5.99 -30.73
C GLN C 414 -38.19 4.72 -30.39
N ALA C 415 -38.03 3.65 -31.18
CA ALA C 415 -38.75 2.39 -30.90
C ALA C 415 -38.42 1.89 -29.48
N VAL C 416 -37.18 2.08 -29.07
CA VAL C 416 -36.73 1.65 -27.76
C VAL C 416 -37.41 2.47 -26.66
N ALA C 417 -37.59 3.76 -26.93
CA ALA C 417 -38.19 4.65 -25.94
C ALA C 417 -39.66 4.34 -25.80
N LYS C 418 -40.29 4.00 -26.92
CA LYS C 418 -41.70 3.68 -26.90
C LYS C 418 -41.89 2.40 -26.10
N ALA C 419 -41.03 1.43 -26.36
CA ALA C 419 -41.11 0.14 -25.65
C ALA C 419 -40.96 0.36 -24.15
N SER C 420 -40.07 1.28 -23.77
CA SER C 420 -39.83 1.53 -22.36
C SER C 420 -41.13 1.95 -21.75
N ILE C 421 -41.89 2.76 -22.47
CA ILE C 421 -43.18 3.22 -21.97
C ILE C 421 -44.17 2.06 -21.91
N ASP C 422 -44.28 1.35 -23.05
CA ASP C 422 -45.31 0.32 -23.23
C ASP C 422 -45.06 -0.81 -22.26
N GLN C 423 -43.80 -1.20 -22.11
CA GLN C 423 -43.45 -2.34 -21.29
C GLN C 423 -43.59 -2.00 -19.83
N SER C 424 -43.41 -0.74 -19.48
CA SER C 424 -43.70 -0.30 -18.10
C SER C 424 -45.17 -0.57 -17.73
N ARG C 425 -46.05 -0.26 -18.67
CA ARG C 425 -47.49 -0.40 -18.50
C ARG C 425 -47.87 -1.87 -18.47
N GLU C 426 -47.27 -2.60 -19.40
CA GLU C 426 -47.42 -4.04 -19.47
C GLU C 426 -47.09 -4.67 -18.10
N MET C 427 -46.08 -4.14 -17.43
CA MET C 427 -45.62 -4.70 -16.15
C MET C 427 -46.41 -4.11 -14.98
N LYS C 428 -47.38 -3.27 -15.30
CA LYS C 428 -48.28 -2.67 -14.32
C LYS C 428 -47.56 -1.81 -13.26
N TYR C 429 -46.60 -1.01 -13.72
CA TYR C 429 -45.94 -0.09 -12.84
C TYR C 429 -46.96 0.83 -12.18
N GLN C 430 -46.75 1.12 -10.91
CA GLN C 430 -47.49 2.23 -10.28
C GLN C 430 -47.01 3.58 -10.83
N SER C 431 -47.63 4.65 -10.37
CA SER C 431 -47.38 5.99 -10.90
C SER C 431 -46.08 6.58 -10.39
N LEU C 432 -45.65 7.61 -11.09
CA LEU C 432 -44.49 8.37 -10.70
C LEU C 432 -44.56 8.69 -9.21
N ASN C 433 -45.68 9.24 -8.77
CA ASN C 433 -45.76 9.75 -7.40
C ASN C 433 -45.74 8.65 -6.37
N GLU C 434 -46.30 7.49 -6.70
CA GLU C 434 -46.23 6.34 -5.80
C GLU C 434 -44.79 6.00 -5.60
N TYR C 435 -44.01 6.06 -6.68
CA TYR C 435 -42.59 5.70 -6.61
C TYR C 435 -41.82 6.77 -5.91
N ARG C 436 -42.24 8.03 -6.06
CA ARG C 436 -41.60 9.10 -5.29
C ARG C 436 -41.86 8.86 -3.82
N LYS C 437 -43.10 8.61 -3.47
CA LYS C 437 -43.41 8.39 -2.07
C LYS C 437 -42.54 7.28 -1.54
N ARG C 438 -42.45 6.21 -2.30
CA ARG C 438 -41.79 4.99 -1.89
C ARG C 438 -40.33 5.23 -1.58
N PHE C 439 -39.77 6.24 -2.21
CA PHE C 439 -38.39 6.59 -1.95
C PHE C 439 -38.28 7.89 -1.16
N SER C 440 -39.22 8.10 -0.26
CA SER C 440 -39.14 9.19 0.72
C SER C 440 -39.05 10.55 0.06
N LEU C 441 -39.68 10.67 -1.09
CA LEU C 441 -39.72 11.92 -1.82
C LEU C 441 -41.14 12.47 -1.80
N LYS C 442 -41.23 13.79 -1.91
CA LYS C 442 -42.51 14.48 -1.83
C LYS C 442 -43.18 14.47 -3.20
N PRO C 443 -44.42 13.98 -3.27
CA PRO C 443 -45.12 13.90 -4.55
C PRO C 443 -45.14 15.23 -5.27
N TYR C 444 -45.09 15.17 -6.59
CA TYR C 444 -45.21 16.38 -7.39
C TYR C 444 -46.67 16.77 -7.43
N THR C 445 -46.91 18.07 -7.29
CA THR C 445 -48.25 18.61 -7.10
C THR C 445 -48.75 19.16 -8.43
N SER C 446 -47.85 19.32 -9.39
CA SER C 446 -48.24 19.72 -10.73
C SER C 446 -47.20 19.25 -11.75
N PHE C 447 -47.59 19.23 -13.01
CA PHE C 447 -46.65 18.88 -14.08
C PHE C 447 -45.55 19.91 -14.22
N GLU C 448 -45.87 21.17 -13.92
CA GLU C 448 -44.88 22.24 -14.04
C GLU C 448 -43.82 22.10 -12.96
N GLU C 449 -44.17 21.49 -11.83
CA GLU C 449 -43.22 21.29 -10.76
C GLU C 449 -42.27 20.17 -11.17
N LEU C 450 -42.78 19.26 -11.99
CA LEU C 450 -41.99 18.13 -12.48
C LEU C 450 -40.97 18.61 -13.48
N THR C 451 -41.40 19.38 -14.47
CA THR C 451 -40.52 19.74 -15.55
C THR C 451 -39.72 21.01 -15.25
N GLY C 452 -40.27 21.86 -14.39
CA GLY C 452 -39.65 23.15 -14.08
C GLY C 452 -39.80 24.15 -15.22
N GLU C 453 -40.65 23.83 -16.20
CA GLU C 453 -40.91 24.73 -17.32
C GLU C 453 -42.41 24.70 -17.62
N LYS C 454 -42.83 25.30 -18.74
CA LYS C 454 -44.28 25.40 -19.00
C LYS C 454 -44.74 24.57 -20.21
N GLU C 455 -43.93 24.52 -21.25
CA GLU C 455 -44.38 23.95 -22.52
C GLU C 455 -44.63 22.44 -22.42
N MET C 456 -43.61 21.69 -21.97
CA MET C 456 -43.72 20.24 -21.87
C MET C 456 -44.75 19.87 -20.83
N ALA C 457 -44.80 20.64 -19.75
CA ALA C 457 -45.83 20.49 -18.70
C ALA C 457 -47.21 20.53 -19.31
N ALA C 458 -47.47 21.54 -20.14
CA ALA C 458 -48.81 21.75 -20.72
C ALA C 458 -49.19 20.60 -21.63
N GLU C 459 -48.20 20.07 -22.34
CA GLU C 459 -48.44 18.92 -23.19
C GLU C 459 -48.77 17.71 -22.31
N LEU C 460 -48.01 17.55 -21.24
CA LEU C 460 -48.18 16.40 -20.36
C LEU C 460 -49.54 16.50 -19.68
N LYS C 461 -49.88 17.71 -19.23
CA LYS C 461 -51.15 17.92 -18.59
C LYS C 461 -52.30 17.55 -19.54
N ALA C 462 -52.22 17.98 -20.79
CA ALA C 462 -53.28 17.70 -21.76
C ALA C 462 -53.43 16.21 -22.02
N LEU C 463 -52.36 15.47 -21.78
CA LEU C 463 -52.34 14.03 -22.06
C LEU C 463 -52.79 13.20 -20.86
N TYR C 464 -52.31 13.54 -19.68
CA TYR C 464 -52.55 12.74 -18.48
C TYR C 464 -53.62 13.34 -17.55
N SER C 465 -53.84 14.65 -17.63
CA SER C 465 -54.86 15.39 -16.82
C SER C 465 -54.45 15.57 -15.37
N ASP C 466 -54.10 14.46 -14.71
CA ASP C 466 -53.73 14.45 -13.29
C ASP C 466 -52.26 14.05 -13.06
N ILE C 467 -51.51 14.90 -12.37
CA ILE C 467 -50.12 14.62 -12.07
C ILE C 467 -49.96 13.28 -11.37
N ASP C 468 -50.97 12.88 -10.61
CA ASP C 468 -50.89 11.67 -9.77
C ASP C 468 -51.00 10.41 -10.63
N VAL C 469 -51.19 10.61 -11.93
CA VAL C 469 -51.31 9.50 -12.89
C VAL C 469 -50.10 9.47 -13.84
N MET C 470 -49.23 10.45 -13.71
CA MET C 470 -48.02 10.52 -14.53
C MET C 470 -47.15 9.29 -14.31
N GLU C 471 -46.53 8.80 -15.39
CA GLU C 471 -45.76 7.55 -15.34
C GLU C 471 -44.29 7.80 -15.03
N LEU C 472 -43.70 6.83 -14.36
CA LEU C 472 -42.34 6.94 -13.90
C LEU C 472 -41.38 7.20 -15.07
N TYR C 473 -41.37 6.32 -16.09
CA TYR C 473 -40.29 6.36 -17.06
C TYR C 473 -40.18 7.69 -17.78
N PRO C 474 -41.29 8.15 -18.37
CA PRO C 474 -41.25 9.43 -19.07
C PRO C 474 -40.91 10.55 -18.12
N ALA C 475 -41.41 10.46 -16.90
CA ALA C 475 -41.17 11.52 -15.94
C ALA C 475 -39.67 11.63 -15.71
N LEU C 476 -39.00 10.48 -15.76
CA LEU C 476 -37.57 10.45 -15.53
C LEU C 476 -36.85 11.29 -16.55
N LEU C 477 -37.20 11.11 -17.82
CA LEU C 477 -36.50 11.77 -18.93
C LEU C 477 -36.93 13.22 -19.14
N VAL C 478 -37.96 13.63 -18.40
CA VAL C 478 -38.62 14.92 -18.63
C VAL C 478 -38.41 15.85 -17.43
N GLU C 479 -37.97 15.27 -16.32
CA GLU C 479 -37.89 15.94 -15.03
C GLU C 479 -36.96 17.15 -15.05
N LYS C 480 -37.24 18.10 -14.18
CA LYS C 480 -36.36 19.24 -13.99
C LYS C 480 -35.05 18.71 -13.44
N PRO C 481 -33.95 18.97 -14.14
CA PRO C 481 -32.67 18.50 -13.66
C PRO C 481 -32.23 19.27 -12.42
N ARG C 482 -31.50 18.61 -11.55
CA ARG C 482 -30.69 19.32 -10.59
C ARG C 482 -29.87 20.36 -11.38
N PRO C 483 -29.40 21.40 -10.68
CA PRO C 483 -28.63 22.49 -11.30
C PRO C 483 -27.41 22.01 -12.09
N ASP C 484 -27.45 22.24 -13.40
CA ASP C 484 -26.36 21.86 -14.29
C ASP C 484 -26.04 20.37 -14.18
N ALA C 485 -27.00 19.58 -13.71
CA ALA C 485 -26.79 18.15 -13.57
C ALA C 485 -27.42 17.39 -14.74
N ILE C 486 -27.03 16.12 -14.83
CA ILE C 486 -27.48 15.25 -15.91
C ILE C 486 -28.88 14.65 -15.62
N PHE C 487 -29.20 14.50 -14.33
CA PHE C 487 -30.47 13.92 -13.90
C PHE C 487 -31.32 14.87 -13.07
N GLY C 488 -32.59 14.50 -12.92
CA GLY C 488 -33.47 15.12 -11.94
C GLY C 488 -33.50 14.30 -10.68
N GLU C 489 -34.19 14.81 -9.67
CA GLU C 489 -34.19 14.24 -8.31
C GLU C 489 -34.65 12.78 -8.26
N THR C 490 -35.70 12.47 -9.01
CA THR C 490 -36.28 11.14 -8.95
C THR C 490 -35.29 10.07 -9.41
N MET C 491 -34.63 10.32 -10.53
CA MET C 491 -33.62 9.41 -11.05
C MET C 491 -32.55 9.12 -10.00
N VAL C 492 -32.05 10.16 -9.35
CA VAL C 492 -30.97 10.00 -8.39
C VAL C 492 -31.46 9.20 -7.21
N GLU C 493 -32.59 9.59 -6.65
CA GLU C 493 -33.01 9.02 -5.39
C GLU C 493 -33.47 7.57 -5.53
N LEU C 494 -34.04 7.22 -6.67
CA LEU C 494 -34.34 5.81 -6.96
C LEU C 494 -33.07 5.06 -7.37
N GLY C 495 -32.20 5.73 -8.11
CA GLY C 495 -31.05 5.07 -8.72
C GLY C 495 -29.94 4.73 -7.75
N ALA C 496 -29.67 5.66 -6.84
CA ALA C 496 -28.53 5.54 -5.93
C ALA C 496 -28.60 4.28 -5.08
N PRO C 497 -29.79 4.00 -4.50
CA PRO C 497 -29.96 2.87 -3.58
C PRO C 497 -29.78 1.51 -4.28
N PHE C 498 -30.40 1.35 -5.44
CA PHE C 498 -30.25 0.13 -6.22
C PHE C 498 -28.80 -0.05 -6.60
N SER C 499 -28.17 1.06 -6.97
CA SER C 499 -26.80 1.02 -7.49
C SER C 499 -25.83 0.56 -6.40
N LEU C 500 -25.88 1.21 -5.24
CA LEU C 500 -24.97 0.89 -4.14
C LEU C 500 -25.21 -0.52 -3.59
N LYS C 501 -26.45 -0.95 -3.60
CA LYS C 501 -26.78 -2.29 -3.12
C LYS C 501 -26.14 -3.36 -4.00
N GLY C 502 -26.16 -3.12 -5.31
CA GLY C 502 -25.61 -4.09 -6.27
C GLY C 502 -24.10 -4.05 -6.25
N LEU C 503 -23.53 -2.90 -5.94
CA LEU C 503 -22.09 -2.74 -5.84
C LEU C 503 -21.62 -3.40 -4.53
N MET C 504 -22.20 -2.98 -3.40
CA MET C 504 -21.69 -3.42 -2.10
C MET C 504 -22.23 -4.78 -1.66
N GLY C 505 -23.35 -5.20 -2.25
CA GLY C 505 -23.97 -6.50 -1.93
C GLY C 505 -23.20 -7.71 -2.44
N ASN C 506 -22.37 -7.48 -3.46
CA ASN C 506 -21.47 -8.51 -4.01
C ASN C 506 -20.68 -9.20 -2.90
N PRO C 507 -20.59 -10.52 -2.98
CA PRO C 507 -19.93 -11.28 -1.91
C PRO C 507 -18.46 -10.93 -1.66
N ILE C 508 -17.71 -10.51 -2.69
CA ILE C 508 -16.31 -10.19 -2.45
C ILE C 508 -16.16 -9.08 -1.43
N CYS C 509 -17.26 -8.41 -1.08
CA CYS C 509 -17.24 -7.30 -0.12
C CYS C 509 -17.49 -7.81 1.27
N SER C 510 -17.79 -9.09 1.37
CA SER C 510 -18.15 -9.68 2.65
C SER C 510 -16.86 -9.96 3.40
N PRO C 511 -16.90 -9.90 4.73
CA PRO C 511 -15.68 -10.01 5.52
C PRO C 511 -14.83 -11.22 5.12
N GLN C 512 -15.45 -12.38 5.02
CA GLN C 512 -14.69 -13.59 4.72
C GLN C 512 -14.05 -13.55 3.33
N TYR C 513 -14.49 -12.63 2.48
CA TYR C 513 -13.91 -12.51 1.15
C TYR C 513 -12.89 -11.36 1.06
N TRP C 514 -13.11 -10.30 1.81
CA TRP C 514 -12.38 -9.05 1.57
C TRP C 514 -11.03 -9.05 2.23
N LYS C 515 -10.13 -9.84 1.65
CA LYS C 515 -8.83 -10.02 2.21
C LYS C 515 -7.88 -10.54 1.13
N PRO C 516 -6.59 -10.25 1.31
CA PRO C 516 -5.58 -10.45 0.29
C PRO C 516 -5.63 -11.83 -0.39
N SER C 517 -5.78 -12.88 0.39
CA SER C 517 -5.60 -14.22 -0.16
C SER C 517 -6.72 -14.55 -1.10
N THR C 518 -7.84 -13.89 -0.93
CA THR C 518 -8.95 -14.14 -1.83
C THR C 518 -8.47 -13.85 -3.23
N PHE C 519 -7.61 -12.85 -3.34
CA PHE C 519 -7.19 -12.34 -4.63
C PHE C 519 -5.75 -12.70 -4.97
N GLY C 520 -5.23 -13.75 -4.31
CA GLY C 520 -3.92 -14.29 -4.64
C GLY C 520 -2.77 -13.52 -4.01
N GLY C 521 -3.07 -12.76 -2.96
CA GLY C 521 -2.03 -12.03 -2.24
C GLY C 521 -2.12 -10.52 -2.36
N GLU C 522 -1.18 -9.83 -1.72
CA GLU C 522 -1.24 -8.36 -1.62
C GLU C 522 -1.11 -7.70 -3.01
N VAL C 523 -0.42 -8.38 -3.92
CA VAL C 523 -0.24 -7.84 -5.27
C VAL C 523 -1.56 -7.88 -6.07
N GLY C 524 -2.33 -8.94 -5.90
CA GLY C 524 -3.68 -9.01 -6.46
C GLY C 524 -4.63 -8.01 -5.83
N PHE C 525 -4.58 -7.93 -4.51
CA PHE C 525 -5.44 -7.02 -3.76
C PHE C 525 -5.17 -5.57 -4.24
N LYS C 526 -3.91 -5.25 -4.44
CA LYS C 526 -3.52 -3.90 -4.82
C LYS C 526 -4.07 -3.52 -6.18
N ILE C 527 -4.29 -4.51 -7.04
CA ILE C 527 -4.80 -4.22 -8.38
C ILE C 527 -6.20 -3.65 -8.24
N ILE C 528 -6.95 -4.22 -7.31
CA ILE C 528 -8.30 -3.74 -7.03
C ILE C 528 -8.25 -2.35 -6.40
N ASN C 529 -7.48 -2.21 -5.34
CA ASN C 529 -7.49 -0.97 -4.57
C ASN C 529 -6.83 0.23 -5.27
N THR C 530 -6.09 -0.01 -6.36
CA THR C 530 -5.54 1.09 -7.18
C THR C 530 -6.22 1.26 -8.53
N ALA C 531 -7.15 0.37 -8.87
CA ALA C 531 -7.81 0.41 -10.18
C ALA C 531 -8.51 1.74 -10.42
N SER C 532 -8.51 2.20 -11.66
CA SER C 532 -9.24 3.41 -12.07
C SER C 532 -9.53 3.32 -13.56
N ILE C 533 -10.48 4.10 -14.03
CA ILE C 533 -10.76 4.07 -15.45
C ILE C 533 -9.49 4.46 -16.23
N GLN C 534 -8.77 5.45 -15.72
CA GLN C 534 -7.54 5.85 -16.40
C GLN C 534 -6.52 4.71 -16.49
N SER C 535 -6.29 3.98 -15.41
CA SER C 535 -5.23 2.99 -15.40
C SER C 535 -5.66 1.80 -16.29
N LEU C 536 -6.95 1.49 -16.24
CA LEU C 536 -7.52 0.41 -17.04
C LEU C 536 -7.17 0.60 -18.50
N ILE C 537 -7.41 1.81 -18.99
CA ILE C 537 -7.14 2.10 -20.38
C ILE C 537 -5.61 2.20 -20.58
N CYS C 538 -4.88 2.54 -19.53
CA CYS C 538 -3.47 2.83 -19.68
C CYS C 538 -2.64 1.56 -19.73
N ASN C 539 -3.01 0.59 -18.89
CA ASN C 539 -2.39 -0.74 -18.85
C ASN C 539 -2.77 -1.56 -20.10
N ASN C 540 -3.81 -1.15 -20.81
CA ASN C 540 -4.37 -2.02 -21.84
C ASN C 540 -4.43 -1.46 -23.24
N VAL C 541 -4.35 -0.14 -23.38
CA VAL C 541 -4.44 0.48 -24.71
C VAL C 541 -3.11 1.09 -25.12
N LYS C 542 -2.69 0.80 -26.34
CA LYS C 542 -1.38 1.23 -26.79
C LYS C 542 -1.23 2.75 -26.61
N GLY C 543 -0.04 3.18 -26.21
CA GLY C 543 0.22 4.61 -25.99
C GLY C 543 -0.31 5.16 -24.65
N CYS C 544 -1.02 4.34 -23.91
CA CYS C 544 -1.57 4.77 -22.64
C CYS C 544 -2.23 6.17 -22.71
N PRO C 545 -3.20 6.32 -23.61
CA PRO C 545 -3.93 7.55 -23.86
C PRO C 545 -4.67 8.13 -22.66
N PHE C 546 -4.84 9.44 -22.65
CA PHE C 546 -5.62 10.05 -21.60
C PHE C 546 -7.10 9.73 -21.79
N THR C 547 -7.77 9.37 -20.71
CA THR C 547 -9.20 9.18 -20.78
C THR C 547 -9.90 9.69 -19.53
N SER C 548 -11.18 9.98 -19.68
CA SER C 548 -11.99 10.51 -18.59
C SER C 548 -13.47 10.27 -18.88
N PHE C 549 -14.30 10.30 -17.84
CA PHE C 549 -15.73 10.15 -18.09
C PHE C 549 -16.33 11.49 -18.51
N ASN C 550 -15.49 12.52 -18.51
CA ASN C 550 -15.95 13.82 -18.96
C ASN C 550 -15.06 14.37 -20.03
N VAL C 551 -15.66 15.25 -20.81
CA VAL C 551 -14.94 15.98 -21.83
C VAL C 551 -13.95 16.96 -21.20
N GLN C 552 -12.80 17.09 -21.86
CA GLN C 552 -11.74 18.00 -21.41
C GLN C 552 -11.84 19.41 -21.98
N ALA D 1 2.54 -32.11 -2.44
CA ALA D 1 3.40 -31.17 -3.20
C ALA D 1 2.99 -29.79 -2.76
N ASN D 2 1.67 -29.57 -2.70
CA ASN D 2 1.11 -28.31 -2.20
C ASN D 2 1.69 -28.05 -0.82
N PRO D 3 2.27 -26.88 -0.63
CA PRO D 3 2.87 -26.69 0.66
C PRO D 3 1.84 -26.25 1.67
N CYS D 4 0.57 -26.19 1.27
CA CYS D 4 -0.53 -25.90 2.21
C CYS D 4 -1.14 -27.20 2.70
N CYS D 5 -0.56 -28.30 2.25
CA CYS D 5 -1.09 -29.61 2.58
C CYS D 5 -1.14 -29.90 4.06
N SER D 6 -0.21 -29.36 4.85
CA SER D 6 -0.11 -29.72 6.27
C SER D 6 -1.19 -29.02 7.14
N ASN D 7 -1.90 -28.08 6.49
CA ASN D 7 -2.93 -27.20 7.11
C ASN D 7 -2.32 -26.12 8.00
N PRO D 8 -1.20 -25.57 7.55
CA PRO D 8 -0.28 -24.81 8.39
C PRO D 8 -0.94 -23.75 9.25
N CYS D 9 -1.89 -23.03 8.67
CA CYS D 9 -2.49 -21.84 9.31
C CYS D 9 -3.50 -22.23 10.33
N GLN D 10 -3.47 -21.56 11.48
CA GLN D 10 -4.36 -21.88 12.58
C GLN D 10 -5.37 -20.77 12.81
N ASN D 11 -6.41 -21.07 13.58
CA ASN D 11 -7.43 -20.07 13.94
C ASN D 11 -8.10 -19.35 12.78
N ARG D 12 -8.24 -20.05 11.67
CA ARG D 12 -9.08 -19.61 10.53
C ARG D 12 -8.29 -18.79 9.55
N GLY D 13 -7.02 -18.62 9.83
CA GLY D 13 -6.11 -18.06 8.86
C GLY D 13 -6.17 -18.85 7.55
N GLU D 14 -6.06 -18.14 6.45
CA GLU D 14 -6.14 -18.81 5.17
C GLU D 14 -4.76 -19.07 4.61
N CYS D 15 -4.58 -20.31 4.14
CA CYS D 15 -3.30 -20.72 3.61
C CYS D 15 -3.29 -20.46 2.12
N MET D 16 -2.23 -19.80 1.67
CA MET D 16 -2.03 -19.51 0.26
C MET D 16 -0.60 -19.88 -0.05
N SER D 17 -0.40 -20.53 -1.19
CA SER D 17 0.92 -20.92 -1.64
C SER D 17 1.65 -19.74 -2.27
N THR D 18 2.87 -19.46 -1.83
CA THR D 18 3.68 -18.40 -2.44
C THR D 18 4.95 -18.97 -3.06
N GLY D 19 4.81 -19.73 -4.13
CA GLY D 19 5.95 -20.49 -4.68
C GLY D 19 5.73 -21.98 -4.41
N PHE D 20 6.47 -22.84 -5.11
CA PHE D 20 6.22 -24.29 -5.04
C PHE D 20 6.39 -24.89 -3.66
N ASP D 21 7.18 -24.22 -2.81
CA ASP D 21 7.60 -24.80 -1.56
C ASP D 21 7.31 -23.90 -0.36
N GLN D 22 6.86 -22.67 -0.59
CA GLN D 22 6.52 -21.82 0.54
C GLN D 22 5.03 -21.50 0.57
N TYR D 23 4.60 -20.98 1.70
CA TYR D 23 3.20 -20.63 1.90
C TYR D 23 3.11 -19.39 2.75
N LYS D 24 1.92 -18.82 2.79
CA LYS D 24 1.69 -17.69 3.64
C LYS D 24 0.27 -17.75 4.18
N CYS D 25 0.11 -17.32 5.42
CA CYS D 25 -1.18 -17.31 6.07
C CYS D 25 -1.73 -15.91 6.11
N ASP D 26 -2.96 -15.74 5.67
CA ASP D 26 -3.65 -14.47 5.81
C ASP D 26 -4.45 -14.50 7.12
N CYS D 27 -4.08 -13.63 8.05
CA CYS D 27 -4.65 -13.68 9.39
C CYS D 27 -5.65 -12.56 9.56
N THR D 28 -5.93 -11.82 8.50
CA THR D 28 -6.92 -10.76 8.57
C THR D 28 -8.07 -11.13 9.50
N ARG D 29 -8.29 -10.31 10.53
CA ARG D 29 -9.50 -10.39 11.34
C ARG D 29 -9.67 -11.69 12.11
N THR D 30 -8.62 -12.51 12.16
CA THR D 30 -8.66 -13.74 12.93
C THR D 30 -8.48 -13.49 14.42
N GLY D 31 -7.79 -12.40 14.76
CA GLY D 31 -7.47 -12.12 16.15
C GLY D 31 -6.07 -12.58 16.53
N PHE D 32 -5.37 -13.18 15.57
CA PHE D 32 -4.01 -13.65 15.77
C PHE D 32 -3.09 -13.16 14.66
N TYR D 33 -1.79 -13.17 14.93
CA TYR D 33 -0.78 -12.90 13.90
C TYR D 33 0.34 -13.93 13.99
N GLY D 34 1.41 -13.73 13.21
CA GLY D 34 2.50 -14.69 13.15
C GLY D 34 2.46 -15.53 11.88
N GLU D 35 3.53 -16.25 11.59
CA GLU D 35 3.63 -17.01 10.36
C GLU D 35 2.41 -17.92 10.16
N ASN D 36 1.82 -18.39 11.28
CA ASN D 36 0.76 -19.41 11.25
C ASN D 36 -0.53 -18.95 11.96
N CYS D 37 -0.64 -17.67 12.25
CA CYS D 37 -1.78 -17.10 12.97
C CYS D 37 -2.01 -17.76 14.33
N THR D 38 -0.93 -17.93 15.08
CA THR D 38 -0.98 -18.62 16.39
C THR D 38 -0.68 -17.69 17.57
N THR D 39 -0.13 -16.51 17.30
CA THR D 39 0.13 -15.53 18.34
C THR D 39 -1.07 -14.58 18.54
N PRO D 40 -1.69 -14.62 19.72
CA PRO D 40 -2.93 -13.87 19.96
C PRO D 40 -2.69 -12.40 20.15
N GLU D 41 -3.61 -11.57 19.71
CA GLU D 41 -3.54 -10.14 20.00
C GLU D 41 -4.03 -9.94 21.43
N PHE D 42 -3.58 -8.87 22.04
CA PHE D 42 -3.91 -8.60 23.43
C PHE D 42 -5.40 -8.78 23.67
N LEU D 43 -6.24 -8.08 22.91
CA LEU D 43 -7.68 -8.17 23.12
C LEU D 43 -8.15 -9.64 23.03
N THR D 44 -7.44 -10.42 22.22
CA THR D 44 -7.80 -11.81 21.96
C THR D 44 -7.54 -12.68 23.18
N ARG D 45 -6.51 -12.33 23.97
CA ARG D 45 -6.14 -13.11 25.15
C ARG D 45 -7.17 -12.98 26.25
N ILE D 46 -7.71 -11.79 26.41
CA ILE D 46 -8.77 -11.57 27.38
C ILE D 46 -9.91 -12.54 27.06
N LYS D 47 -10.39 -12.44 25.82
CA LYS D 47 -11.51 -13.24 25.35
C LYS D 47 -11.24 -14.72 25.56
N LEU D 48 -10.01 -15.15 25.28
CA LEU D 48 -9.64 -16.55 25.42
C LEU D 48 -9.58 -17.01 26.89
N LEU D 49 -9.55 -16.06 27.83
CA LEU D 49 -9.58 -16.38 29.28
C LEU D 49 -10.98 -16.19 29.88
N LEU D 50 -11.79 -15.31 29.31
CA LEU D 50 -13.16 -15.10 29.78
C LEU D 50 -14.17 -15.95 28.99
N LYS D 51 -13.68 -16.97 28.29
CA LYS D 51 -14.53 -17.83 27.46
C LYS D 51 -14.65 -19.23 28.06
N PRO D 52 -15.85 -19.55 28.53
CA PRO D 52 -16.09 -20.88 29.08
C PRO D 52 -16.11 -21.91 27.96
N THR D 53 -15.71 -23.15 28.27
CA THR D 53 -15.75 -24.22 27.29
C THR D 53 -17.19 -24.61 27.00
N PRO D 54 -17.43 -25.16 25.80
CA PRO D 54 -18.78 -25.56 25.46
C PRO D 54 -19.32 -26.56 26.46
N ASN D 55 -18.45 -27.41 27.00
CA ASN D 55 -18.86 -28.42 27.98
C ASN D 55 -19.31 -27.78 29.31
N THR D 56 -18.72 -26.64 29.64
CA THR D 56 -19.15 -25.84 30.81
C THR D 56 -20.53 -25.25 30.55
N VAL D 57 -20.67 -24.55 29.43
CA VAL D 57 -21.92 -23.91 29.06
C VAL D 57 -23.07 -24.94 29.02
N HIS D 58 -22.82 -26.09 28.41
CA HIS D 58 -23.85 -27.12 28.33
C HIS D 58 -24.28 -27.52 29.72
N TYR D 59 -23.31 -27.61 30.61
CA TYR D 59 -23.58 -28.01 31.98
C TYR D 59 -24.55 -27.00 32.61
N ILE D 60 -24.32 -25.71 32.34
CA ILE D 60 -25.14 -24.66 32.95
C ILE D 60 -26.55 -24.66 32.34
N LEU D 61 -26.63 -25.03 31.06
CA LEU D 61 -27.93 -25.08 30.39
C LEU D 61 -28.76 -26.26 30.87
N THR D 62 -28.11 -27.29 31.42
CA THR D 62 -28.79 -28.54 31.76
C THR D 62 -28.83 -28.79 33.27
N HIS D 63 -28.46 -27.79 34.04
CA HIS D 63 -28.64 -27.85 35.49
C HIS D 63 -29.35 -26.60 36.01
N PHE D 64 -29.39 -26.45 37.33
CA PHE D 64 -30.07 -25.32 37.98
C PHE D 64 -31.51 -25.19 37.49
N LYS D 65 -32.18 -26.33 37.42
CA LYS D 65 -33.55 -26.38 36.90
C LYS D 65 -34.44 -25.33 37.52
N GLY D 66 -34.16 -24.99 38.78
CA GLY D 66 -34.95 -24.00 39.50
C GLY D 66 -34.77 -22.60 38.95
N VAL D 67 -33.52 -22.23 38.69
CA VAL D 67 -33.20 -20.90 38.15
C VAL D 67 -33.79 -20.70 36.76
N TRP D 68 -33.64 -21.71 35.90
CA TRP D 68 -34.17 -21.63 34.53
C TRP D 68 -35.69 -21.51 34.56
N ASN D 69 -36.29 -22.10 35.58
CA ASN D 69 -37.73 -22.04 35.75
C ASN D 69 -38.20 -20.60 35.93
N ILE D 70 -37.36 -19.79 36.57
CA ILE D 70 -37.64 -18.38 36.81
C ILE D 70 -37.34 -17.56 35.56
N VAL D 71 -36.20 -17.84 34.93
CA VAL D 71 -35.83 -17.16 33.69
C VAL D 71 -36.86 -17.41 32.58
N ASN D 72 -37.32 -18.65 32.47
CA ASN D 72 -38.29 -19.00 31.44
C ASN D 72 -39.58 -18.21 31.57
N ASN D 73 -39.79 -17.58 32.73
CA ASN D 73 -41.07 -16.90 32.98
C ASN D 73 -40.91 -15.38 33.05
N ILE D 74 -39.71 -14.89 32.84
CA ILE D 74 -39.46 -13.46 32.68
C ILE D 74 -39.16 -13.17 31.22
N PRO D 75 -40.20 -12.82 30.45
CA PRO D 75 -40.11 -12.69 29.00
C PRO D 75 -38.89 -11.94 28.49
N PHE D 76 -38.47 -10.92 29.22
CA PHE D 76 -37.32 -10.10 28.77
C PHE D 76 -35.98 -10.80 29.00
N LEU D 77 -35.93 -11.70 29.98
CA LEU D 77 -34.72 -12.50 30.24
C LEU D 77 -34.66 -13.64 29.26
N ARG D 78 -35.79 -14.30 29.08
CA ARG D 78 -35.87 -15.36 28.09
C ARG D 78 -35.44 -14.85 26.72
N SER D 79 -35.84 -13.62 26.40
CA SER D 79 -35.45 -13.01 25.12
C SER D 79 -33.96 -12.73 25.08
N LEU D 80 -33.41 -12.23 26.18
CA LEU D 80 -31.98 -11.89 26.23
C LEU D 80 -31.09 -13.13 26.08
N ILE D 81 -31.56 -14.25 26.61
CA ILE D 81 -30.80 -15.50 26.57
C ILE D 81 -30.84 -16.16 25.18
N MET D 82 -32.03 -16.19 24.58
CA MET D 82 -32.21 -16.81 23.28
C MET D 82 -31.39 -16.02 22.27
N LYS D 83 -31.39 -14.71 22.44
CA LYS D 83 -30.65 -13.80 21.56
C LYS D 83 -29.18 -14.15 21.64
N TYR D 84 -28.72 -14.51 22.83
CA TYR D 84 -27.33 -14.89 22.98
C TYR D 84 -27.08 -16.24 22.31
N VAL D 85 -28.02 -17.20 22.45
CA VAL D 85 -27.80 -18.52 21.87
C VAL D 85 -27.79 -18.42 20.34
N LEU D 86 -28.62 -17.52 19.82
CA LEU D 86 -28.67 -17.25 18.39
C LEU D 86 -27.36 -16.67 17.89
N THR D 87 -26.91 -15.59 18.51
CA THR D 87 -25.78 -14.79 18.00
C THR D 87 -24.37 -15.36 18.30
N SER D 88 -24.22 -16.05 19.44
CA SER D 88 -22.90 -16.55 19.83
C SER D 88 -22.33 -17.45 18.74
N ARG D 89 -23.22 -18.17 18.07
CA ARG D 89 -22.85 -19.16 17.09
C ARG D 89 -22.58 -18.58 15.70
N SER D 90 -23.24 -17.45 15.40
CA SER D 90 -23.22 -16.86 14.06
C SER D 90 -21.85 -16.88 13.42
N TYR D 91 -20.88 -16.43 14.19
CA TYR D 91 -19.53 -16.21 13.67
C TYR D 91 -18.85 -17.51 13.17
N LEU D 92 -19.48 -18.66 13.39
CA LEU D 92 -18.85 -19.94 13.04
C LEU D 92 -19.15 -20.34 11.61
N ILE D 93 -20.04 -19.61 10.94
CA ILE D 93 -20.45 -19.98 9.60
C ILE D 93 -20.10 -18.89 8.63
N ASP D 94 -19.48 -19.28 7.52
CA ASP D 94 -19.17 -18.33 6.46
C ASP D 94 -20.45 -18.02 5.69
N SER D 95 -20.82 -16.76 5.62
CA SER D 95 -22.01 -16.38 4.90
C SER D 95 -21.86 -14.96 4.46
N PRO D 96 -21.75 -14.74 3.15
CA PRO D 96 -21.79 -15.71 2.05
C PRO D 96 -20.82 -16.91 2.17
N PRO D 97 -21.23 -18.05 1.61
CA PRO D 97 -20.49 -19.27 1.62
C PRO D 97 -19.24 -19.15 0.80
N THR D 98 -18.30 -20.04 1.08
CA THR D 98 -17.00 -19.95 0.49
C THR D 98 -16.69 -21.20 -0.35
N TYR D 99 -16.22 -22.25 0.29
CA TYR D 99 -15.58 -23.34 -0.42
C TYR D 99 -16.57 -24.42 -0.80
N ASN D 100 -16.14 -25.35 -1.64
CA ASN D 100 -16.93 -26.54 -1.93
C ASN D 100 -16.03 -27.70 -2.35
N VAL D 101 -16.60 -28.84 -2.73
CA VAL D 101 -15.81 -30.03 -3.01
C VAL D 101 -14.70 -29.79 -4.01
N HIS D 102 -14.88 -28.87 -4.95
CA HIS D 102 -13.89 -28.66 -6.01
C HIS D 102 -13.00 -27.43 -5.81
N TYR D 103 -13.30 -26.60 -4.82
CA TYR D 103 -12.59 -25.35 -4.64
C TYR D 103 -12.10 -25.18 -3.21
N GLY D 104 -10.78 -25.13 -3.08
CA GLY D 104 -10.09 -24.95 -1.81
C GLY D 104 -9.63 -23.52 -1.62
N TYR D 105 -10.02 -22.70 -2.58
CA TYR D 105 -9.80 -21.27 -2.49
C TYR D 105 -11.08 -20.63 -3.00
N LYS D 106 -11.43 -19.45 -2.52
CA LYS D 106 -12.65 -18.81 -2.98
C LYS D 106 -12.57 -18.55 -4.46
N SER D 107 -13.69 -18.80 -5.13
CA SER D 107 -13.82 -18.49 -6.54
C SER D 107 -15.26 -18.07 -6.81
N TRP D 108 -15.49 -17.42 -7.94
CA TRP D 108 -16.85 -17.05 -8.28
C TRP D 108 -17.71 -18.29 -8.59
N GLU D 109 -17.05 -19.34 -9.06
CA GLU D 109 -17.75 -20.55 -9.38
C GLU D 109 -18.28 -21.12 -8.07
N ALA D 110 -17.44 -21.10 -7.03
CA ALA D 110 -17.82 -21.73 -5.76
C ALA D 110 -18.94 -20.94 -5.15
N PHE D 111 -18.84 -19.63 -5.20
CA PHE D 111 -19.92 -18.85 -4.68
C PHE D 111 -21.19 -19.04 -5.52
N SER D 112 -21.09 -19.04 -6.84
CA SER D 112 -22.31 -18.85 -7.65
C SER D 112 -23.06 -20.11 -8.00
N ASN D 113 -22.41 -21.26 -7.94
CA ASN D 113 -23.02 -22.52 -8.39
C ASN D 113 -23.84 -23.15 -7.31
N LEU D 114 -25.14 -23.04 -7.45
CA LEU D 114 -26.07 -23.44 -6.40
C LEU D 114 -26.22 -24.97 -6.24
N SER D 115 -25.61 -25.72 -7.16
CA SER D 115 -25.71 -27.20 -7.17
C SER D 115 -24.78 -27.89 -6.18
N TYR D 116 -23.85 -27.13 -5.65
CA TYR D 116 -22.85 -27.66 -4.75
C TYR D 116 -23.34 -27.55 -3.32
N TYR D 117 -23.05 -28.55 -2.50
CA TYR D 117 -23.08 -28.31 -1.06
C TYR D 117 -21.86 -27.42 -0.79
N THR D 118 -22.00 -26.49 0.14
CA THR D 118 -20.84 -25.67 0.50
C THR D 118 -20.03 -26.46 1.48
N ARG D 119 -18.86 -25.93 1.85
CA ARG D 119 -17.93 -26.62 2.72
C ARG D 119 -17.42 -25.73 3.84
N ALA D 120 -17.53 -26.21 5.08
CA ALA D 120 -17.04 -25.48 6.25
C ALA D 120 -15.51 -25.41 6.26
N LEU D 121 -14.91 -26.47 5.76
CA LEU D 121 -13.47 -26.53 5.61
C LEU D 121 -13.18 -27.00 4.22
N PRO D 122 -12.16 -26.41 3.61
CA PRO D 122 -11.83 -26.75 2.23
C PRO D 122 -11.36 -28.18 2.12
N PRO D 123 -11.55 -28.75 0.96
CA PRO D 123 -11.00 -30.08 0.74
C PRO D 123 -9.45 -30.11 0.81
N VAL D 124 -8.92 -31.27 1.15
CA VAL D 124 -7.50 -31.53 1.05
C VAL D 124 -7.15 -31.56 -0.45
N ALA D 125 -6.17 -30.75 -0.82
CA ALA D 125 -5.75 -30.65 -2.21
C ALA D 125 -5.49 -32.04 -2.82
N ASP D 126 -5.77 -32.17 -4.11
CA ASP D 126 -5.64 -33.45 -4.80
C ASP D 126 -4.22 -33.99 -4.78
N ASP D 127 -3.24 -33.12 -4.65
CA ASP D 127 -1.86 -33.59 -4.77
C ASP D 127 -1.13 -33.54 -3.43
N CYS D 128 -1.87 -33.63 -2.34
CA CYS D 128 -1.27 -33.83 -1.03
C CYS D 128 -0.86 -35.29 -0.93
N PRO D 129 0.21 -35.57 -0.17
CA PRO D 129 0.74 -36.93 -0.10
C PRO D 129 -0.15 -37.92 0.67
N THR D 130 -0.99 -37.41 1.55
CA THR D 130 -1.88 -38.31 2.28
C THR D 130 -3.30 -37.81 2.19
N PRO D 131 -4.24 -38.65 2.59
CA PRO D 131 -5.66 -38.30 2.49
C PRO D 131 -6.01 -37.19 3.45
N MET D 132 -5.36 -37.16 4.60
CA MET D 132 -5.65 -36.12 5.60
C MET D 132 -4.72 -34.93 5.46
N GLY D 133 -3.87 -34.96 4.45
CA GLY D 133 -2.90 -33.87 4.20
C GLY D 133 -1.47 -34.37 4.11
N VAL D 134 -0.76 -34.33 5.23
CA VAL D 134 0.59 -34.89 5.31
C VAL D 134 0.68 -35.99 6.35
N LYS D 135 -0.29 -36.05 7.26
CA LYS D 135 -0.27 -37.05 8.33
C LYS D 135 -0.93 -38.36 7.89
N GLY D 136 -0.60 -39.44 8.60
CA GLY D 136 -1.18 -40.76 8.35
C GLY D 136 -0.50 -41.56 7.24
N ASN D 137 -1.15 -42.63 6.82
CA ASN D 137 -0.61 -43.50 5.78
C ASN D 137 -1.20 -43.15 4.42
N LYS D 138 -0.59 -43.66 3.36
CA LYS D 138 -1.01 -43.34 1.99
C LYS D 138 -2.52 -43.54 1.79
N GLU D 139 -3.10 -44.41 2.60
CA GLU D 139 -4.54 -44.65 2.57
C GLU D 139 -5.12 -44.83 3.97
N LEU D 140 -6.36 -44.41 4.09
CA LEU D 140 -7.08 -44.55 5.32
C LEU D 140 -7.38 -46.02 5.54
N PRO D 141 -7.73 -46.39 6.77
CA PRO D 141 -8.12 -47.75 7.09
C PRO D 141 -9.33 -48.24 6.32
N ASP D 142 -9.31 -49.53 5.99
CA ASP D 142 -10.47 -50.20 5.41
C ASP D 142 -11.76 -49.66 6.04
N SER D 143 -12.60 -49.05 5.23
CA SER D 143 -13.84 -48.46 5.75
C SER D 143 -14.69 -49.55 6.39
N LYS D 144 -14.74 -50.72 5.75
CA LYS D 144 -15.48 -51.87 6.24
C LYS D 144 -15.02 -52.23 7.63
N GLU D 145 -13.71 -52.15 7.84
CA GLU D 145 -13.13 -52.56 9.11
C GLU D 145 -13.62 -51.65 10.20
N VAL D 146 -13.69 -50.36 9.89
CA VAL D 146 -14.09 -49.36 10.85
C VAL D 146 -15.56 -49.58 11.12
N LEU D 147 -16.29 -49.81 10.04
CA LEU D 147 -17.72 -50.08 10.11
C LEU D 147 -17.97 -51.15 11.15
N GLU D 148 -17.39 -52.30 10.87
CA GLU D 148 -17.67 -53.49 11.65
C GLU D 148 -17.14 -53.37 13.08
N LYS D 149 -16.01 -52.71 13.25
CA LYS D 149 -15.35 -52.77 14.54
C LYS D 149 -15.94 -51.80 15.56
N VAL D 150 -16.31 -50.59 15.14
CA VAL D 150 -16.85 -49.64 16.09
C VAL D 150 -18.22 -49.05 15.72
N LEU D 151 -18.77 -49.38 14.56
CA LEU D 151 -20.05 -48.76 14.19
C LEU D 151 -21.28 -49.67 14.29
N LEU D 152 -21.15 -50.95 13.90
CA LEU D 152 -22.30 -51.86 13.86
C LEU D 152 -22.81 -52.22 15.24
N ARG D 153 -24.13 -52.24 15.33
CA ARG D 153 -24.86 -52.54 16.55
C ARG D 153 -24.74 -54.00 16.91
N ARG D 154 -24.31 -54.29 18.14
CA ARG D 154 -24.48 -55.62 18.68
C ARG D 154 -25.83 -55.61 19.38
N GLU D 155 -25.89 -54.92 20.49
CA GLU D 155 -27.14 -54.80 21.17
C GLU D 155 -27.71 -53.41 20.90
N PHE D 156 -29.03 -53.31 20.87
CA PHE D 156 -29.69 -52.01 20.69
C PHE D 156 -29.43 -51.13 21.91
N ILE D 157 -28.82 -49.97 21.71
CA ILE D 157 -28.52 -49.05 22.78
C ILE D 157 -29.54 -47.92 22.70
N PRO D 158 -30.41 -47.81 23.70
CA PRO D 158 -31.45 -46.81 23.58
C PRO D 158 -30.91 -45.44 23.90
N ASP D 159 -31.53 -44.43 23.30
CA ASP D 159 -31.18 -43.06 23.61
C ASP D 159 -31.63 -42.73 25.02
N PRO D 160 -30.69 -42.28 25.87
CA PRO D 160 -31.00 -41.94 27.25
C PRO D 160 -31.92 -40.72 27.37
N GLN D 161 -32.01 -39.89 26.33
CA GLN D 161 -32.89 -38.70 26.34
C GLN D 161 -34.32 -39.09 25.98
N GLY D 162 -34.54 -40.36 25.68
CA GLY D 162 -35.91 -40.85 25.47
C GLY D 162 -36.53 -40.36 24.17
N SER D 163 -35.66 -39.98 23.24
CA SER D 163 -36.08 -39.71 21.86
C SER D 163 -36.87 -40.90 21.36
N ASN D 164 -37.91 -40.63 20.59
CA ASN D 164 -38.75 -41.69 20.06
C ASN D 164 -38.82 -41.68 18.54
N MET D 165 -39.64 -42.56 17.99
CA MET D 165 -39.75 -42.68 16.54
C MET D 165 -40.45 -41.47 15.90
N MET D 166 -41.29 -40.78 16.65
CA MET D 166 -41.90 -39.56 16.15
C MET D 166 -40.78 -38.57 15.89
N PHE D 167 -39.76 -38.63 16.73
CA PHE D 167 -38.62 -37.75 16.57
C PHE D 167 -37.77 -38.24 15.40
N ALA D 168 -37.45 -39.53 15.38
CA ALA D 168 -36.54 -40.06 14.35
C ALA D 168 -37.05 -39.71 12.98
N PHE D 169 -38.33 -39.95 12.77
CA PHE D 169 -38.92 -39.75 11.44
C PHE D 169 -39.17 -38.28 11.12
N PHE D 170 -39.27 -37.46 12.16
CA PHE D 170 -39.38 -36.03 11.95
C PHE D 170 -38.06 -35.48 11.46
N ALA D 171 -36.95 -36.03 11.95
CA ALA D 171 -35.64 -35.53 11.59
C ALA D 171 -35.35 -35.93 10.16
N GLN D 172 -35.73 -37.17 9.83
CA GLN D 172 -35.55 -37.68 8.46
C GLN D 172 -36.37 -36.84 7.46
N HIS D 173 -37.64 -36.66 7.83
CA HIS D 173 -38.58 -35.94 7.00
C HIS D 173 -38.14 -34.51 6.79
N PHE D 174 -37.93 -33.83 7.88
CA PHE D 174 -37.54 -32.43 7.84
C PHE D 174 -36.20 -32.23 7.13
N THR D 175 -35.18 -32.99 7.52
CA THR D 175 -33.85 -32.79 6.95
C THR D 175 -33.87 -33.10 5.47
N HIS D 176 -34.77 -33.99 5.05
CA HIS D 176 -34.69 -34.45 3.65
C HIS D 176 -35.26 -33.48 2.63
N GLN D 177 -35.56 -32.27 3.09
CA GLN D 177 -35.93 -31.20 2.18
C GLN D 177 -34.71 -30.49 1.71
N PHE D 178 -33.69 -30.44 2.58
CA PHE D 178 -32.45 -29.76 2.21
C PHE D 178 -31.22 -30.66 2.04
N PHE D 179 -31.35 -31.94 2.41
CA PHE D 179 -30.35 -32.95 2.05
C PHE D 179 -30.89 -33.83 0.91
N LYS D 180 -30.49 -33.52 -0.30
CA LYS D 180 -30.98 -34.22 -1.47
C LYS D 180 -29.83 -34.37 -2.45
N THR D 181 -28.92 -35.28 -2.12
CA THR D 181 -27.70 -35.40 -2.88
C THR D 181 -27.99 -35.81 -4.32
N ASP D 182 -27.38 -35.10 -5.26
CA ASP D 182 -27.53 -35.44 -6.66
C ASP D 182 -26.45 -36.46 -7.05
N HIS D 183 -26.78 -37.73 -6.87
CA HIS D 183 -25.80 -38.80 -7.05
C HIS D 183 -25.29 -38.94 -8.49
N LYS D 184 -26.01 -38.39 -9.47
CA LYS D 184 -25.53 -38.45 -10.86
C LYS D 184 -24.26 -37.60 -10.97
N ARG D 185 -24.25 -36.47 -10.29
CA ARG D 185 -23.09 -35.59 -10.30
C ARG D 185 -22.02 -36.05 -9.32
N GLY D 186 -22.43 -36.47 -8.14
CA GLY D 186 -21.50 -36.81 -7.07
C GLY D 186 -22.00 -36.36 -5.70
N PRO D 187 -21.38 -36.89 -4.64
CA PRO D 187 -21.76 -36.73 -3.23
C PRO D 187 -21.72 -35.30 -2.71
N GLY D 188 -20.98 -34.44 -3.41
CA GLY D 188 -20.82 -33.05 -2.98
C GLY D 188 -21.77 -32.10 -3.69
N PHE D 189 -22.76 -32.67 -4.36
CA PHE D 189 -23.77 -31.88 -5.08
C PHE D 189 -25.16 -32.10 -4.55
N THR D 190 -26.02 -31.12 -4.75
CA THR D 190 -27.35 -31.16 -4.16
C THR D 190 -28.46 -30.87 -5.17
N ARG D 191 -29.64 -31.42 -4.95
CA ARG D 191 -30.82 -31.08 -5.77
C ARG D 191 -31.75 -30.09 -5.05
N GLY D 192 -31.38 -29.74 -3.81
CA GLY D 192 -32.14 -28.78 -3.00
C GLY D 192 -31.64 -27.35 -3.18
N LEU D 193 -32.01 -26.77 -4.32
CA LEU D 193 -31.46 -25.50 -4.74
C LEU D 193 -31.96 -24.41 -3.80
N GLY D 194 -32.94 -24.74 -2.95
CA GLY D 194 -33.42 -23.77 -1.98
C GLY D 194 -32.40 -23.56 -0.86
N HIS D 195 -31.52 -24.54 -0.71
CA HIS D 195 -30.54 -24.53 0.37
C HIS D 195 -31.14 -24.11 1.69
N GLY D 196 -32.28 -24.69 2.05
CA GLY D 196 -32.87 -24.47 3.34
C GLY D 196 -34.28 -24.98 3.53
N VAL D 197 -34.96 -24.38 4.51
CA VAL D 197 -36.30 -24.79 4.86
C VAL D 197 -37.27 -24.13 3.92
N ASP D 198 -37.55 -24.74 2.76
CA ASP D 198 -38.50 -24.15 1.83
C ASP D 198 -39.70 -25.03 1.62
N LEU D 199 -39.67 -26.17 2.30
CA LEU D 199 -40.72 -27.18 2.25
C LEU D 199 -40.95 -27.66 0.83
N ASN D 200 -39.90 -27.65 0.03
CA ASN D 200 -39.98 -28.32 -1.27
C ASN D 200 -40.32 -29.79 -1.14
N HIS D 201 -40.18 -30.36 0.05
CA HIS D 201 -40.52 -31.77 0.24
C HIS D 201 -42.02 -31.98 0.34
N ILE D 202 -42.76 -30.90 0.38
CA ILE D 202 -44.20 -30.99 0.37
C ILE D 202 -44.71 -30.50 -0.96
N TYR D 203 -44.10 -29.42 -1.45
CA TYR D 203 -44.61 -28.65 -2.57
C TYR D 203 -43.86 -28.88 -3.87
N GLY D 204 -42.69 -29.52 -3.80
CA GLY D 204 -41.84 -29.77 -4.97
C GLY D 204 -40.79 -28.71 -5.21
N GLU D 205 -39.64 -29.13 -5.75
CA GLU D 205 -38.56 -28.24 -6.16
C GLU D 205 -38.99 -27.27 -7.22
N THR D 206 -39.69 -27.77 -8.21
CA THR D 206 -39.93 -27.00 -9.42
C THR D 206 -41.42 -26.63 -9.51
N LEU D 207 -41.70 -25.56 -10.25
CA LEU D 207 -43.07 -25.09 -10.45
C LEU D 207 -43.89 -26.19 -11.11
N ASP D 208 -43.25 -26.92 -12.00
CA ASP D 208 -43.87 -27.98 -12.79
C ASP D 208 -44.47 -29.04 -11.88
N ARG D 209 -43.68 -29.48 -10.91
CA ARG D 209 -44.10 -30.51 -9.99
C ARG D 209 -45.13 -29.95 -9.02
N GLN D 210 -44.86 -28.74 -8.54
CA GLN D 210 -45.76 -28.09 -7.60
C GLN D 210 -47.14 -28.10 -8.20
N HIS D 211 -47.18 -27.80 -9.49
CA HIS D 211 -48.45 -27.61 -10.15
C HIS D 211 -49.22 -28.93 -10.31
N LYS D 212 -48.50 -30.03 -10.50
CA LYS D 212 -49.16 -31.32 -10.58
C LYS D 212 -49.70 -31.69 -9.22
N LEU D 213 -49.07 -31.18 -8.17
CA LEU D 213 -49.45 -31.56 -6.81
C LEU D 213 -50.64 -30.75 -6.29
N ARG D 214 -51.02 -29.70 -7.02
CA ARG D 214 -52.03 -28.75 -6.56
C ARG D 214 -53.44 -28.94 -7.15
N LEU D 215 -54.44 -28.50 -6.40
CA LEU D 215 -55.83 -28.71 -6.76
C LEU D 215 -56.32 -27.51 -7.57
N PHE D 216 -55.69 -26.37 -7.34
CA PHE D 216 -56.08 -25.14 -8.01
C PHE D 216 -57.48 -24.65 -7.68
N LYS D 217 -58.00 -25.11 -6.54
CA LYS D 217 -59.10 -24.40 -5.88
C LYS D 217 -58.79 -24.23 -4.40
N ASP D 218 -58.99 -23.03 -3.90
CA ASP D 218 -58.83 -22.77 -2.47
C ASP D 218 -57.37 -22.96 -2.00
N GLY D 219 -56.45 -23.05 -2.96
CA GLY D 219 -55.02 -23.02 -2.66
C GLY D 219 -54.58 -24.34 -2.10
N LYS D 220 -55.38 -25.37 -2.34
CA LYS D 220 -55.15 -26.67 -1.73
C LYS D 220 -54.26 -27.56 -2.57
N LEU D 221 -53.68 -28.55 -1.91
CA LEU D 221 -52.97 -29.64 -2.55
C LEU D 221 -53.97 -30.76 -2.87
N LYS D 222 -53.84 -31.38 -4.03
CA LYS D 222 -54.62 -32.56 -4.31
C LYS D 222 -54.51 -33.57 -3.16
N TYR D 223 -55.53 -34.40 -2.99
CA TYR D 223 -55.50 -35.45 -2.01
C TYR D 223 -56.53 -36.50 -2.39
N GLN D 224 -56.50 -37.66 -1.73
CA GLN D 224 -57.52 -38.69 -1.91
C GLN D 224 -58.09 -39.13 -0.53
N VAL D 225 -59.30 -39.69 -0.53
CA VAL D 225 -59.91 -40.19 0.70
C VAL D 225 -59.96 -41.69 0.62
N ILE D 226 -59.40 -42.34 1.65
CA ILE D 226 -59.37 -43.80 1.72
C ILE D 226 -59.87 -44.19 3.09
N GLY D 227 -60.94 -44.96 3.11
CA GLY D 227 -61.59 -45.32 4.34
C GLY D 227 -61.82 -44.09 5.22
N GLY D 228 -62.31 -43.02 4.60
CA GLY D 228 -62.73 -41.81 5.30
C GLY D 228 -61.55 -40.99 5.77
N GLU D 229 -60.35 -41.41 5.41
CA GLU D 229 -59.15 -40.70 5.85
C GLU D 229 -58.48 -40.00 4.68
N VAL D 230 -57.91 -38.83 4.94
CA VAL D 230 -57.24 -38.03 3.89
C VAL D 230 -55.78 -38.46 3.68
N TYR D 231 -55.41 -38.67 2.43
CA TYR D 231 -54.06 -39.07 2.08
C TYR D 231 -53.60 -38.37 0.82
N PRO D 232 -52.28 -38.35 0.60
CA PRO D 232 -51.72 -37.82 -0.64
C PRO D 232 -52.34 -38.50 -1.85
N PRO D 233 -52.40 -37.79 -2.97
CA PRO D 233 -52.89 -38.33 -4.22
C PRO D 233 -51.95 -39.40 -4.75
N THR D 234 -52.30 -40.01 -5.89
CA THR D 234 -51.49 -41.07 -6.45
C THR D 234 -50.63 -40.55 -7.61
N VAL D 235 -49.58 -41.30 -7.92
CA VAL D 235 -48.82 -41.02 -9.13
C VAL D 235 -49.74 -41.06 -10.36
N LYS D 236 -50.67 -42.01 -10.42
CA LYS D 236 -51.55 -42.10 -11.61
C LYS D 236 -52.37 -40.82 -11.79
N ASP D 237 -52.92 -40.32 -10.69
CA ASP D 237 -53.74 -39.10 -10.75
C ASP D 237 -52.92 -37.82 -11.02
N THR D 238 -51.66 -37.77 -10.59
CA THR D 238 -50.89 -36.52 -10.64
C THR D 238 -49.82 -36.45 -11.71
N GLN D 239 -49.24 -37.61 -12.02
CA GLN D 239 -48.08 -37.71 -12.92
C GLN D 239 -46.78 -37.23 -12.31
N VAL D 240 -46.78 -36.94 -11.02
CA VAL D 240 -45.52 -36.52 -10.40
C VAL D 240 -44.64 -37.77 -10.26
N GLU D 241 -43.37 -37.64 -10.59
CA GLU D 241 -42.46 -38.78 -10.49
C GLU D 241 -42.11 -39.07 -9.04
N MET D 242 -42.22 -40.33 -8.67
CA MET D 242 -41.88 -40.80 -7.34
C MET D 242 -40.95 -41.98 -7.50
N ILE D 243 -40.20 -42.32 -6.46
CA ILE D 243 -39.38 -43.51 -6.51
C ILE D 243 -40.08 -44.66 -5.80
N TYR D 244 -40.58 -45.61 -6.58
CA TYR D 244 -41.16 -46.84 -6.04
C TYR D 244 -40.62 -48.04 -6.77
N PRO D 245 -40.33 -49.10 -6.02
CA PRO D 245 -39.97 -50.33 -6.69
C PRO D 245 -41.14 -50.82 -7.55
N PRO D 246 -40.84 -51.47 -8.70
CA PRO D 246 -41.83 -51.83 -9.73
C PRO D 246 -43.01 -52.63 -9.24
N HIS D 247 -42.85 -53.35 -8.14
CA HIS D 247 -43.91 -54.22 -7.66
C HIS D 247 -45.01 -53.48 -6.87
N ILE D 248 -44.83 -52.17 -6.66
CA ILE D 248 -45.81 -51.37 -5.90
C ILE D 248 -47.00 -51.00 -6.78
N PRO D 249 -48.20 -51.40 -6.36
CA PRO D 249 -49.44 -51.20 -7.11
C PRO D 249 -49.81 -49.74 -7.25
N GLU D 250 -50.31 -49.37 -8.42
CA GLU D 250 -50.55 -47.97 -8.76
C GLU D 250 -51.29 -47.18 -7.69
N ASN D 251 -52.13 -47.86 -6.90
CA ASN D 251 -52.96 -47.20 -5.91
C ASN D 251 -52.21 -46.98 -4.60
N LEU D 252 -50.97 -47.47 -4.51
CA LEU D 252 -50.18 -47.29 -3.30
C LEU D 252 -49.00 -46.36 -3.58
N GLN D 253 -48.89 -45.93 -4.83
CA GLN D 253 -47.86 -44.99 -5.21
C GLN D 253 -48.34 -43.57 -4.90
N PHE D 254 -48.08 -43.15 -3.68
CA PHE D 254 -48.43 -41.80 -3.25
C PHE D 254 -47.48 -40.76 -3.83
N ALA D 255 -48.04 -39.64 -4.23
CA ALA D 255 -47.27 -38.56 -4.80
C ALA D 255 -47.15 -37.46 -3.80
N VAL D 256 -45.91 -37.09 -3.47
CA VAL D 256 -45.65 -36.01 -2.53
C VAL D 256 -44.49 -35.16 -3.02
N GLY D 257 -44.23 -34.08 -2.31
CA GLY D 257 -43.21 -33.13 -2.71
C GLY D 257 -41.85 -33.77 -2.99
N GLN D 258 -41.47 -34.73 -2.16
CA GLN D 258 -40.15 -35.34 -2.19
C GLN D 258 -40.29 -36.74 -2.74
N GLU D 259 -39.55 -37.00 -3.81
CA GLU D 259 -39.71 -38.20 -4.60
C GLU D 259 -39.37 -39.48 -3.84
N VAL D 260 -38.70 -39.34 -2.72
CA VAL D 260 -38.16 -40.51 -2.05
C VAL D 260 -39.06 -40.92 -0.86
N PHE D 261 -40.03 -40.09 -0.54
CA PHE D 261 -40.76 -40.26 0.71
C PHE D 261 -41.66 -41.48 0.72
N GLY D 262 -41.84 -42.11 -0.44
CA GLY D 262 -42.75 -43.26 -0.53
C GLY D 262 -42.05 -44.49 -0.02
N LEU D 263 -40.76 -44.32 0.24
CA LEU D 263 -39.87 -45.42 0.55
C LEU D 263 -39.95 -45.82 2.03
N VAL D 264 -40.40 -44.92 2.88
CA VAL D 264 -40.53 -45.23 4.31
C VAL D 264 -41.88 -44.72 4.84
N PRO D 265 -42.66 -45.61 5.43
CA PRO D 265 -43.97 -45.24 5.96
C PRO D 265 -43.93 -44.15 7.03
N GLY D 266 -42.79 -44.00 7.68
CA GLY D 266 -42.59 -42.91 8.64
C GLY D 266 -42.58 -41.56 7.93
N LEU D 267 -41.96 -41.54 6.76
CA LEU D 267 -41.91 -40.35 5.95
C LEU D 267 -43.31 -40.07 5.44
N MET D 268 -43.97 -41.08 4.92
CA MET D 268 -45.31 -40.88 4.36
C MET D 268 -46.29 -40.40 5.44
N MET D 269 -46.06 -40.84 6.67
CA MET D 269 -46.87 -40.38 7.80
C MET D 269 -46.78 -38.87 7.91
N TYR D 270 -45.56 -38.33 8.03
CA TYR D 270 -45.41 -36.89 8.13
C TYR D 270 -45.86 -36.20 6.84
N ALA D 271 -45.58 -36.82 5.70
CA ALA D 271 -45.95 -36.23 4.43
C ALA D 271 -47.45 -35.99 4.43
N THR D 272 -48.18 -36.96 4.99
CA THR D 272 -49.64 -36.88 5.06
C THR D 272 -50.09 -35.83 6.08
N ILE D 273 -49.43 -35.82 7.24
CA ILE D 273 -49.76 -34.84 8.27
C ILE D 273 -49.61 -33.40 7.76
N TRP D 274 -48.52 -33.13 7.04
CA TRP D 274 -48.25 -31.77 6.54
C TRP D 274 -49.18 -31.41 5.37
N LEU D 275 -49.47 -32.40 4.51
CA LEU D 275 -50.47 -32.17 3.46
C LEU D 275 -51.79 -31.77 4.09
N ARG D 276 -52.24 -32.49 5.12
CA ARG D 276 -53.50 -32.10 5.79
C ARG D 276 -53.37 -30.69 6.35
N GLU D 277 -52.24 -30.41 7.01
CA GLU D 277 -52.02 -29.10 7.61
C GLU D 277 -52.15 -27.97 6.57
N HIS D 278 -51.57 -28.17 5.41
CA HIS D 278 -51.62 -27.14 4.40
C HIS D 278 -53.06 -26.84 3.97
N ASN D 279 -53.85 -27.88 3.74
CA ASN D 279 -55.25 -27.68 3.33
C ASN D 279 -56.07 -27.10 4.48
N ARG D 280 -55.69 -27.49 5.67
CA ARG D 280 -56.32 -26.95 6.84
C ARG D 280 -56.11 -25.43 6.90
N VAL D 281 -54.87 -24.97 6.71
CA VAL D 281 -54.58 -23.55 6.76
C VAL D 281 -55.29 -22.83 5.65
N CYS D 282 -55.48 -23.49 4.52
CA CYS D 282 -56.27 -22.92 3.42
C CYS D 282 -57.71 -22.58 3.83
N ASP D 283 -58.36 -23.49 4.53
CA ASP D 283 -59.74 -23.25 4.93
C ASP D 283 -59.77 -22.05 5.87
N ILE D 284 -58.77 -21.96 6.74
CA ILE D 284 -58.69 -20.85 7.67
C ILE D 284 -58.51 -19.56 6.89
N LEU D 285 -57.58 -19.56 5.96
CA LEU D 285 -57.32 -18.35 5.17
C LEU D 285 -58.54 -17.94 4.32
N LYS D 286 -59.24 -18.91 3.72
CA LYS D 286 -60.41 -18.59 2.90
C LYS D 286 -61.49 -17.92 3.77
N GLN D 287 -61.68 -18.47 4.96
CA GLN D 287 -62.62 -17.94 5.92
C GLN D 287 -62.29 -16.46 6.14
N GLU D 288 -61.01 -16.15 6.32
CA GLU D 288 -60.59 -14.77 6.58
C GLU D 288 -60.61 -13.92 5.30
N HIS D 289 -60.50 -14.60 4.16
CA HIS D 289 -60.29 -13.92 2.89
C HIS D 289 -61.15 -14.54 1.78
N PRO D 290 -62.45 -14.30 1.85
CA PRO D 290 -63.30 -14.79 0.78
C PRO D 290 -62.99 -14.10 -0.56
N GLU D 291 -62.23 -13.00 -0.51
CA GLU D 291 -61.83 -12.26 -1.73
C GLU D 291 -60.67 -12.91 -2.43
N TRP D 292 -60.00 -13.83 -1.76
CA TRP D 292 -58.73 -14.31 -2.25
C TRP D 292 -58.89 -15.41 -3.26
N GLY D 293 -57.98 -15.45 -4.23
CA GLY D 293 -57.98 -16.51 -5.23
C GLY D 293 -57.13 -17.69 -4.81
N ASP D 294 -57.15 -18.72 -5.65
CA ASP D 294 -56.41 -19.94 -5.40
C ASP D 294 -54.91 -19.69 -5.17
N GLU D 295 -54.27 -18.87 -6.02
CA GLU D 295 -52.82 -18.66 -5.94
C GLU D 295 -52.46 -18.12 -4.58
N GLN D 296 -53.11 -17.02 -4.22
CA GLN D 296 -52.76 -16.32 -2.99
C GLN D 296 -53.03 -17.23 -1.80
N LEU D 297 -54.10 -17.97 -1.82
CA LEU D 297 -54.39 -18.86 -0.69
C LEU D 297 -53.26 -19.86 -0.57
N PHE D 298 -52.82 -20.39 -1.71
CA PHE D 298 -51.79 -21.41 -1.73
C PHE D 298 -50.45 -20.88 -1.25
N GLN D 299 -50.03 -19.74 -1.76
CA GLN D 299 -48.72 -19.19 -1.44
C GLN D 299 -48.69 -18.79 0.03
N THR D 300 -49.77 -18.16 0.47
CA THR D 300 -49.82 -17.66 1.84
C THR D 300 -49.75 -18.86 2.78
N SER D 301 -50.49 -19.92 2.48
CA SER D 301 -50.45 -21.11 3.31
C SER D 301 -49.03 -21.66 3.39
N ARG D 302 -48.34 -21.70 2.26
CA ARG D 302 -46.99 -22.17 2.23
C ARG D 302 -46.11 -21.35 3.14
N LEU D 303 -46.24 -20.03 3.08
CA LEU D 303 -45.43 -19.17 3.93
C LEU D 303 -45.69 -19.51 5.40
N ILE D 304 -46.95 -19.79 5.73
CA ILE D 304 -47.34 -20.14 7.11
C ILE D 304 -46.72 -21.48 7.55
N LEU D 305 -46.82 -22.49 6.71
CA LEU D 305 -46.25 -23.81 7.05
C LEU D 305 -44.72 -23.75 7.17
N ILE D 306 -44.09 -22.85 6.42
CA ILE D 306 -42.66 -22.65 6.62
C ILE D 306 -42.43 -22.12 8.04
N GLY D 307 -43.25 -21.15 8.45
CA GLY D 307 -43.18 -20.58 9.81
C GLY D 307 -43.46 -21.64 10.87
N GLU D 308 -44.52 -22.41 10.67
CA GLU D 308 -44.82 -23.46 11.62
C GLU D 308 -43.62 -24.38 11.76
N THR D 309 -43.04 -24.78 10.63
CA THR D 309 -41.95 -25.74 10.62
C THR D 309 -40.76 -25.20 11.42
N ILE D 310 -40.40 -23.93 11.20
CA ILE D 310 -39.28 -23.29 11.93
C ILE D 310 -39.53 -23.20 13.43
N LYS D 311 -40.79 -22.91 13.77
CA LYS D 311 -41.28 -22.87 15.15
C LYS D 311 -41.14 -24.21 15.87
N ILE D 312 -41.67 -25.25 15.24
CA ILE D 312 -41.68 -26.60 15.82
C ILE D 312 -40.26 -27.14 15.94
N VAL D 313 -39.42 -26.83 14.95
CA VAL D 313 -38.06 -27.31 14.98
C VAL D 313 -37.30 -26.68 16.15
N ILE D 314 -37.46 -25.38 16.33
CA ILE D 314 -36.73 -24.72 17.41
C ILE D 314 -37.31 -25.03 18.78
N GLU D 315 -38.63 -25.00 18.91
CA GLU D 315 -39.22 -25.00 20.26
C GLU D 315 -39.55 -26.39 20.76
N ASP D 316 -39.69 -27.34 19.84
CA ASP D 316 -39.98 -28.71 20.24
C ASP D 316 -38.79 -29.63 19.94
N TYR D 317 -38.35 -29.60 18.69
CA TYR D 317 -37.33 -30.52 18.18
C TYR D 317 -35.97 -30.24 18.77
N VAL D 318 -35.38 -29.11 18.45
CA VAL D 318 -34.09 -28.76 19.04
C VAL D 318 -34.18 -28.70 20.57
N GLN D 319 -35.31 -28.19 21.08
CA GLN D 319 -35.55 -28.15 22.52
C GLN D 319 -35.27 -29.52 23.13
N HIS D 320 -35.92 -30.53 22.58
CA HIS D 320 -35.82 -31.88 23.15
C HIS D 320 -34.40 -32.45 23.00
N LEU D 321 -33.77 -32.10 21.90
CA LEU D 321 -32.44 -32.62 21.58
C LEU D 321 -31.47 -32.08 22.59
N SER D 322 -31.61 -30.78 22.85
CA SER D 322 -30.67 -30.00 23.67
C SER D 322 -30.62 -30.49 25.10
N GLY D 323 -31.78 -30.87 25.62
CA GLY D 323 -31.91 -31.23 27.03
C GLY D 323 -31.85 -30.01 27.91
N TYR D 324 -31.87 -28.84 27.29
CA TYR D 324 -31.76 -27.61 28.04
C TYR D 324 -32.97 -27.41 28.89
N HIS D 325 -32.78 -26.75 30.02
CA HIS D 325 -33.89 -26.38 30.91
C HIS D 325 -34.42 -25.04 30.46
N PHE D 326 -33.57 -24.27 29.79
CA PHE D 326 -33.99 -23.02 29.19
C PHE D 326 -34.91 -23.33 28.02
N LYS D 327 -36.00 -22.58 27.97
CA LYS D 327 -37.04 -22.79 26.96
C LYS D 327 -36.69 -21.97 25.72
N LEU D 328 -36.24 -22.68 24.69
CA LEU D 328 -35.82 -22.04 23.46
C LEU D 328 -36.98 -21.29 22.84
N LYS D 329 -36.69 -20.21 22.12
CA LYS D 329 -37.75 -19.40 21.53
C LYS D 329 -37.54 -19.11 20.03
N PHE D 330 -38.60 -19.23 19.26
CA PHE D 330 -38.58 -18.77 17.88
C PHE D 330 -39.09 -17.34 17.81
N ASP D 331 -38.19 -16.40 17.65
CA ASP D 331 -38.55 -14.98 17.61
C ASP D 331 -37.56 -14.25 16.74
N PRO D 332 -37.91 -14.06 15.45
CA PRO D 332 -37.06 -13.32 14.53
C PRO D 332 -36.64 -11.94 15.03
N GLU D 333 -37.46 -11.31 15.88
CA GLU D 333 -37.20 -9.93 16.35
C GLU D 333 -35.89 -9.84 17.08
N LEU D 334 -35.47 -10.94 17.65
CA LEU D 334 -34.25 -10.99 18.44
C LEU D 334 -32.99 -10.71 17.59
N LEU D 335 -33.11 -10.82 16.28
CA LEU D 335 -31.98 -10.59 15.39
C LEU D 335 -32.07 -9.25 14.66
N PHE D 336 -33.11 -8.48 14.96
CA PHE D 336 -33.40 -7.26 14.24
C PHE D 336 -32.42 -6.12 14.51
N ASN D 337 -31.91 -6.02 15.74
CA ASN D 337 -30.90 -4.99 16.01
C ASN D 337 -29.54 -5.65 16.09
N GLN D 338 -29.36 -6.67 15.27
CA GLN D 338 -28.15 -7.47 15.33
C GLN D 338 -27.62 -7.67 13.92
N GLN D 339 -26.33 -7.97 13.79
CA GLN D 339 -25.74 -8.24 12.49
C GLN D 339 -25.94 -9.69 12.09
N PHE D 340 -26.57 -9.91 10.94
CA PHE D 340 -26.96 -11.27 10.56
C PHE D 340 -27.37 -11.33 9.11
N GLN D 341 -27.00 -12.42 8.44
CA GLN D 341 -27.22 -12.54 7.01
C GLN D 341 -28.39 -13.46 6.74
N TYR D 342 -29.46 -12.90 6.23
CA TYR D 342 -30.64 -13.67 5.91
C TYR D 342 -30.40 -14.35 4.60
N GLN D 343 -29.62 -15.43 4.69
CA GLN D 343 -29.27 -16.27 3.54
C GLN D 343 -28.53 -17.50 4.07
N ASN D 344 -28.58 -18.60 3.32
CA ASN D 344 -27.98 -19.83 3.77
C ASN D 344 -27.50 -20.67 2.61
N ARG D 345 -26.53 -21.51 2.91
CA ARG D 345 -26.10 -22.49 1.94
C ARG D 345 -25.79 -23.77 2.69
N ILE D 346 -26.33 -24.89 2.22
CA ILE D 346 -26.20 -26.14 2.96
C ILE D 346 -24.77 -26.67 2.86
N ALA D 347 -24.20 -26.97 4.01
CA ALA D 347 -22.81 -27.46 4.07
C ALA D 347 -22.76 -28.97 4.02
N SER D 348 -21.84 -29.47 3.21
CA SER D 348 -21.64 -30.91 3.09
C SER D 348 -21.48 -31.55 4.44
N GLU D 349 -20.74 -30.90 5.32
CA GLU D 349 -20.47 -31.45 6.64
C GLU D 349 -21.73 -31.53 7.49
N PHE D 350 -22.61 -30.56 7.33
CA PHE D 350 -23.89 -30.61 8.04
C PHE D 350 -24.58 -31.90 7.62
N ASN D 351 -24.70 -32.10 6.30
CA ASN D 351 -25.30 -33.31 5.74
C ASN D 351 -24.69 -34.55 6.36
N THR D 352 -23.37 -34.64 6.36
CA THR D 352 -22.67 -35.80 6.91
C THR D 352 -22.97 -36.02 8.38
N LEU D 353 -22.91 -34.97 9.18
CA LEU D 353 -23.06 -35.13 10.60
C LEU D 353 -24.46 -35.55 10.95
N TYR D 354 -25.37 -35.41 9.98
CA TYR D 354 -26.81 -35.56 10.25
C TYR D 354 -27.28 -36.94 9.83
N HIS D 355 -26.34 -37.80 9.45
CA HIS D 355 -26.67 -39.20 9.15
C HIS D 355 -26.88 -40.00 10.42
N TRP D 356 -28.05 -39.78 11.03
CA TRP D 356 -28.35 -40.29 12.38
C TRP D 356 -28.96 -41.68 12.38
N HIS D 357 -28.39 -42.56 11.56
CA HIS D 357 -29.00 -43.88 11.36
C HIS D 357 -29.04 -44.74 12.62
N PRO D 358 -28.15 -44.49 13.58
CA PRO D 358 -28.27 -45.18 14.86
C PRO D 358 -29.66 -45.00 15.51
N LEU D 359 -30.35 -43.91 15.16
CA LEU D 359 -31.67 -43.64 15.76
C LEU D 359 -32.57 -44.83 15.58
N LEU D 360 -32.42 -45.50 14.45
CA LEU D 360 -33.35 -46.52 13.99
C LEU D 360 -33.28 -47.74 14.87
N PRO D 361 -34.43 -48.35 15.11
CA PRO D 361 -34.54 -49.51 15.95
C PRO D 361 -34.37 -50.81 15.16
N ASP D 362 -34.38 -51.94 15.88
CA ASP D 362 -34.20 -53.26 15.27
C ASP D 362 -35.49 -53.63 14.56
N THR D 363 -36.62 -53.26 15.14
CA THR D 363 -37.92 -53.42 14.46
C THR D 363 -38.82 -52.20 14.63
N PHE D 364 -39.77 -52.02 13.73
CA PHE D 364 -40.69 -50.92 13.83
C PHE D 364 -42.00 -51.45 14.38
N ASN D 365 -42.35 -50.94 15.57
CA ASN D 365 -43.45 -51.50 16.33
C ASN D 365 -44.69 -50.63 16.28
N ILE D 366 -45.68 -51.13 15.55
CA ILE D 366 -46.96 -50.45 15.38
C ILE D 366 -48.09 -51.35 15.90
N GLU D 367 -48.88 -50.83 16.84
CA GLU D 367 -49.91 -51.63 17.50
C GLU D 367 -49.34 -52.95 18.02
N ASP D 368 -49.84 -54.04 17.42
CA ASP D 368 -49.42 -55.38 17.83
C ASP D 368 -48.12 -55.77 17.13
N GLN D 369 -47.92 -55.25 15.92
CA GLN D 369 -46.89 -55.77 15.02
C GLN D 369 -45.46 -55.33 15.35
N GLU D 370 -44.52 -56.15 14.89
CA GLU D 370 -43.12 -55.80 14.91
C GLU D 370 -42.52 -56.03 13.54
N TYR D 371 -42.40 -54.96 12.77
CA TYR D 371 -41.96 -55.06 11.39
C TYR D 371 -40.46 -54.95 11.29
N SER D 372 -39.91 -55.88 10.51
CA SER D 372 -38.50 -55.87 10.17
C SER D 372 -38.26 -54.77 9.17
N PHE D 373 -37.00 -54.42 8.96
CA PHE D 373 -36.67 -53.45 7.93
C PHE D 373 -37.28 -53.87 6.60
N LYS D 374 -37.05 -55.14 6.27
CA LYS D 374 -37.50 -55.69 4.99
C LYS D 374 -39.00 -55.41 4.82
N GLN D 375 -39.78 -55.60 5.89
CA GLN D 375 -41.23 -55.49 5.78
C GLN D 375 -41.66 -54.04 5.78
N PHE D 376 -40.88 -53.17 6.41
CA PHE D 376 -41.30 -51.79 6.61
C PHE D 376 -41.09 -50.95 5.36
N LEU D 377 -39.95 -51.13 4.70
CA LEU D 377 -39.60 -50.28 3.57
C LEU D 377 -40.51 -50.46 2.35
N TYR D 378 -40.81 -49.33 1.73
CA TYR D 378 -41.71 -49.26 0.58
C TYR D 378 -43.05 -49.93 0.83
N ASN D 379 -43.45 -50.08 2.08
CA ASN D 379 -44.71 -50.72 2.36
C ASN D 379 -45.71 -49.74 2.96
N ASN D 380 -46.48 -49.08 2.11
CA ASN D 380 -47.46 -48.11 2.58
C ASN D 380 -48.80 -48.73 3.05
N SER D 381 -49.02 -50.00 2.73
CA SER D 381 -50.15 -50.72 3.29
C SER D 381 -50.14 -50.53 4.78
N ILE D 382 -48.96 -50.71 5.35
CA ILE D 382 -48.81 -50.67 6.79
C ILE D 382 -49.44 -49.39 7.30
N LEU D 383 -49.22 -48.30 6.57
CA LEU D 383 -49.81 -47.04 6.93
C LEU D 383 -51.33 -47.13 6.82
N LEU D 384 -51.84 -47.51 5.64
CA LEU D 384 -53.30 -47.62 5.45
C LEU D 384 -53.94 -48.62 6.40
N GLU D 385 -53.17 -49.64 6.75
CA GLU D 385 -53.63 -50.67 7.65
C GLU D 385 -53.96 -50.09 9.04
N HIS D 386 -52.98 -49.42 9.65
CA HIS D 386 -53.15 -48.96 11.02
C HIS D 386 -53.74 -47.57 11.09
N GLY D 387 -53.45 -46.75 10.09
CA GLY D 387 -53.88 -45.36 10.08
C GLY D 387 -52.95 -44.43 10.87
N LEU D 388 -53.09 -43.13 10.63
CA LEU D 388 -52.20 -42.12 11.17
C LEU D 388 -52.22 -42.13 12.68
N THR D 389 -53.43 -42.24 13.25
CA THR D 389 -53.59 -42.19 14.71
C THR D 389 -52.75 -43.26 15.38
N GLN D 390 -52.93 -44.50 14.93
CA GLN D 390 -52.22 -45.62 15.52
C GLN D 390 -50.70 -45.47 15.27
N PHE D 391 -50.34 -44.90 14.12
CA PHE D 391 -48.91 -44.65 13.84
C PHE D 391 -48.36 -43.68 14.87
N VAL D 392 -49.08 -42.59 15.11
CA VAL D 392 -48.63 -41.57 16.04
C VAL D 392 -48.58 -42.13 17.46
N GLU D 393 -49.61 -42.84 17.89
CA GLU D 393 -49.58 -43.43 19.24
C GLU D 393 -48.38 -44.38 19.41
N SER D 394 -48.15 -45.22 18.40
CA SER D 394 -47.10 -46.24 18.44
C SER D 394 -45.71 -45.65 18.40
N PHE D 395 -45.53 -44.65 17.55
CA PHE D 395 -44.21 -44.09 17.36
C PHE D 395 -43.83 -43.19 18.52
N THR D 396 -44.86 -42.67 19.21
CA THR D 396 -44.66 -41.86 20.39
C THR D 396 -44.13 -42.76 21.53
N ARG D 397 -44.50 -44.04 21.49
CA ARG D 397 -44.07 -45.01 22.54
C ARG D 397 -42.71 -45.68 22.26
N GLN D 398 -42.36 -45.86 21.00
CA GLN D 398 -41.17 -46.63 20.71
C GLN D 398 -39.90 -45.78 20.80
N ILE D 399 -38.97 -46.25 21.62
CA ILE D 399 -37.75 -45.50 21.85
C ILE D 399 -36.78 -45.62 20.67
N ALA D 400 -36.09 -44.52 20.41
CA ALA D 400 -35.11 -44.44 19.32
C ALA D 400 -33.72 -44.73 19.87
N GLY D 401 -32.78 -44.99 18.97
CA GLY D 401 -31.41 -45.33 19.37
C GLY D 401 -30.49 -44.14 19.64
N ARG D 402 -29.50 -44.37 20.48
CA ARG D 402 -28.44 -43.40 20.77
C ARG D 402 -27.50 -43.26 19.60
N VAL D 403 -27.13 -42.03 19.27
CA VAL D 403 -26.33 -41.78 18.08
C VAL D 403 -24.83 -41.86 18.37
N ALA D 404 -24.36 -41.10 19.36
CA ALA D 404 -22.96 -41.23 19.81
C ALA D 404 -22.80 -42.43 20.74
N GLY D 405 -21.59 -42.66 21.22
CA GLY D 405 -21.35 -43.75 22.18
C GLY D 405 -20.96 -45.06 21.51
N GLY D 406 -21.05 -45.05 20.19
CA GLY D 406 -20.53 -46.14 19.36
C GLY D 406 -21.41 -47.36 19.27
N ARG D 407 -21.16 -48.18 18.24
CA ARG D 407 -21.77 -49.50 18.04
C ARG D 407 -23.29 -49.54 18.09
N ASN D 408 -23.93 -48.72 17.26
CA ASN D 408 -25.37 -48.63 17.27
C ASN D 408 -25.97 -48.40 15.90
N VAL D 409 -25.19 -48.60 14.85
CA VAL D 409 -25.74 -48.55 13.49
C VAL D 409 -26.41 -49.88 13.16
N PRO D 410 -27.71 -49.89 12.89
CA PRO D 410 -28.43 -51.15 12.59
C PRO D 410 -27.82 -51.84 11.41
N ILE D 411 -27.61 -53.14 11.51
CA ILE D 411 -26.99 -53.88 10.41
C ILE D 411 -27.75 -53.71 9.10
N ALA D 412 -29.07 -53.62 9.22
CA ALA D 412 -29.96 -53.51 8.05
C ALA D 412 -29.54 -52.36 7.17
N VAL D 413 -28.76 -51.46 7.72
CA VAL D 413 -28.43 -50.22 7.03
C VAL D 413 -26.91 -49.96 7.01
N GLN D 414 -26.13 -51.01 7.19
CA GLN D 414 -24.68 -50.87 7.16
C GLN D 414 -24.16 -50.27 5.85
N ALA D 415 -24.76 -50.60 4.71
CA ALA D 415 -24.25 -50.07 3.45
C ALA D 415 -24.23 -48.54 3.50
N VAL D 416 -25.24 -47.97 4.15
CA VAL D 416 -25.38 -46.52 4.23
C VAL D 416 -24.26 -45.93 5.09
N ALA D 417 -23.88 -46.66 6.13
CA ALA D 417 -22.87 -46.20 7.04
C ALA D 417 -21.50 -46.28 6.36
N LYS D 418 -21.30 -47.30 5.55
CA LYS D 418 -20.05 -47.47 4.84
C LYS D 418 -19.89 -46.34 3.82
N ALA D 419 -20.97 -46.03 3.12
CA ALA D 419 -20.98 -44.96 2.14
C ALA D 419 -20.64 -43.63 2.82
N SER D 420 -21.16 -43.44 4.02
CA SER D 420 -20.92 -42.21 4.72
C SER D 420 -19.44 -42.09 4.90
N ILE D 421 -18.77 -43.19 5.19
CA ILE D 421 -17.34 -43.14 5.39
C ILE D 421 -16.69 -42.90 4.06
N ASP D 422 -17.04 -43.70 3.06
CA ASP D 422 -16.34 -43.71 1.78
C ASP D 422 -16.52 -42.38 1.08
N GLN D 423 -17.73 -41.84 1.15
CA GLN D 423 -18.03 -40.61 0.44
C GLN D 423 -17.36 -39.39 1.11
N SER D 424 -17.19 -39.47 2.42
CA SER D 424 -16.43 -38.43 3.13
C SER D 424 -15.02 -38.33 2.59
N ARG D 425 -14.44 -39.48 2.34
CA ARG D 425 -13.05 -39.57 1.83
C ARG D 425 -13.01 -39.09 0.40
N GLU D 426 -13.95 -39.58 -0.38
CA GLU D 426 -14.13 -39.19 -1.77
C GLU D 426 -14.19 -37.66 -1.89
N MET D 427 -14.81 -37.01 -0.89
CA MET D 427 -14.99 -35.56 -0.91
C MET D 427 -13.78 -34.84 -0.31
N LYS D 428 -12.80 -35.63 0.11
CA LYS D 428 -11.57 -35.12 0.69
C LYS D 428 -11.76 -34.31 1.97
N TYR D 429 -12.61 -34.82 2.84
CA TYR D 429 -12.80 -34.18 4.15
C TYR D 429 -11.46 -34.10 4.86
N GLN D 430 -11.25 -33.01 5.59
CA GLN D 430 -10.13 -32.95 6.52
C GLN D 430 -10.46 -33.82 7.75
N SER D 431 -9.51 -33.91 8.68
CA SER D 431 -9.63 -34.83 9.81
C SER D 431 -10.55 -34.30 10.86
N LEU D 432 -10.94 -35.20 11.75
CA LEU D 432 -11.79 -34.85 12.90
C LEU D 432 -11.25 -33.62 13.58
N ASN D 433 -9.97 -33.65 13.91
CA ASN D 433 -9.37 -32.57 14.72
C ASN D 433 -9.32 -31.24 13.99
N GLU D 434 -9.11 -31.27 12.68
CA GLU D 434 -9.15 -30.04 11.91
C GLU D 434 -10.53 -29.42 12.05
N TYR D 435 -11.57 -30.26 12.04
CA TYR D 435 -12.94 -29.77 12.15
C TYR D 435 -13.22 -29.30 13.55
N ARG D 436 -12.64 -29.97 14.54
CA ARG D 436 -12.78 -29.53 15.92
C ARG D 436 -12.18 -28.17 16.07
N LYS D 437 -10.99 -28.00 15.55
CA LYS D 437 -10.31 -26.74 15.64
C LYS D 437 -11.17 -25.65 14.99
N ARG D 438 -11.69 -25.97 13.83
CA ARG D 438 -12.48 -25.07 13.03
C ARG D 438 -13.70 -24.55 13.76
N PHE D 439 -14.25 -25.34 14.66
CA PHE D 439 -15.37 -24.89 15.46
C PHE D 439 -14.98 -24.58 16.91
N SER D 440 -13.76 -24.11 17.11
CA SER D 440 -13.32 -23.58 18.40
C SER D 440 -13.29 -24.63 19.50
N LEU D 441 -13.03 -25.87 19.10
CA LEU D 441 -12.94 -26.97 20.04
C LEU D 441 -11.50 -27.42 20.15
N LYS D 442 -11.18 -28.01 21.28
CA LYS D 442 -9.82 -28.45 21.58
C LYS D 442 -9.58 -29.83 20.96
N PRO D 443 -8.55 -29.96 20.13
CA PRO D 443 -8.28 -31.24 19.51
C PRO D 443 -8.22 -32.36 20.52
N TYR D 444 -8.66 -33.55 20.12
CA TYR D 444 -8.52 -34.73 20.96
C TYR D 444 -7.08 -35.18 20.89
N THR D 445 -6.56 -35.58 22.04
CA THR D 445 -5.14 -35.89 22.21
C THR D 445 -4.91 -37.39 22.19
N SER D 446 -6.00 -38.15 22.30
CA SER D 446 -5.95 -39.60 22.19
C SER D 446 -7.32 -40.14 21.81
N PHE D 447 -7.33 -41.37 21.30
CA PHE D 447 -8.58 -42.02 20.95
C PHE D 447 -9.45 -42.24 22.18
N GLU D 448 -8.81 -42.48 23.32
CA GLU D 448 -9.54 -42.76 24.56
C GLU D 448 -10.27 -41.50 25.04
N GLU D 449 -9.73 -40.34 24.72
CA GLU D 449 -10.34 -39.09 25.10
C GLU D 449 -11.58 -38.85 24.22
N LEU D 450 -11.53 -39.40 23.01
CA LEU D 450 -12.62 -39.31 22.05
C LEU D 450 -13.81 -40.18 22.47
N THR D 451 -13.53 -41.45 22.80
CA THR D 451 -14.60 -42.39 23.12
C THR D 451 -14.98 -42.36 24.57
N GLY D 452 -14.05 -42.01 25.44
CA GLY D 452 -14.27 -42.07 26.88
C GLY D 452 -14.28 -43.49 27.42
N GLU D 453 -13.84 -44.44 26.61
CA GLU D 453 -13.71 -45.83 27.05
C GLU D 453 -12.42 -46.43 26.50
N LYS D 454 -12.23 -47.73 26.60
CA LYS D 454 -10.93 -48.31 26.21
C LYS D 454 -11.00 -49.18 24.99
N GLU D 455 -12.06 -49.98 24.89
CA GLU D 455 -12.10 -51.02 23.87
C GLU D 455 -12.14 -50.48 22.45
N MET D 456 -13.10 -49.61 22.18
CA MET D 456 -13.29 -49.04 20.84
C MET D 456 -12.10 -48.15 20.51
N ALA D 457 -11.60 -47.45 21.54
CA ALA D 457 -10.36 -46.66 21.40
C ALA D 457 -9.21 -47.54 20.89
N ALA D 458 -9.04 -48.70 21.49
CA ALA D 458 -7.91 -49.56 21.14
C ALA D 458 -8.03 -50.02 19.71
N GLU D 459 -9.26 -50.31 19.29
CA GLU D 459 -9.54 -50.75 17.93
C GLU D 459 -9.25 -49.62 16.97
N LEU D 460 -9.71 -48.42 17.34
CA LEU D 460 -9.51 -47.25 16.48
C LEU D 460 -8.02 -46.94 16.38
N LYS D 461 -7.33 -47.00 17.52
CA LYS D 461 -5.89 -46.76 17.52
C LYS D 461 -5.15 -47.74 16.59
N ALA D 462 -5.51 -49.02 16.65
CA ALA D 462 -4.87 -50.02 15.82
C ALA D 462 -5.10 -49.77 14.33
N LEU D 463 -6.19 -49.06 14.02
CA LEU D 463 -6.59 -48.84 12.65
C LEU D 463 -5.98 -47.56 12.08
N TYR D 464 -6.03 -46.48 12.87
CA TYR D 464 -5.61 -45.14 12.42
C TYR D 464 -4.23 -44.71 12.92
N SER D 465 -3.76 -45.31 14.01
CA SER D 465 -2.44 -45.03 14.62
C SER D 465 -2.37 -43.66 15.32
N ASP D 466 -2.77 -42.62 14.59
CA ASP D 466 -2.66 -41.25 15.09
C ASP D 466 -4.05 -40.59 15.19
N ILE D 467 -4.37 -40.11 16.39
CA ILE D 467 -5.62 -39.44 16.63
C ILE D 467 -5.84 -38.31 15.61
N ASP D 468 -4.75 -37.67 15.19
CA ASP D 468 -4.84 -36.46 14.35
C ASP D 468 -5.26 -36.82 12.93
N VAL D 469 -5.45 -38.13 12.68
CA VAL D 469 -5.82 -38.66 11.37
C VAL D 469 -7.21 -39.25 11.42
N MET D 470 -7.78 -39.30 12.61
CA MET D 470 -9.14 -39.83 12.78
C MET D 470 -10.15 -39.03 11.96
N GLU D 471 -11.14 -39.73 11.41
CA GLU D 471 -12.14 -39.11 10.53
C GLU D 471 -13.38 -38.59 11.26
N LEU D 472 -13.94 -37.52 10.70
CA LEU D 472 -15.05 -36.84 11.31
C LEU D 472 -16.21 -37.81 11.50
N TYR D 473 -16.67 -38.43 10.43
CA TYR D 473 -17.96 -39.12 10.50
C TYR D 473 -18.00 -40.22 11.56
N PRO D 474 -17.05 -41.15 11.49
CA PRO D 474 -17.01 -42.23 12.45
C PRO D 474 -16.82 -41.69 13.84
N ALA D 475 -16.04 -40.62 13.95
CA ALA D 475 -15.79 -40.05 15.27
C ALA D 475 -17.12 -39.60 15.86
N LEU D 476 -17.95 -39.04 15.01
CA LEU D 476 -19.22 -38.52 15.47
C LEU D 476 -20.03 -39.63 16.16
N LEU D 477 -20.12 -40.78 15.51
CA LEU D 477 -20.95 -41.89 16.01
C LEU D 477 -20.32 -42.66 17.17
N VAL D 478 -19.05 -42.39 17.44
CA VAL D 478 -18.24 -43.18 18.38
C VAL D 478 -17.90 -42.35 19.62
N GLU D 479 -18.09 -41.03 19.53
CA GLU D 479 -17.68 -40.06 20.54
C GLU D 479 -18.32 -40.27 21.91
N LYS D 480 -17.60 -39.91 22.95
CA LYS D 480 -18.14 -39.95 24.29
C LYS D 480 -19.29 -38.98 24.34
N PRO D 481 -20.47 -39.49 24.67
CA PRO D 481 -21.62 -38.62 24.73
C PRO D 481 -21.53 -37.69 25.89
N ARG D 482 -22.08 -36.49 25.75
CA ARG D 482 -22.42 -35.69 26.93
C ARG D 482 -23.20 -36.58 27.90
N PRO D 483 -23.19 -36.22 29.20
CA PRO D 483 -23.86 -37.01 30.23
C PRO D 483 -25.31 -37.32 29.90
N ASP D 484 -25.61 -38.61 29.73
CA ASP D 484 -26.97 -39.04 29.45
C ASP D 484 -27.55 -38.36 28.20
N ALA D 485 -26.67 -37.86 27.34
CA ALA D 485 -27.10 -37.19 26.13
C ALA D 485 -27.00 -38.10 24.92
N ILE D 486 -27.67 -37.68 23.86
CA ILE D 486 -27.76 -38.45 22.63
C ILE D 486 -26.49 -38.28 21.77
N PHE D 487 -25.86 -37.12 21.89
CA PHE D 487 -24.68 -36.80 21.11
C PHE D 487 -23.45 -36.54 21.96
N GLY D 488 -22.30 -36.56 21.31
CA GLY D 488 -21.09 -36.02 21.91
C GLY D 488 -20.87 -34.55 21.55
N GLU D 489 -19.81 -33.98 22.08
CA GLU D 489 -19.52 -32.55 21.93
C GLU D 489 -19.39 -32.09 20.49
N THR D 490 -18.70 -32.90 19.68
CA THR D 490 -18.38 -32.51 18.31
C THR D 490 -19.65 -32.36 17.48
N MET D 491 -20.56 -33.32 17.61
CA MET D 491 -21.83 -33.28 16.90
C MET D 491 -22.59 -32.00 17.25
N VAL D 492 -22.66 -31.67 18.53
CA VAL D 492 -23.41 -30.50 18.97
C VAL D 492 -22.80 -29.22 18.42
N GLU D 493 -21.50 -29.08 18.62
CA GLU D 493 -20.83 -27.82 18.30
C GLU D 493 -20.72 -27.56 16.80
N LEU D 494 -20.60 -28.61 15.99
CA LEU D 494 -20.69 -28.44 14.55
C LEU D 494 -22.15 -28.29 14.10
N GLY D 495 -23.05 -29.00 14.75
CA GLY D 495 -24.43 -29.09 14.28
C GLY D 495 -25.25 -27.85 14.56
N ALA D 496 -25.10 -27.31 15.77
CA ALA D 496 -25.93 -26.20 16.26
C ALA D 496 -25.86 -24.98 15.32
N PRO D 497 -24.65 -24.59 14.91
CA PRO D 497 -24.46 -23.41 14.08
C PRO D 497 -25.11 -23.53 12.70
N PHE D 498 -24.88 -24.66 12.02
CA PHE D 498 -25.51 -24.93 10.71
C PHE D 498 -27.04 -24.95 10.86
N SER D 499 -27.50 -25.55 11.94
CA SER D 499 -28.92 -25.71 12.16
C SER D 499 -29.60 -24.36 12.33
N LEU D 500 -29.06 -23.52 13.21
CA LEU D 500 -29.67 -22.23 13.51
C LEU D 500 -29.58 -21.28 12.32
N LYS D 501 -28.52 -21.41 11.56
CA LYS D 501 -28.34 -20.56 10.39
C LYS D 501 -29.41 -20.89 9.34
N GLY D 502 -29.73 -22.16 9.19
CA GLY D 502 -30.72 -22.58 8.18
C GLY D 502 -32.13 -22.25 8.64
N LEU D 503 -32.35 -22.25 9.95
CA LEU D 503 -33.63 -21.90 10.54
C LEU D 503 -33.83 -20.40 10.48
N MET D 504 -32.88 -19.62 10.98
CA MET D 504 -33.08 -18.17 11.11
C MET D 504 -32.74 -17.42 9.83
N GLY D 505 -31.92 -18.02 8.96
CA GLY D 505 -31.53 -17.39 7.70
C GLY D 505 -32.66 -17.29 6.69
N ASN D 506 -33.65 -18.15 6.83
CA ASN D 506 -34.82 -18.11 5.97
C ASN D 506 -35.37 -16.67 5.87
N PRO D 507 -35.78 -16.29 4.65
CA PRO D 507 -36.25 -14.92 4.45
C PRO D 507 -37.50 -14.51 5.27
N ILE D 508 -38.38 -15.44 5.63
CA ILE D 508 -39.56 -15.01 6.38
C ILE D 508 -39.17 -14.44 7.74
N CYS D 509 -37.90 -14.60 8.11
CA CYS D 509 -37.41 -14.08 9.41
C CYS D 509 -36.87 -12.69 9.26
N SER D 510 -36.82 -12.23 8.01
CA SER D 510 -36.28 -10.91 7.73
C SER D 510 -37.34 -9.89 8.12
N PRO D 511 -36.91 -8.71 8.57
CA PRO D 511 -37.80 -7.67 9.00
C PRO D 511 -38.94 -7.43 8.01
N GLN D 512 -38.63 -7.30 6.71
CA GLN D 512 -39.67 -6.98 5.72
C GLN D 512 -40.67 -8.14 5.51
N TYR D 513 -40.32 -9.34 6.00
CA TYR D 513 -41.24 -10.46 5.93
C TYR D 513 -42.01 -10.72 7.24
N TRP D 514 -41.36 -10.48 8.38
CA TRP D 514 -41.85 -10.97 9.65
C TRP D 514 -42.96 -10.08 10.23
N LYS D 515 -44.12 -10.13 9.60
CA LYS D 515 -45.18 -9.26 9.95
C LYS D 515 -46.46 -9.86 9.44
N PRO D 516 -47.56 -9.61 10.17
CA PRO D 516 -48.86 -10.23 9.99
C PRO D 516 -49.32 -10.39 8.54
N SER D 517 -49.20 -9.32 7.77
CA SER D 517 -49.76 -9.31 6.41
C SER D 517 -49.02 -10.28 5.52
N THR D 518 -47.77 -10.57 5.85
CA THR D 518 -47.05 -11.55 5.06
C THR D 518 -47.85 -12.82 5.09
N PHE D 519 -48.50 -13.08 6.22
CA PHE D 519 -49.17 -14.36 6.43
C PHE D 519 -50.70 -14.24 6.45
N GLY D 520 -51.20 -13.17 5.83
CA GLY D 520 -52.62 -13.04 5.61
C GLY D 520 -53.35 -12.53 6.82
N GLY D 521 -52.63 -11.85 7.70
CA GLY D 521 -53.24 -11.22 8.86
C GLY D 521 -52.83 -11.85 10.19
N GLU D 522 -53.40 -11.33 11.27
CA GLU D 522 -53.02 -11.77 12.63
C GLU D 522 -53.41 -13.23 12.88
N VAL D 523 -54.45 -13.70 12.20
CA VAL D 523 -54.92 -15.07 12.37
C VAL D 523 -53.93 -16.06 11.73
N GLY D 524 -53.39 -15.70 10.56
CA GLY D 524 -52.30 -16.47 9.94
C GLY D 524 -51.02 -16.44 10.77
N PHE D 525 -50.69 -15.26 11.28
CA PHE D 525 -49.45 -15.06 12.06
C PHE D 525 -49.54 -15.92 13.30
N LYS D 526 -50.72 -15.99 13.90
CA LYS D 526 -50.91 -16.72 15.15
C LYS D 526 -50.69 -18.21 14.97
N ILE D 527 -51.01 -18.73 13.78
CA ILE D 527 -50.81 -20.15 13.50
C ILE D 527 -49.33 -20.47 13.64
N ILE D 528 -48.48 -19.57 13.19
CA ILE D 528 -47.06 -19.76 13.31
C ILE D 528 -46.63 -19.69 14.75
N ASN D 529 -47.00 -18.60 15.38
CA ASN D 529 -46.52 -18.32 16.73
C ASN D 529 -47.09 -19.23 17.83
N THR D 530 -48.15 -20.01 17.52
CA THR D 530 -48.66 -21.01 18.46
C THR D 530 -48.39 -22.46 18.04
N ALA D 531 -47.81 -22.65 16.86
CA ALA D 531 -47.58 -24.01 16.36
C ALA D 531 -46.74 -24.83 17.33
N SER D 532 -47.03 -26.12 17.41
CA SER D 532 -46.20 -27.06 18.18
C SER D 532 -46.35 -28.46 17.60
N ILE D 533 -45.43 -29.36 17.91
CA ILE D 533 -45.58 -30.71 17.38
C ILE D 533 -46.91 -31.30 17.87
N GLN D 534 -47.28 -31.00 19.11
CA GLN D 534 -48.57 -31.56 19.59
C GLN D 534 -49.75 -30.91 18.86
N SER D 535 -49.75 -29.61 18.66
CA SER D 535 -50.90 -29.05 17.95
C SER D 535 -50.95 -29.51 16.50
N LEU D 536 -49.79 -29.76 15.89
CA LEU D 536 -49.74 -30.21 14.49
C LEU D 536 -50.37 -31.59 14.32
N ILE D 537 -50.18 -32.45 15.31
CA ILE D 537 -50.76 -33.78 15.26
C ILE D 537 -52.22 -33.76 15.65
N CYS D 538 -52.54 -32.90 16.61
CA CYS D 538 -53.89 -32.80 17.13
C CYS D 538 -54.91 -32.27 16.11
N ASN D 539 -54.53 -31.26 15.33
CA ASN D 539 -55.43 -30.71 14.31
C ASN D 539 -55.61 -31.58 13.06
N ASN D 540 -54.76 -32.60 12.90
CA ASN D 540 -54.66 -33.31 11.64
C ASN D 540 -54.67 -34.82 11.80
N VAL D 541 -54.58 -35.29 13.03
CA VAL D 541 -54.74 -36.71 13.25
C VAL D 541 -56.02 -36.95 14.07
N LYS D 542 -56.78 -37.96 13.66
CA LYS D 542 -58.04 -38.31 14.32
C LYS D 542 -57.83 -38.75 15.76
N GLY D 543 -58.72 -38.25 16.61
CA GLY D 543 -58.67 -38.54 18.05
C GLY D 543 -57.76 -37.58 18.76
N CYS D 544 -57.15 -36.70 17.98
CA CYS D 544 -56.15 -35.79 18.49
C CYS D 544 -55.25 -36.51 19.52
N PRO D 545 -54.50 -37.54 19.06
CA PRO D 545 -53.71 -38.30 20.00
C PRO D 545 -52.69 -37.43 20.65
N PHE D 546 -52.28 -37.81 21.84
CA PHE D 546 -51.10 -37.21 22.44
C PHE D 546 -49.84 -37.72 21.71
N THR D 547 -48.95 -36.78 21.41
CA THR D 547 -47.64 -37.12 20.88
C THR D 547 -46.60 -36.21 21.45
N SER D 548 -45.35 -36.57 21.21
CA SER D 548 -44.21 -35.87 21.78
C SER D 548 -42.91 -36.46 21.19
N PHE D 549 -41.80 -35.77 21.33
CA PHE D 549 -40.56 -36.26 20.74
C PHE D 549 -39.86 -37.20 21.65
N ASN D 550 -40.41 -37.38 22.86
CA ASN D 550 -39.75 -38.20 23.86
C ASN D 550 -40.69 -39.16 24.52
N VAL D 551 -40.16 -40.33 24.88
CA VAL D 551 -40.91 -41.37 25.59
C VAL D 551 -41.31 -40.85 26.99
N GLN D 552 -42.62 -40.79 27.23
CA GLN D 552 -43.17 -40.08 28.42
C GLN D 552 -42.61 -40.53 29.78
C1 NAG E . 15.78 5.86 1.87
C2 NAG E . 14.59 6.80 1.59
C3 NAG E . 13.35 6.35 2.37
C4 NAG E . 13.08 4.89 2.05
C5 NAG E . 14.34 4.08 2.32
C6 NAG E . 14.10 2.61 2.08
C7 NAG E . 14.75 9.22 1.05
C8 NAG E . 15.23 10.53 1.59
N2 NAG E . 14.96 8.17 1.89
O3 NAG E . 12.23 7.09 1.99
O4 NAG E . 12.07 4.42 2.91
O5 NAG E . 15.39 4.55 1.49
O6 NAG E . 13.72 2.45 0.75
O7 NAG E . 14.19 9.18 -0.06
C1 NAG E . 10.82 3.96 2.34
C2 NAG E . 9.99 3.56 3.54
C3 NAG E . 8.77 2.78 3.04
C4 NAG E . 7.85 3.70 2.24
C5 NAG E . 8.69 4.66 1.35
C6 NAG E . 7.99 6.00 1.17
C7 NAG E . 11.48 1.76 4.25
C8 NAG E . 12.25 1.11 5.36
N2 NAG E . 10.84 2.88 4.54
O3 NAG E . 8.08 2.20 4.13
O4 NAG E . 7.09 2.86 1.38
O5 NAG E . 10.06 4.95 1.69
O6 NAG E . 8.27 6.52 -0.12
O7 NAG E . 11.40 1.30 3.12
C1 NAG E . 5.63 2.70 1.42
C2 NAG E . 4.90 3.55 2.48
C3 NAG E . 3.39 3.26 2.34
C4 NAG E . 2.92 3.68 0.95
C5 NAG E . 3.64 2.88 -0.13
C6 NAG E . 3.27 3.42 -1.52
C7 NAG E . 4.50 2.96 4.82
C8 NAG E . 4.39 3.98 5.95
N2 NAG E . 5.36 3.22 3.82
O3 NAG E . 2.62 3.96 3.31
O4 NAG E . 1.52 3.53 0.79
O5 NAG E . 5.06 2.92 0.11
O6 NAG E . 1.92 3.17 -1.87
O7 NAG E . 3.81 1.93 4.85
C1 NAG F . 17.49 24.01 9.21
C2 NAG F . 16.71 23.03 10.07
C3 NAG F . 15.22 23.42 10.21
C4 NAG F . 15.09 24.85 10.71
C5 NAG F . 15.98 25.74 9.83
C6 NAG F . 15.89 27.17 10.33
C7 NAG F . 17.15 20.62 10.19
C8 NAG F . 17.22 19.33 9.40
N2 NAG F . 16.83 21.71 9.49
O3 NAG F . 14.50 22.61 11.12
O4 NAG F . 13.73 25.23 10.62
O5 NAG F . 17.34 25.30 9.76
O6 NAG F . 16.46 27.21 11.61
O7 NAG F . 17.38 20.63 11.39
C1 NAG F . 13.12 25.69 11.83
C2 NAG F . 11.72 26.16 11.48
C3 NAG F . 11.18 26.94 12.68
C4 NAG F . 10.91 25.96 13.83
C5 NAG F . 12.07 24.93 13.94
C6 NAG F . 11.51 23.57 14.30
C7 NAG F . 12.37 27.99 9.98
C8 NAG F . 12.35 28.51 8.57
N2 NAG F . 11.70 26.87 10.21
O3 NAG F . 10.01 27.68 12.36
O4 NAG F . 10.82 26.70 15.06
O5 NAG F . 12.95 24.70 12.82
O6 NAG F . 12.61 22.68 14.36
O7 NAG F . 12.96 28.57 10.87
C1 NAG F . 9.59 26.70 15.89
C2 NAG F . 8.49 25.71 15.46
C3 NAG F . 7.35 25.67 16.50
C4 NAG F . 7.90 25.44 17.93
C5 NAG F . 8.89 26.56 18.25
C6 NAG F . 9.43 26.47 19.68
C7 NAG F . 6.89 26.93 14.07
C8 NAG F . 5.82 26.59 13.07
N2 NAG F . 7.94 26.11 14.17
O3 NAG F . 6.38 24.68 16.23
O4 NAG F . 6.87 25.33 18.90
O5 NAG F . 9.94 26.52 17.28
O6 NAG F . 8.48 25.91 20.57
O7 NAG F . 6.77 27.92 14.80
C1 NAG G . -39.98 -18.99 -12.63
C2 NAG G . -39.79 -20.50 -12.91
C3 NAG G . -40.12 -20.82 -14.38
C4 NAG G . -41.49 -20.25 -14.73
C5 NAG G . -41.53 -18.78 -14.39
C6 NAG G . -42.85 -18.13 -14.80
C7 NAG G . -38.40 -22.02 -11.55
C8 NAG G . -37.01 -22.42 -11.15
N2 NAG G . -38.49 -20.99 -12.45
O3 NAG G . -40.15 -22.21 -14.66
O4 NAG G . -41.65 -20.30 -16.12
O5 NAG G . -41.28 -18.61 -13.03
O6 NAG G . -43.95 -18.61 -14.05
O7 NAG G . -39.35 -22.63 -11.06
C1 NAG G . -42.77 -21.04 -16.63
C2 NAG G . -42.62 -20.89 -18.12
C3 NAG G . -43.88 -21.42 -18.79
C4 NAG G . -44.09 -22.90 -18.45
C5 NAG G . -43.73 -23.23 -17.00
C6 NAG G . -43.27 -24.69 -16.88
C7 NAG G . -43.20 -18.55 -18.35
C8 NAG G . -42.77 -17.16 -18.72
N2 NAG G . -42.28 -19.49 -18.40
O3 NAG G . -43.80 -21.20 -20.17
O4 NAG G . -45.46 -23.17 -18.54
O5 NAG G . -42.74 -22.43 -16.37
O6 NAG G . -43.53 -25.23 -15.59
O7 NAG G . -44.35 -18.83 -18.02
C1 NAG G . -46.01 -23.99 -19.61
C2 NAG G . -44.94 -24.76 -20.40
C3 NAG G . -45.62 -25.73 -21.39
C4 NAG G . -46.61 -26.62 -20.65
C5 NAG G . -47.65 -25.80 -19.88
C6 NAG G . -48.57 -26.68 -19.02
C7 NAG G . -44.01 -23.74 -22.48
C8 NAG G . -42.66 -23.51 -23.11
N2 NAG G . -44.06 -23.86 -21.14
O3 NAG G . -44.64 -26.50 -22.07
O4 NAG G . -47.23 -27.49 -21.58
O5 NAG G . -47.00 -24.86 -19.04
O6 NAG G . -48.44 -28.07 -19.32
O7 NAG G . -45.02 -23.80 -23.22
C1 NAG H . -22.15 -26.33 -11.33
C2 NAG H . -22.57 -26.05 -12.75
C3 NAG H . -22.82 -27.33 -13.59
C4 NAG H . -21.60 -28.23 -13.52
C5 NAG H . -21.24 -28.43 -12.04
C6 NAG H . -20.03 -29.34 -11.94
C7 NAG H . -23.82 -24.10 -13.35
C8 NAG H . -25.01 -23.22 -13.04
N2 NAG H . -23.77 -25.29 -12.76
O3 NAG H . -23.06 -27.02 -14.93
O4 NAG H . -21.90 -29.46 -14.15
O5 NAG H . -21.04 -27.19 -11.33
O6 NAG H . -18.89 -28.77 -12.54
O7 NAG H . -22.93 -23.70 -14.10
C1 NAG H . -21.02 -29.80 -15.25
C2 NAG H . -21.24 -31.26 -15.56
C3 NAG H . -20.10 -31.76 -16.46
C4 NAG H . -20.16 -31.03 -17.81
C5 NAG H . -20.49 -29.54 -17.59
C6 NAG H . -21.22 -29.05 -18.82
C7 NAG H . -20.50 -32.55 -13.60
C8 NAG H . -20.92 -33.36 -12.40
N2 NAG H . -21.47 -32.00 -14.31
O3 NAG H . -20.18 -33.16 -16.67
O4 NAG H . -18.90 -31.06 -18.49
O5 NAG H . -21.25 -29.11 -16.46
O6 NAG H . -20.88 -27.69 -18.96
O7 NAG H . -19.32 -32.39 -13.90
C1 NAG H . -18.56 -32.22 -19.35
C2 NAG H . -19.63 -32.35 -20.45
C3 NAG H . -19.10 -32.41 -21.89
C4 NAG H . -17.87 -31.50 -22.02
C5 NAG H . -16.78 -32.10 -21.14
C6 NAG H . -15.42 -31.38 -21.31
C7 NAG H . -19.99 -34.77 -20.31
C8 NAG H . -20.15 -35.75 -19.18
N2 NAG H . -20.47 -33.53 -20.16
O3 NAG H . -20.11 -32.03 -22.81
O4 NAG H . -17.44 -31.35 -23.38
O5 NAG H . -17.17 -32.18 -19.76
O6 NAG H . -15.07 -31.19 -22.68
O7 NAG H . -19.42 -35.15 -21.34
C1 NAG I . 38.19 -16.75 -12.79
C2 NAG I . 36.99 -17.67 -13.09
C3 NAG I . 37.39 -19.18 -13.07
C4 NAG I . 38.49 -19.43 -14.10
C5 NAG I . 39.57 -18.38 -13.93
C6 NAG I . 39.70 -17.42 -15.12
C7 NAG I . 35.49 -18.28 -11.27
C8 NAG I . 34.04 -18.65 -11.14
N2 NAG I . 35.84 -17.41 -12.22
O3 NAG I . 36.33 -20.09 -13.34
O4 NAG I . 38.98 -20.75 -13.88
O5 NAG I . 39.29 -17.65 -12.74
O6 NAG I . 41.06 -17.01 -15.22
O7 NAG I . 36.34 -18.75 -10.52
C1 NAG J . 19.30 0.68 42.03
C2 NAG J . 18.68 -0.62 42.54
C3 NAG J . 18.50 -0.58 44.07
C4 NAG J . 19.73 -0.07 44.80
C5 NAG J . 20.02 1.29 44.18
C6 NAG J . 21.05 2.09 44.97
C7 NAG J . 17.14 -1.71 40.92
C8 NAG J . 15.91 -1.45 40.08
N2 NAG J . 17.38 -0.80 41.88
O3 NAG J . 18.21 -1.87 44.57
O4 NAG J . 19.51 0.00 46.21
O5 NAG J . 20.42 1.05 42.84
O6 NAG J . 22.27 2.16 44.28
O7 NAG J . 17.84 -2.70 40.70
CHA HEM K . 23.98 -2.66 20.56
CHB HEM K . 23.21 -3.70 25.20
CHC HEM K . 27.64 -2.02 26.32
CHD HEM K . 28.67 -1.80 21.58
C1A HEM K . 23.40 -3.04 21.74
C2A HEM K . 22.04 -3.48 21.86
C3A HEM K . 21.82 -3.74 23.16
C4A HEM K . 23.05 -3.51 23.86
CMA HEM K . 20.53 -4.24 23.83
CAA HEM K . 21.04 -3.56 20.68
CBA HEM K . 19.79 -2.79 21.11
CGA HEM K . 19.32 -1.90 19.99
O1A HEM K . 20.19 -1.48 19.16
O2A HEM K . 18.08 -1.62 19.96
C1B HEM K . 24.30 -3.24 25.91
C2B HEM K . 24.31 -3.07 27.34
C3B HEM K . 25.52 -2.62 27.66
C4B HEM K . 26.33 -2.47 26.43
CMB HEM K . 23.14 -3.37 28.31
CAB HEM K . 25.99 -2.29 29.09
CBB HEM K . 26.85 -1.27 29.22
C1C HEM K . 28.33 -1.84 25.14
C2C HEM K . 29.73 -1.48 25.00
C3C HEM K . 30.03 -1.43 23.70
C4C HEM K . 28.82 -1.73 22.96
CMC HEM K . 30.74 -1.23 26.14
CAC HEM K . 31.43 -1.08 23.13
CBC HEM K . 31.51 -0.39 22.00
C1D HEM K . 27.47 -1.85 20.89
C2D HEM K . 27.24 -1.36 19.55
C3D HEM K . 25.76 -1.62 19.24
C4D HEM K . 25.27 -2.26 20.43
CMD HEM K . 28.29 -0.71 18.63
CAD HEM K . 24.92 -1.34 17.97
CBD HEM K . 23.81 -0.32 18.21
CGD HEM K . 23.33 0.24 16.89
O1D HEM K . 23.53 -0.43 15.85
O2D HEM K . 22.77 1.36 16.80
NA HEM K . 24.00 -3.08 22.97
NB HEM K . 25.54 -2.87 25.38
NC HEM K . 27.82 -1.99 23.86
ND HEM K . 26.29 -2.36 21.38
FE HEM K . 25.95 -2.67 23.28
S1 CEL L . 45.73 -4.07 18.56
C15 CEL L . 45.24 -2.57 17.76
C14 CEL L . 44.07 -1.95 18.09
C13 CEL L . 43.73 -0.80 17.43
C12 CEL L . 44.58 -0.32 16.48
C17 CEL L . 45.77 -0.92 16.15
C16 CEL L . 46.12 -2.09 16.81
N2 CEL L . 44.32 0.83 15.75
C3 CEL L . 43.13 1.39 15.36
C5 CEL L . 41.76 0.92 15.50
C10 CEL L . 41.41 -0.39 15.24
C9 CEL L . 40.09 -0.76 15.36
C8 CEL L . 39.14 0.17 15.74
C11 CEL L . 37.71 -0.20 15.90
C7 CEL L . 39.50 1.47 15.99
C6 CEL L . 40.81 1.84 15.86
C2 CEL L . 43.50 2.55 14.72
C1 CEL L . 44.90 2.60 14.77
C4 CEL L . 45.78 3.62 14.22
F3 CEL L . 46.45 4.39 15.12
F2 CEL L . 46.72 3.01 13.46
F1 CEL L . 45.13 4.47 13.41
N1 CEL L . 45.41 1.54 15.39
N3 CEL L . 46.61 -3.58 19.96
O2 CEL L . 46.64 -4.69 17.62
O1 CEL L . 44.48 -4.75 18.86
C1 BOG M . 23.67 -22.11 27.36
O1 BOG M . 24.79 -22.97 27.57
C2 BOG M . 22.36 -22.90 27.34
O2 BOG M . 22.33 -23.71 26.17
C3 BOG M . 21.11 -22.02 27.40
O3 BOG M . 20.00 -22.82 27.83
C4 BOG M . 21.31 -20.82 28.34
O4 BOG M . 20.35 -19.81 28.07
C5 BOG M . 22.68 -20.21 28.15
O5 BOG M . 23.62 -21.21 28.45
C6 BOG M . 22.91 -19.06 29.12
O6 BOG M . 22.67 -19.50 30.47
C1' BOG M . 25.92 -22.61 26.78
C2' BOG M . 27.24 -22.96 27.47
C3' BOG M . 27.29 -22.24 28.82
C4' BOG M . 28.70 -21.85 29.26
C5' BOG M . 28.64 -20.74 30.32
C6' BOG M . 28.40 -21.25 31.74
C7' BOG M . 29.06 -20.34 32.79
C8' BOG M . 28.62 -18.87 32.75
C1 NAG N . 42.92 48.03 8.86
C2 NAG N . 41.72 48.78 9.50
C3 NAG N . 42.05 50.25 9.88
C4 NAG N . 43.49 50.40 10.36
C5 NAG N . 44.47 49.80 9.33
C6 NAG N . 45.47 48.85 9.98
C7 NAG N . 39.53 49.66 8.72
C8 NAG N . 38.27 49.42 7.94
N2 NAG N . 40.53 48.75 8.64
O3 NAG N . 41.24 50.78 10.90
O4 NAG N . 43.68 51.80 10.59
O5 NAG N . 43.74 49.09 8.34
O6 NAG N . 46.60 48.75 9.12
O7 NAG N . 39.61 50.68 9.42
C1 NAG O . -2.54 28.76 -25.81
C2 NAG O . -3.41 30.04 -25.89
C3 NAG O . -4.49 29.96 -26.98
C4 NAG O . -3.89 29.41 -28.28
C5 NAG O . -3.17 28.10 -27.95
C6 NAG O . -2.78 27.24 -29.16
C7 NAG O . -3.55 31.39 -23.85
C8 NAG O . -4.27 31.68 -22.55
N2 NAG O . -4.00 30.37 -24.60
O3 NAG O . -5.06 31.23 -27.19
O4 NAG O . -4.89 29.20 -29.27
O5 NAG O . -2.07 28.43 -27.11
O6 NAG O . -1.81 27.90 -29.93
O7 NAG O . -2.61 32.09 -24.20
CHA HEM P . 13.42 32.53 -10.70
CHB HEM P . 10.08 33.89 -13.86
CHC HEM P . 13.06 32.13 -17.31
CHD HEM P . 16.70 31.78 -14.11
C1A HEM P . 12.25 32.90 -11.26
C2A HEM P . 11.03 33.05 -10.49
C3A HEM P . 10.09 33.43 -11.35
C4A HEM P . 10.70 33.55 -12.67
CMA HEM P . 8.62 33.70 -11.00
CAA HEM P . 10.89 32.74 -8.98
CBA HEM P . 9.99 31.47 -8.82
CGA HEM P . 10.49 30.11 -9.38
O1A HEM P . 11.19 29.35 -8.64
O2A HEM P . 10.17 29.75 -10.55
C1B HEM P . 10.52 33.39 -15.07
C2B HEM P . 9.75 33.19 -16.28
C3B HEM P . 10.57 32.71 -17.24
C4B HEM P . 11.90 32.58 -16.67
CMB HEM P . 8.24 33.48 -16.42
CAB HEM P . 10.16 32.34 -18.67
CBB HEM P . 10.90 31.45 -19.37
C1C HEM P . 14.34 31.96 -16.78
C2C HEM P . 15.58 31.68 -17.48
C3C HEM P . 16.55 31.58 -16.58
C4C HEM P . 15.99 31.78 -15.29
CMC HEM P . 15.85 31.49 -18.98
CAC HEM P . 18.02 31.28 -16.84
CBC HEM P . 18.63 30.38 -16.06
C1D HEM P . 16.13 31.81 -12.87
C2D HEM P . 16.75 31.37 -11.63
C3D HEM P . 15.68 31.63 -10.58
C4D HEM P . 14.57 32.17 -11.30
CMD HEM P . 18.15 30.77 -11.43
CAD HEM P . 15.72 31.31 -9.06
CBD HEM P . 14.91 30.02 -8.88
CGD HEM P . 14.77 29.61 -7.44
O1D HEM P . 15.46 30.21 -6.58
O2D HEM P . 14.01 28.68 -7.14
NA HEM P . 12.04 33.22 -12.56
NB HEM P . 11.83 33.00 -15.36
NC HEM P . 14.64 32.02 -15.44
ND HEM P . 14.86 32.29 -12.64
FE HEM P . 13.38 32.62 -13.93
S1 CEL Q . 32.15 35.41 -21.18
C15 CEL Q . 32.37 33.86 -20.32
C14 CEL Q . 31.25 33.15 -19.93
C13 CEL Q . 31.45 31.95 -19.27
C12 CEL Q . 32.71 31.51 -19.01
C17 CEL Q . 33.82 32.22 -19.41
C16 CEL Q . 33.64 33.41 -20.07
N2 CEL Q . 32.95 30.30 -18.33
C3 CEL Q . 32.19 29.66 -17.37
C5 CEL Q . 30.97 30.07 -16.71
C10 CEL Q . 30.76 31.35 -16.30
C9 CEL Q . 29.65 31.69 -15.56
C8 CEL Q . 28.72 30.72 -15.21
C11 CEL Q . 27.52 31.06 -14.40
C7 CEL Q . 28.94 29.43 -15.64
C6 CEL Q . 30.05 29.10 -16.36
C2 CEL Q . 32.90 28.53 -17.05
C1 CEL Q . 34.05 28.55 -17.84
C4 CEL Q . 35.14 27.55 -17.87
F3 CEL Q . 34.73 26.27 -17.88
F2 CEL Q . 35.90 27.65 -18.99
F1 CEL Q . 35.95 27.70 -16.79
N1 CEL Q . 34.08 29.64 -18.62
N3 CEL Q . 32.12 34.85 -22.79
O2 CEL Q . 33.39 36.13 -20.96
O1 CEL Q . 30.83 35.92 -20.85
C1 NAG R . -57.12 6.69 4.64
C2 NAG R . -58.22 6.48 3.59
C3 NAG R . -59.48 7.36 3.69
C4 NAG R . -59.78 8.01 5.05
C5 NAG R . -58.57 8.07 5.97
C6 NAG R . -58.63 7.02 7.07
C7 NAG R . -58.38 6.45 1.18
C8 NAG R . -57.71 5.72 0.05
N2 NAG R . -57.65 6.67 2.27
O3 NAG R . -60.65 6.64 3.32
O4 NAG R . -60.26 9.33 4.85
O5 NAG R . -57.37 7.97 5.21
O6 NAG R . -58.06 7.58 8.24
O7 NAG R . -59.56 6.83 1.09
C1 NAG S . -18.75 -0.20 -41.77
C2 NAG S . -19.71 0.59 -42.66
C3 NAG S . -19.04 1.40 -43.79
C4 NAG S . -17.62 1.90 -43.47
C5 NAG S . -16.86 0.75 -42.86
C6 NAG S . -15.37 1.10 -42.70
C7 NAG S . -21.96 -0.46 -42.87
C8 NAG S . -22.56 -1.85 -42.83
N2 NAG S . -20.66 -0.38 -43.22
O3 NAG S . -19.83 2.53 -44.11
O4 NAG S . -16.92 2.45 -44.57
O5 NAG S . -17.48 0.43 -41.62
O6 NAG S . -14.85 0.60 -41.48
O7 NAG S . -22.65 0.51 -42.60
CHA HEM T . -32.23 -1.57 -24.12
CHB HEM T . -30.51 -0.01 -28.34
CHC HEM T . -27.10 2.53 -26.01
CHD HEM T . -29.34 1.54 -21.84
C1A HEM T . -32.04 -1.38 -25.45
C2A HEM T . -32.78 -2.02 -26.50
C3A HEM T . -32.30 -1.61 -27.68
C4A HEM T . -31.25 -0.67 -27.40
CMA HEM T . -32.79 -2.04 -29.07
CAA HEM T . -33.90 -3.04 -26.29
CBA HEM T . -33.19 -4.36 -26.52
CGA HEM T . -34.17 -5.48 -26.32
O1A HEM T . -35.28 -5.20 -25.74
O2A HEM T . -33.81 -6.63 -26.75
C1B HEM T . -29.40 0.73 -28.08
C2B HEM T . -28.44 1.14 -29.07
C3B HEM T . -27.50 1.83 -28.42
C4B HEM T . -27.84 1.89 -27.01
CMB HEM T . -28.50 0.81 -30.58
CAB HEM T . -26.26 2.48 -29.04
CBB HEM T . -25.09 2.31 -28.41
C1C HEM T . -27.43 2.54 -24.68
C2C HEM T . -26.79 3.29 -23.61
C3C HEM T . -27.42 3.00 -22.46
C4C HEM T . -28.47 2.06 -22.76
CMC HEM T . -25.60 4.26 -23.76
CAC HEM T . -27.12 3.55 -21.06
CBC HEM T . -27.04 2.67 -20.06
C1D HEM T . -30.21 0.52 -22.06
C2D HEM T . -30.74 -0.31 -21.02
C3D HEM T . -31.66 -1.31 -21.75
C4D HEM T . -31.55 -0.95 -23.14
CMD HEM T . -30.42 -0.19 -19.52
CAD HEM T . -32.51 -2.46 -21.16
CBD HEM T . -32.01 -3.78 -21.79
CGD HEM T . -32.50 -5.00 -21.05
O1D HEM T . -33.41 -4.85 -20.20
O2D HEM T . -31.99 -6.12 -21.30
NA HEM T . -31.11 -0.54 -26.03
NB HEM T . -29.01 1.19 -26.84
NC HEM T . -28.46 1.79 -24.12
ND HEM T . -30.70 0.13 -23.28
FE HEM T . -29.99 0.71 -24.98
S1 CEL U . -26.90 14.26 -9.99
C15 CEL U . -26.42 12.76 -9.20
C14 CEL U . -26.19 11.64 -9.97
C13 CEL U . -25.81 10.48 -9.36
C12 CEL U . -25.67 10.45 -7.99
C17 CEL U . -25.91 11.57 -7.23
C16 CEL U . -26.29 12.74 -7.84
N2 CEL U . -25.27 9.28 -7.33
C3 CEL U . -25.66 7.97 -7.51
C5 CEL U . -26.39 7.37 -8.58
C10 CEL U . -27.60 7.81 -9.02
C9 CEL U . -28.27 7.13 -10.03
C8 CEL U . -27.71 6.01 -10.60
C11 CEL U . -28.41 5.27 -11.68
C7 CEL U . -26.49 5.58 -10.15
C6 CEL U . -25.83 6.24 -9.15
C2 CEL U . -25.18 7.30 -6.42
C1 CEL U . -24.51 8.24 -5.64
C4 CEL U . -23.82 8.01 -4.36
F3 CEL U . -23.44 6.70 -4.20
F2 CEL U . -22.70 8.76 -4.21
F1 CEL U . -24.68 8.31 -3.36
N1 CEL U . -24.57 9.46 -6.19
N3 CEL U . -27.57 13.83 -11.47
O2 CEL U . -25.67 15.00 -10.27
O1 CEL U . -27.89 14.82 -9.09
C1 NAG V . 3.96 -23.01 11.71
C2 NAG V . 4.63 -23.97 10.69
C3 NAG V . 5.79 -24.76 11.33
C4 NAG V . 6.75 -23.74 11.96
C5 NAG V . 5.99 -22.91 12.99
C6 NAG V . 6.15 -21.40 12.83
C7 NAG V . 3.91 -26.18 9.98
C8 NAG V . 4.45 -26.78 8.71
N2 NAG V . 3.68 -24.86 10.04
O3 NAG V . 6.52 -25.64 10.48
O4 NAG V . 7.84 -24.45 12.51
O5 NAG V . 4.62 -23.26 12.95
O6 NAG V . 5.97 -20.81 14.10
O7 NAG V . 3.67 -26.89 10.95
C1 NAG W . -46.68 -54.81 3.98
C2 NAG W . -46.11 -56.22 3.86
C3 NAG W . -47.24 -57.24 3.89
C4 NAG W . -48.05 -57.01 5.16
C5 NAG W . -48.52 -55.55 5.15
C6 NAG W . -49.60 -55.23 6.17
C7 NAG W . -44.10 -56.99 2.81
C8 NAG W . -43.44 -57.53 1.55
N2 NAG W . -45.27 -56.37 2.68
O3 NAG W . -46.72 -58.55 3.85
O4 NAG W . -49.14 -57.90 5.24
O5 NAG W . -47.37 -54.71 5.22
O6 NAG W . -49.13 -55.34 7.49
O7 NAG W . -43.56 -57.11 3.92
CHA HEM X . -29.14 -41.01 3.31
CHB HEM X . -31.37 -45.15 4.22
CHC HEM X . -33.54 -43.22 8.13
CHD HEM X . -30.71 -39.32 7.64
C1A HEM X . -29.58 -42.29 3.21
C2A HEM X . -29.28 -43.14 2.09
C3A HEM X . -29.90 -44.30 2.33
C4A HEM X . -30.60 -44.20 3.60
CMA HEM X . -29.87 -45.53 1.38
CAA HEM X . -28.42 -42.72 0.87
CBA HEM X . -29.22 -42.88 -0.42
CGA HEM X . -29.85 -41.56 -0.93
O1A HEM X . -29.11 -40.54 -1.08
O2A HEM X . -31.09 -41.52 -1.23
C1B HEM X . -32.22 -44.94 5.29
C2B HEM X . -33.25 -45.87 5.73
C3B HEM X . -33.85 -45.35 6.80
C4B HEM X . -33.23 -44.07 7.10
CMB HEM X . -33.62 -47.21 5.09
CAB HEM X . -35.00 -46.06 7.54
CBB HEM X . -35.93 -45.35 8.17
C1C HEM X . -32.93 -42.03 8.38
C2C HEM X . -33.11 -41.18 9.55
C3C HEM X . -32.33 -40.11 9.41
C4C HEM X . -31.62 -40.22 8.15
CMC HEM X . -34.03 -41.43 10.74
CAC HEM X . -32.21 -38.97 10.40
CBC HEM X . -32.23 -37.71 9.97
C1D HEM X . -30.15 -39.34 6.36
C2D HEM X . -29.63 -38.19 5.63
C3D HEM X . -29.17 -38.75 4.27
C4D HEM X . -29.45 -40.15 4.32
CMD HEM X . -29.55 -36.72 6.08
CAD HEM X . -28.53 -38.01 3.08
CBD HEM X . -29.65 -37.44 2.21
CGD HEM X . -29.06 -36.77 1.00
O1D HEM X . -27.85 -36.40 1.02
O2D HEM X . -29.81 -36.61 0.00
NA HEM X . -30.37 -42.95 4.11
NB HEM X . -32.25 -43.85 6.15
NC HEM X . -32.01 -41.41 7.54
ND HEM X . -30.02 -40.47 5.54
FE HEM X . -31.10 -42.08 5.84
S1 CEL Y . -26.85 -32.56 23.58
C15 CEL Y . -27.37 -31.20 22.55
C14 CEL Y . -28.00 -31.44 21.35
C13 CEL Y . -28.38 -30.38 20.55
C12 CEL Y . -28.14 -29.10 20.99
C17 CEL Y . -27.51 -28.86 22.18
C16 CEL Y . -27.13 -29.92 22.97
N2 CEL Y . -28.49 -27.99 20.23
C3 CEL Y . -28.62 -27.85 18.88
C5 CEL Y . -28.30 -28.82 17.84
C10 CEL Y . -27.11 -29.51 17.88
C9 CEL Y . -26.75 -30.36 16.85
C8 CEL Y . -27.59 -30.50 15.77
C11 CEL Y . -27.23 -31.39 14.66
C7 CEL Y . -28.78 -29.82 15.74
C6 CEL Y . -29.13 -28.97 16.76
C2 CEL Y . -29.01 -26.55 18.70
C1 CEL Y . -29.10 -25.98 19.99
C4 CEL Y . -29.42 -24.60 20.39
F3 CEL Y . -29.82 -23.82 19.36
F2 CEL Y . -30.31 -24.47 21.40
F1 CEL Y . -28.29 -24.01 20.84
N1 CEL Y . -28.75 -26.87 20.92
N3 CEL Y . -28.21 -32.85 24.59
O2 CEL Y . -25.77 -32.10 24.42
O1 CEL Y . -26.70 -33.69 22.68
C1 BOG Z . -15.04 -56.97 17.21
O1 BOG Z . -15.39 -56.61 15.90
C2 BOG Z . -14.14 -55.92 17.84
O2 BOG Z . -12.80 -56.05 17.37
C3 BOG Z . -14.05 -56.04 19.35
O3 BOG Z . -13.48 -54.82 19.83
C4 BOG Z . -15.42 -56.37 19.94
O4 BOG Z . -15.37 -56.77 21.30
C5 BOG Z . -15.98 -57.55 19.21
O5 BOG Z . -16.24 -57.05 17.93
C6 BOG Z . -17.28 -58.00 19.83
O6 BOG Z . -18.23 -56.93 19.71
C1' BOG Z . -15.05 -57.61 14.94
C2' BOG Z . -16.03 -57.56 13.78
C3' BOG Z . -17.37 -58.08 14.29
C4' BOG Z . -18.56 -57.67 13.42
C5' BOG Z . -19.89 -57.90 14.13
C6' BOG Z . -20.77 -56.66 14.10
C7' BOG Z . -22.24 -57.05 14.14
C8' BOG Z . -22.57 -57.86 15.38
#